data_3A5Z
#
_entry.id   3A5Z
#
_cell.length_a   105.930
_cell.length_b   102.960
_cell.length_c   119.940
_cell.angle_alpha   90.00
_cell.angle_beta   99.40
_cell.angle_gamma   90.00
#
_symmetry.space_group_name_H-M   'P 1 21 1'
#
loop_
_entity.id
_entity.type
_entity.pdbx_description
1 polymer 'Putative lysyl-tRNA synthetase'
2 polymer 'Elongation factor P'
3 non-polymer "5'-O-[(L-LYSYLAMINO)SULFONYL]ADENOSINE"
4 water water
#
loop_
_entity_poly.entity_id
_entity_poly.type
_entity_poly.pdbx_seq_one_letter_code
_entity_poly.pdbx_strand_id
1 'polypeptide(L)'
;GSHMSETASWQPSASIPNLLKRAAIMAEIRRFFADRGVLEVETPCMSQATVTDIHLVPFETRFVGPGHSQGMNLWLMTSP
EYHMKRLLVAGCGPVFQLCRSFRNEEMGRYHNPEFTMLEWYRPHYDMYRLMNEVDDLLQQVLDCPAAESLSYQQAFLRYL
EIDPLSADKTQLREVAAKLDLSNVADTEEDRDTLLQLLFTFGVEPNIGKEKPTFVYHFPASQASLAQISTEDHRVAERFE
VYYKGIELANGFHELTDAREQQQRFEQDNRKRAARGLPQHPIDQNLIEALKVGMPDCSGVALGVDRLVMLALGAETLAEV
IAFSVDRA
;
A,C,E,G
2 'polypeptide(L)'
;GSHMATYYSNDFRAGLKIMLDGEPYAVEASEFVKPGKGQAFARVKLRRLLTGTRVEKTFKSTDSAEGADVVDMNLTYLYN
DGEFWHFMNNETFEQLSADAKAIGDNAKWLLDQAECIVTLWNGQPISVTPPNFVELEIVDTDPGLKGDTAGTGGKPATLS
TGAVVKVPLFVQIGEVIKVDTRSGEYVSRVK
;
B,D,F,H
#
loop_
_chem_comp.id
_chem_comp.type
_chem_comp.name
_chem_comp.formula
KAA non-polymer 5'-O-[(L-LYSYLAMINO)SULFONYL]ADENOSINE 'C16 H26 N8 O7 S'
#
# COMPACT_ATOMS: atom_id res chain seq x y z
N GLU A 6 -45.24 -2.70 16.18
CA GLU A 6 -45.21 -3.30 14.81
C GLU A 6 -43.96 -2.91 14.02
N THR A 7 -44.07 -1.85 13.21
CA THR A 7 -42.95 -1.44 12.38
C THR A 7 -42.32 -0.04 12.50
N ALA A 8 -42.84 0.83 13.37
CA ALA A 8 -42.21 2.14 13.50
C ALA A 8 -40.72 1.85 13.72
N SER A 9 -39.86 2.40 12.86
CA SER A 9 -38.43 2.13 12.94
C SER A 9 -37.72 2.18 14.30
N TRP A 10 -38.17 3.02 15.22
CA TRP A 10 -37.53 3.10 16.53
C TRP A 10 -37.70 1.81 17.33
N GLN A 11 -38.82 1.15 17.11
CA GLN A 11 -39.11 -0.10 17.80
C GLN A 11 -38.10 -1.19 17.46
N PRO A 12 -37.84 -2.09 18.43
CA PRO A 12 -36.91 -3.22 18.28
C PRO A 12 -37.49 -4.20 17.26
N SER A 13 -36.64 -4.93 16.56
CA SER A 13 -37.18 -5.89 15.63
C SER A 13 -37.58 -7.16 16.41
N ALA A 14 -36.97 -7.37 17.57
CA ALA A 14 -37.33 -8.52 18.39
C ALA A 14 -38.29 -8.09 19.50
N SER A 15 -39.27 -8.95 19.81
CA SER A 15 -40.27 -8.68 20.85
C SER A 15 -39.67 -8.90 22.23
N ILE A 16 -40.15 -8.14 23.21
CA ILE A 16 -39.64 -8.30 24.57
C ILE A 16 -39.71 -9.78 24.97
N PRO A 17 -40.86 -10.42 24.78
CA PRO A 17 -40.99 -11.85 25.13
C PRO A 17 -39.87 -12.66 24.49
N ASN A 18 -39.57 -12.36 23.23
CA ASN A 18 -38.50 -13.06 22.53
C ASN A 18 -37.14 -12.77 23.15
N LEU A 19 -36.89 -11.51 23.54
CA LEU A 19 -35.61 -11.16 24.16
C LEU A 19 -35.43 -11.87 25.50
N LEU A 20 -36.53 -12.01 26.24
CA LEU A 20 -36.51 -12.67 27.54
C LEU A 20 -36.07 -14.13 27.39
N LYS A 21 -36.66 -14.81 26.41
CA LYS A 21 -36.30 -16.20 26.17
C LYS A 21 -34.88 -16.37 25.61
N ARG A 22 -34.46 -15.43 24.76
CA ARG A 22 -33.14 -15.47 24.16
C ARG A 22 -32.08 -15.47 25.26
N ALA A 23 -32.26 -14.58 26.24
CA ALA A 23 -31.33 -14.49 27.36
C ALA A 23 -31.27 -15.82 28.08
N ALA A 24 -32.44 -16.40 28.32
CA ALA A 24 -32.54 -17.66 29.01
C ALA A 24 -31.76 -18.72 28.27
N ILE A 25 -31.84 -18.70 26.95
CA ILE A 25 -31.08 -19.67 26.16
C ILE A 25 -29.57 -19.39 26.24
N MET A 26 -29.20 -18.11 26.41
CA MET A 26 -27.79 -17.78 26.52
C MET A 26 -27.26 -18.40 27.80
N ALA A 27 -28.00 -18.24 28.89
CA ALA A 27 -27.61 -18.78 30.18
C ALA A 27 -27.58 -20.31 30.10
N GLU A 28 -28.58 -20.88 29.44
CA GLU A 28 -28.65 -22.33 29.29
C GLU A 28 -27.35 -22.77 28.60
N ILE A 29 -26.92 -22.00 27.60
CA ILE A 29 -25.68 -22.33 26.90
C ILE A 29 -24.43 -22.18 27.78
N ARG A 30 -24.33 -21.11 28.57
CA ARG A 30 -23.15 -20.95 29.42
C ARG A 30 -23.06 -22.09 30.43
N ARG A 31 -24.19 -22.42 31.02
CA ARG A 31 -24.30 -23.49 32.01
C ARG A 31 -23.77 -24.80 31.42
N PHE A 32 -24.31 -25.15 30.27
CA PHE A 32 -23.92 -26.37 29.56
C PHE A 32 -22.40 -26.53 29.49
N PHE A 33 -21.71 -25.43 29.17
CA PHE A 33 -20.25 -25.46 29.08
C PHE A 33 -19.61 -25.42 30.46
N ALA A 34 -20.20 -24.67 31.38
CA ALA A 34 -19.67 -24.59 32.73
C ALA A 34 -19.66 -25.99 33.34
N ASP A 35 -20.70 -26.76 33.06
CA ASP A 35 -20.78 -28.12 33.56
C ASP A 35 -19.74 -29.03 32.95
N ARG A 36 -19.21 -28.66 31.78
CA ARG A 36 -18.21 -29.48 31.11
C ARG A 36 -16.80 -28.94 31.28
N GLY A 37 -16.67 -27.94 32.15
CA GLY A 37 -15.38 -27.33 32.39
C GLY A 37 -14.76 -26.69 31.16
N VAL A 38 -15.59 -26.12 30.29
CA VAL A 38 -15.06 -25.45 29.10
C VAL A 38 -15.03 -23.96 29.41
N LEU A 39 -13.82 -23.42 29.49
CA LEU A 39 -13.59 -22.01 29.82
C LEU A 39 -14.12 -20.99 28.82
N GLU A 40 -14.62 -19.87 29.30
CA GLU A 40 -15.11 -18.84 28.39
C GLU A 40 -14.05 -17.76 28.19
N VAL A 41 -13.88 -17.30 26.96
CA VAL A 41 -12.88 -16.28 26.72
C VAL A 41 -13.45 -15.22 25.81
N GLU A 42 -12.79 -14.07 25.75
CA GLU A 42 -13.24 -12.97 24.92
C GLU A 42 -12.09 -12.51 24.04
N THR A 43 -12.25 -12.63 22.74
CA THR A 43 -11.19 -12.20 21.82
C THR A 43 -11.62 -10.91 21.12
N PRO A 44 -10.67 -10.18 20.52
CA PRO A 44 -10.98 -8.92 19.84
C PRO A 44 -11.95 -8.95 18.67
N CYS A 45 -12.65 -7.84 18.48
CA CYS A 45 -13.59 -7.66 17.37
C CYS A 45 -12.81 -7.04 16.20
N MET A 46 -11.77 -6.27 16.52
CA MET A 46 -10.94 -5.61 15.52
C MET A 46 -9.56 -6.27 15.49
N SER A 47 -8.92 -6.22 14.33
CA SER A 47 -7.60 -6.83 14.16
C SER A 47 -6.87 -6.25 12.93
N GLN A 48 -5.54 -6.38 12.94
CA GLN A 48 -4.73 -5.90 11.82
C GLN A 48 -4.78 -6.95 10.72
N ALA A 49 -5.18 -8.17 11.07
CA ALA A 49 -5.27 -9.24 10.09
C ALA A 49 -6.72 -9.56 9.79
N THR A 50 -6.95 -10.37 8.77
CA THR A 50 -8.30 -10.76 8.39
C THR A 50 -8.22 -12.18 7.85
N VAL A 51 -9.28 -12.67 7.23
CA VAL A 51 -9.26 -14.03 6.68
C VAL A 51 -9.20 -14.04 5.16
N THR A 52 -8.61 -15.09 4.61
CA THR A 52 -8.50 -15.18 3.17
C THR A 52 -9.66 -15.92 2.53
N ASP A 53 -10.48 -16.60 3.34
CA ASP A 53 -11.62 -17.35 2.81
C ASP A 53 -12.24 -16.57 1.64
N ILE A 54 -12.38 -17.27 0.52
CA ILE A 54 -12.88 -16.70 -0.72
C ILE A 54 -14.22 -16.00 -0.75
N HIS A 55 -15.24 -16.55 -0.12
CA HIS A 55 -16.56 -15.95 -0.18
C HIS A 55 -16.93 -14.94 0.90
N LEU A 56 -16.05 -14.74 1.86
CA LEU A 56 -16.33 -13.77 2.90
C LEU A 56 -15.74 -12.43 2.51
N VAL A 57 -16.41 -11.37 2.93
CA VAL A 57 -15.93 -10.02 2.68
C VAL A 57 -16.14 -9.27 3.99
N PRO A 58 -15.04 -8.96 4.68
CA PRO A 58 -15.09 -8.26 5.96
C PRO A 58 -15.32 -6.77 5.93
N PHE A 59 -15.61 -6.23 7.10
CA PHE A 59 -15.82 -4.80 7.26
C PHE A 59 -14.45 -4.23 7.56
N GLU A 60 -14.23 -3.00 7.15
CA GLU A 60 -12.97 -2.34 7.42
C GLU A 60 -13.30 -1.07 8.15
N THR A 61 -12.37 -0.63 8.98
CA THR A 61 -12.51 0.61 9.71
C THR A 61 -11.09 1.07 9.97
N ARG A 62 -10.91 2.34 10.32
CA ARG A 62 -9.57 2.83 10.58
C ARG A 62 -9.41 3.43 11.96
N PHE A 63 -8.31 3.04 12.61
CA PHE A 63 -7.97 3.54 13.92
C PHE A 63 -6.99 4.69 13.79
N VAL A 64 -7.31 5.80 14.43
CA VAL A 64 -6.42 6.93 14.40
C VAL A 64 -6.11 7.21 15.87
N GLY A 65 -4.82 7.24 16.20
CA GLY A 65 -4.38 7.46 17.57
C GLY A 65 -4.68 8.80 18.21
N PRO A 66 -4.44 8.92 19.53
CA PRO A 66 -4.68 10.15 20.27
C PRO A 66 -3.98 11.36 19.64
N GLY A 67 -4.75 12.44 19.49
CA GLY A 67 -4.20 13.66 18.92
C GLY A 67 -3.96 13.64 17.42
N HIS A 68 -4.66 12.76 16.71
CA HIS A 68 -4.51 12.67 15.25
C HIS A 68 -3.06 12.40 14.83
N SER A 69 -2.34 11.63 15.65
CA SER A 69 -0.94 11.31 15.35
C SER A 69 -0.76 10.30 14.21
N GLN A 70 -0.94 9.02 14.51
CA GLN A 70 -0.80 7.97 13.50
C GLN A 70 -2.12 7.52 12.91
N GLY A 71 -2.06 6.39 12.20
CA GLY A 71 -3.22 5.81 11.57
C GLY A 71 -3.01 4.31 11.48
N MET A 72 -4.09 3.55 11.37
CA MET A 72 -3.96 2.10 11.28
C MET A 72 -5.28 1.47 10.84
N ASN A 73 -5.25 0.71 9.75
CA ASN A 73 -6.45 0.06 9.26
C ASN A 73 -6.73 -1.22 10.00
N LEU A 74 -8.00 -1.48 10.28
CA LEU A 74 -8.38 -2.70 10.98
C LEU A 74 -9.51 -3.41 10.26
N TRP A 75 -9.68 -4.70 10.56
CA TRP A 75 -10.75 -5.51 9.97
C TRP A 75 -11.62 -6.04 11.11
N LEU A 76 -12.92 -6.14 10.89
CA LEU A 76 -13.78 -6.69 11.96
C LEU A 76 -13.76 -8.21 11.78
N MET A 77 -13.62 -8.93 12.86
CA MET A 77 -13.55 -10.38 12.78
C MET A 77 -14.78 -11.02 12.17
N THR A 78 -14.54 -11.90 11.20
CA THR A 78 -15.64 -12.60 10.56
C THR A 78 -16.00 -13.75 11.49
N SER A 79 -15.08 -14.07 12.40
CA SER A 79 -15.26 -15.15 13.36
C SER A 79 -14.11 -15.07 14.37
N PRO A 80 -14.27 -15.67 15.56
CA PRO A 80 -13.18 -15.58 16.54
C PRO A 80 -12.08 -16.64 16.40
N GLU A 81 -12.25 -17.54 15.41
CA GLU A 81 -11.31 -18.64 15.18
C GLU A 81 -9.79 -18.43 15.24
N TYR A 82 -9.25 -17.43 14.53
CA TYR A 82 -7.80 -17.25 14.58
C TYR A 82 -7.30 -16.91 15.96
N HIS A 83 -8.00 -16.01 16.64
CA HIS A 83 -7.58 -15.65 17.98
C HIS A 83 -7.69 -16.79 18.95
N MET A 84 -8.74 -17.58 18.80
CA MET A 84 -8.93 -18.71 19.71
C MET A 84 -7.90 -19.80 19.46
N LYS A 85 -7.43 -19.92 18.22
CA LYS A 85 -6.40 -20.91 17.94
C LYS A 85 -5.10 -20.43 18.56
N ARG A 86 -4.88 -19.12 18.55
CA ARG A 86 -3.68 -18.59 19.16
C ARG A 86 -3.77 -18.96 20.65
N LEU A 87 -4.96 -18.83 21.23
CA LEU A 87 -5.13 -19.17 22.64
C LEU A 87 -4.94 -20.67 22.93
N LEU A 88 -5.45 -21.53 22.06
CA LEU A 88 -5.24 -22.96 22.32
C LEU A 88 -3.72 -23.22 22.40
N VAL A 89 -2.94 -22.57 21.51
CA VAL A 89 -1.50 -22.75 21.52
C VAL A 89 -0.90 -22.18 22.79
N ALA A 90 -1.48 -21.09 23.29
CA ALA A 90 -1.00 -20.49 24.52
C ALA A 90 -1.22 -21.47 25.65
N GLY A 91 -2.14 -22.41 25.47
CA GLY A 91 -2.37 -23.40 26.51
C GLY A 91 -3.58 -23.15 27.40
N CYS A 92 -4.68 -22.69 26.78
CA CYS A 92 -5.91 -22.39 27.49
C CYS A 92 -6.85 -23.55 27.76
N GLY A 93 -6.59 -24.70 27.12
CA GLY A 93 -7.45 -25.85 27.31
C GLY A 93 -8.76 -25.66 26.57
N PRO A 94 -9.75 -26.55 26.77
CA PRO A 94 -11.02 -26.36 26.06
C PRO A 94 -11.66 -25.01 26.41
N VAL A 95 -12.04 -24.25 25.39
CA VAL A 95 -12.64 -22.93 25.59
C VAL A 95 -13.76 -22.69 24.60
N PHE A 96 -14.68 -21.79 24.96
CA PHE A 96 -15.79 -21.43 24.09
C PHE A 96 -15.94 -19.90 24.10
N GLN A 97 -16.80 -19.39 23.24
CA GLN A 97 -17.01 -17.96 23.19
C GLN A 97 -18.31 -17.55 22.54
N LEU A 98 -18.99 -16.60 23.18
CA LEU A 98 -20.22 -16.06 22.67
C LEU A 98 -19.90 -14.61 22.32
N CYS A 99 -19.60 -14.38 21.05
CA CYS A 99 -19.22 -13.04 20.61
C CYS A 99 -20.05 -12.56 19.44
N ARG A 100 -19.81 -11.31 19.07
CA ARG A 100 -20.47 -10.68 17.94
C ARG A 100 -19.47 -10.75 16.78
N SER A 101 -19.94 -11.24 15.64
CA SER A 101 -19.10 -11.34 14.45
C SER A 101 -19.71 -10.52 13.34
N PHE A 102 -18.90 -10.17 12.36
CA PHE A 102 -19.37 -9.34 11.29
C PHE A 102 -19.01 -9.88 9.93
N ARG A 103 -19.96 -9.77 9.02
CA ARG A 103 -19.76 -10.21 7.66
C ARG A 103 -20.47 -9.25 6.72
N ASN A 104 -19.71 -8.57 5.88
CA ASN A 104 -20.30 -7.63 4.95
C ASN A 104 -21.01 -8.35 3.80
N GLU A 105 -21.84 -7.63 3.05
CA GLU A 105 -22.58 -8.20 1.94
C GLU A 105 -23.49 -9.33 2.36
N GLU A 106 -23.73 -9.44 3.66
CA GLU A 106 -24.58 -10.51 4.16
C GLU A 106 -25.79 -10.01 4.95
N MET A 107 -26.97 -10.09 4.32
CA MET A 107 -28.23 -9.69 4.93
C MET A 107 -29.38 -10.39 4.25
N GLY A 108 -30.34 -10.84 5.05
CA GLY A 108 -31.49 -11.53 4.51
C GLY A 108 -32.31 -12.11 5.64
N ARG A 109 -33.25 -12.98 5.28
CA ARG A 109 -34.11 -13.58 6.27
C ARG A 109 -33.32 -14.29 7.38
N TYR A 110 -32.22 -14.94 7.01
CA TYR A 110 -31.41 -15.66 7.99
C TYR A 110 -29.98 -15.16 8.16
N HIS A 111 -29.69 -13.96 7.64
CA HIS A 111 -28.37 -13.38 7.75
C HIS A 111 -28.47 -11.92 8.14
N ASN A 112 -27.53 -11.45 8.94
CA ASN A 112 -27.46 -10.06 9.37
C ASN A 112 -25.96 -9.77 9.33
N PRO A 113 -25.55 -8.55 8.95
CA PRO A 113 -24.14 -8.16 8.86
C PRO A 113 -23.42 -8.44 10.15
N GLU A 114 -24.17 -8.41 11.24
CA GLU A 114 -23.58 -8.71 12.54
C GLU A 114 -24.48 -9.70 13.22
N PHE A 115 -23.88 -10.78 13.70
CA PHE A 115 -24.61 -11.85 14.36
C PHE A 115 -23.83 -12.39 15.54
N THR A 116 -24.49 -13.17 16.38
CA THR A 116 -23.84 -13.73 17.54
C THR A 116 -23.40 -15.14 17.22
N MET A 117 -22.11 -15.39 17.48
CA MET A 117 -21.53 -16.69 17.20
C MET A 117 -21.15 -17.39 18.49
N LEU A 118 -21.31 -18.71 18.49
CA LEU A 118 -20.98 -19.54 19.62
C LEU A 118 -19.92 -20.44 19.00
N GLU A 119 -18.69 -20.34 19.49
CA GLU A 119 -17.60 -21.12 18.92
C GLU A 119 -16.77 -21.74 20.03
N TRP A 120 -16.45 -23.01 19.92
CA TRP A 120 -15.63 -23.61 20.96
C TRP A 120 -14.68 -24.65 20.43
N TYR A 121 -13.60 -24.88 21.16
CA TYR A 121 -12.60 -25.83 20.74
C TYR A 121 -12.38 -26.88 21.80
N ARG A 122 -12.17 -28.11 21.35
CA ARG A 122 -11.98 -29.23 22.25
C ARG A 122 -10.70 -30.00 21.98
N PRO A 123 -9.64 -29.74 22.77
CA PRO A 123 -8.41 -30.49 22.53
C PRO A 123 -8.69 -31.97 22.72
N HIS A 124 -8.10 -32.80 21.87
CA HIS A 124 -8.24 -34.25 21.96
C HIS A 124 -9.59 -34.86 21.61
N TYR A 125 -10.47 -34.08 20.98
CA TYR A 125 -11.79 -34.58 20.56
C TYR A 125 -11.74 -34.71 19.06
N ASP A 126 -12.06 -35.88 18.52
CA ASP A 126 -12.04 -35.98 17.08
C ASP A 126 -13.37 -35.41 16.62
N MET A 127 -13.54 -35.31 15.31
CA MET A 127 -14.75 -34.77 14.71
C MET A 127 -16.02 -35.40 15.31
N TYR A 128 -15.99 -36.71 15.53
CA TYR A 128 -17.14 -37.42 16.07
C TYR A 128 -17.46 -37.10 17.53
N ARG A 129 -16.45 -37.03 18.40
CA ARG A 129 -16.73 -36.72 19.79
C ARG A 129 -17.25 -35.29 19.90
N LEU A 130 -16.77 -34.40 19.04
CA LEU A 130 -17.24 -33.02 19.06
C LEU A 130 -18.71 -33.02 18.61
N MET A 131 -18.96 -33.62 17.45
CA MET A 131 -20.33 -33.67 16.93
C MET A 131 -21.30 -34.15 18.00
N ASN A 132 -20.90 -35.15 18.78
CA ASN A 132 -21.77 -35.66 19.84
C ASN A 132 -22.06 -34.60 20.89
N GLU A 133 -21.09 -33.71 21.11
CA GLU A 133 -21.28 -32.66 22.10
C GLU A 133 -22.28 -31.66 21.56
N VAL A 134 -22.16 -31.36 20.27
CA VAL A 134 -23.05 -30.42 19.64
C VAL A 134 -24.46 -31.00 19.76
N ASP A 135 -24.63 -32.26 19.35
CA ASP A 135 -25.93 -32.91 19.40
C ASP A 135 -26.56 -32.77 20.79
N ASP A 136 -25.75 -32.95 21.83
CA ASP A 136 -26.24 -32.83 23.19
C ASP A 136 -26.69 -31.41 23.45
N LEU A 137 -26.07 -30.45 22.79
CA LEU A 137 -26.46 -29.08 23.01
C LEU A 137 -27.75 -28.76 22.28
N LEU A 138 -27.91 -29.32 21.08
CA LEU A 138 -29.12 -29.07 20.29
C LEU A 138 -30.28 -29.76 20.97
N GLN A 139 -30.00 -30.90 21.61
CA GLN A 139 -31.05 -31.63 22.29
C GLN A 139 -31.57 -30.85 23.47
N GLN A 140 -30.67 -30.25 24.23
CA GLN A 140 -31.10 -29.50 25.39
C GLN A 140 -31.79 -28.19 25.06
N VAL A 141 -31.29 -27.48 24.06
CA VAL A 141 -31.88 -26.20 23.68
C VAL A 141 -33.10 -26.36 22.78
N LEU A 142 -33.02 -27.21 21.76
CA LEU A 142 -34.14 -27.42 20.85
C LEU A 142 -35.13 -28.42 21.45
N ASP A 143 -34.68 -29.16 22.44
CA ASP A 143 -35.52 -30.14 23.08
C ASP A 143 -35.98 -31.13 22.03
N CYS A 144 -35.05 -31.57 21.20
CA CYS A 144 -35.37 -32.49 20.13
C CYS A 144 -34.64 -33.83 20.30
N PRO A 145 -34.92 -34.78 19.42
CA PRO A 145 -34.25 -36.09 19.52
C PRO A 145 -32.79 -36.03 19.04
N ALA A 146 -32.03 -37.08 19.34
CA ALA A 146 -30.64 -37.15 18.92
C ALA A 146 -30.61 -37.00 17.40
N ALA A 147 -29.79 -36.09 16.91
CA ALA A 147 -29.69 -35.86 15.47
C ALA A 147 -29.27 -37.11 14.73
N GLU A 148 -29.42 -37.07 13.41
CA GLU A 148 -29.01 -38.19 12.58
C GLU A 148 -27.67 -37.76 11.97
N SER A 149 -26.88 -38.74 11.54
CA SER A 149 -25.59 -38.43 10.96
C SER A 149 -25.47 -39.08 9.60
N LEU A 150 -25.19 -38.25 8.61
CA LEU A 150 -25.04 -38.69 7.24
C LEU A 150 -23.70 -38.18 6.72
N SER A 151 -23.10 -38.92 5.80
CA SER A 151 -21.84 -38.48 5.23
C SER A 151 -22.26 -37.65 4.02
N TYR A 152 -21.41 -36.73 3.63
CA TYR A 152 -21.68 -35.88 2.49
C TYR A 152 -21.97 -36.79 1.30
N GLN A 153 -21.20 -37.86 1.19
CA GLN A 153 -21.32 -38.84 0.12
C GLN A 153 -22.70 -39.50 0.09
N GLN A 154 -23.13 -40.02 1.24
CA GLN A 154 -24.42 -40.70 1.31
C GLN A 154 -25.61 -39.75 1.24
N ALA A 155 -25.38 -38.47 1.53
CA ALA A 155 -26.43 -37.49 1.47
C ALA A 155 -26.78 -37.23 0.00
N PHE A 156 -25.76 -37.18 -0.84
CA PHE A 156 -25.96 -36.95 -2.26
C PHE A 156 -26.64 -38.15 -2.90
N LEU A 157 -26.12 -39.35 -2.61
CA LEU A 157 -26.68 -40.58 -3.16
C LEU A 157 -28.14 -40.72 -2.76
N ARG A 158 -28.42 -40.50 -1.47
CA ARG A 158 -29.78 -40.64 -1.01
C ARG A 158 -30.75 -39.71 -1.73
N TYR A 159 -30.51 -38.40 -1.59
CA TYR A 159 -31.40 -37.42 -2.17
C TYR A 159 -31.21 -37.07 -3.63
N LEU A 160 -30.04 -37.36 -4.19
CA LEU A 160 -29.77 -37.04 -5.59
C LEU A 160 -29.21 -38.19 -6.42
N GLU A 161 -29.11 -39.38 -5.82
CA GLU A 161 -28.62 -40.56 -6.52
C GLU A 161 -27.40 -40.28 -7.38
N ILE A 162 -26.42 -39.62 -6.77
CA ILE A 162 -25.18 -39.24 -7.44
C ILE A 162 -24.06 -39.34 -6.40
N ASP A 163 -22.84 -39.65 -6.84
CA ASP A 163 -21.69 -39.77 -5.95
C ASP A 163 -20.78 -38.56 -6.15
N PRO A 164 -20.82 -37.61 -5.21
CA PRO A 164 -20.03 -36.38 -5.23
C PRO A 164 -18.52 -36.63 -5.21
N LEU A 165 -18.13 -37.85 -4.85
CA LEU A 165 -16.71 -38.21 -4.78
C LEU A 165 -16.12 -38.73 -6.10
N SER A 166 -16.97 -39.11 -7.05
CA SER A 166 -16.52 -39.64 -8.34
C SER A 166 -17.20 -39.06 -9.57
N ALA A 167 -18.52 -38.87 -9.50
CA ALA A 167 -19.28 -38.31 -10.61
C ALA A 167 -18.49 -37.14 -11.19
N ASP A 168 -18.72 -36.81 -12.45
CA ASP A 168 -18.00 -35.70 -13.06
C ASP A 168 -18.92 -34.62 -13.60
N LYS A 169 -18.35 -33.45 -13.85
CA LYS A 169 -19.06 -32.29 -14.34
C LYS A 169 -20.25 -32.55 -15.25
N THR A 170 -20.12 -33.50 -16.17
CA THR A 170 -21.22 -33.78 -17.08
C THR A 170 -22.36 -34.48 -16.34
N GLN A 171 -22.02 -35.57 -15.65
CA GLN A 171 -23.03 -36.34 -14.92
C GLN A 171 -23.77 -35.52 -13.88
N LEU A 172 -23.07 -34.65 -13.16
CA LEU A 172 -23.74 -33.87 -12.15
C LEU A 172 -24.32 -32.55 -12.67
N ARG A 173 -23.95 -32.16 -13.88
CA ARG A 173 -24.54 -30.94 -14.44
C ARG A 173 -25.98 -31.23 -14.83
N GLU A 174 -26.29 -32.49 -15.15
CA GLU A 174 -27.65 -32.82 -15.54
C GLU A 174 -28.54 -33.09 -14.34
N VAL A 175 -27.92 -33.27 -13.18
CA VAL A 175 -28.68 -33.47 -11.96
C VAL A 175 -29.16 -32.05 -11.65
N ALA A 176 -28.34 -31.07 -12.03
CA ALA A 176 -28.66 -29.67 -11.81
C ALA A 176 -29.82 -29.27 -12.70
N ALA A 177 -29.88 -29.87 -13.89
CA ALA A 177 -30.97 -29.57 -14.81
C ALA A 177 -32.26 -30.15 -14.26
N LYS A 178 -32.17 -31.30 -13.61
CA LYS A 178 -33.34 -31.96 -13.03
C LYS A 178 -33.83 -31.16 -11.83
N LEU A 179 -32.92 -30.40 -11.23
CA LEU A 179 -33.26 -29.58 -10.07
C LEU A 179 -33.59 -28.19 -10.59
N ASP A 180 -33.46 -28.03 -11.91
CA ASP A 180 -33.72 -26.78 -12.59
C ASP A 180 -32.80 -25.67 -12.07
N LEU A 181 -31.50 -25.85 -12.31
CA LEU A 181 -30.50 -24.91 -11.87
C LEU A 181 -29.53 -24.67 -13.02
N SER A 182 -29.87 -25.20 -14.18
CA SER A 182 -29.02 -25.10 -15.37
C SER A 182 -28.47 -23.70 -15.56
N ASN A 183 -29.32 -22.69 -15.40
CA ASN A 183 -28.90 -21.31 -15.58
C ASN A 183 -27.63 -20.97 -14.80
N VAL A 184 -27.44 -21.58 -13.64
CA VAL A 184 -26.27 -21.32 -12.84
C VAL A 184 -25.25 -22.46 -12.88
N ALA A 185 -25.57 -23.55 -13.56
CA ALA A 185 -24.67 -24.69 -13.64
C ALA A 185 -23.98 -24.91 -15.00
N ASP A 186 -24.76 -24.93 -16.08
CA ASP A 186 -24.24 -25.14 -17.44
C ASP A 186 -23.03 -24.29 -17.77
N THR A 187 -22.94 -23.14 -17.11
CA THR A 187 -21.87 -22.17 -17.32
C THR A 187 -20.81 -22.20 -16.21
N GLU A 188 -20.91 -23.17 -15.31
CA GLU A 188 -19.96 -23.25 -14.18
C GLU A 188 -18.97 -24.37 -14.47
N GLU A 189 -17.68 -24.01 -14.43
CA GLU A 189 -16.64 -24.98 -14.76
C GLU A 189 -15.87 -25.41 -13.47
N ASP A 190 -16.37 -25.00 -12.30
CA ASP A 190 -15.73 -25.35 -11.03
C ASP A 190 -16.50 -26.50 -10.36
N ARG A 191 -15.89 -27.68 -10.39
CA ARG A 191 -16.52 -28.87 -9.81
C ARG A 191 -17.03 -28.66 -8.39
N ASP A 192 -16.25 -27.97 -7.58
CA ASP A 192 -16.62 -27.71 -6.20
C ASP A 192 -17.85 -26.81 -6.16
N THR A 193 -17.84 -25.76 -6.96
CA THR A 193 -18.98 -24.85 -7.00
C THR A 193 -20.22 -25.61 -7.47
N LEU A 194 -20.04 -26.60 -8.33
CA LEU A 194 -21.18 -27.39 -8.79
C LEU A 194 -21.74 -28.20 -7.62
N LEU A 195 -20.85 -28.87 -6.89
CA LEU A 195 -21.25 -29.66 -5.73
C LEU A 195 -22.00 -28.81 -4.72
N GLN A 196 -21.46 -27.64 -4.41
CA GLN A 196 -22.09 -26.74 -3.45
C GLN A 196 -23.48 -26.38 -3.95
N LEU A 197 -23.57 -26.07 -5.24
CA LEU A 197 -24.84 -25.70 -5.86
C LEU A 197 -25.84 -26.84 -5.69
N LEU A 198 -25.39 -28.08 -5.95
CA LEU A 198 -26.26 -29.23 -5.82
C LEU A 198 -26.58 -29.52 -4.38
N PHE A 199 -25.59 -29.39 -3.49
CA PHE A 199 -25.83 -29.67 -2.07
C PHE A 199 -26.78 -28.69 -1.42
N THR A 200 -26.48 -27.40 -1.55
CA THR A 200 -27.32 -26.38 -0.95
C THR A 200 -28.73 -26.37 -1.51
N PHE A 201 -28.90 -26.82 -2.75
CA PHE A 201 -30.23 -26.83 -3.33
C PHE A 201 -30.86 -28.19 -3.59
N GLY A 202 -30.06 -29.26 -3.51
CA GLY A 202 -30.59 -30.58 -3.73
C GLY A 202 -30.73 -31.36 -2.43
N VAL A 203 -29.78 -31.18 -1.51
CA VAL A 203 -29.78 -31.90 -0.24
C VAL A 203 -30.26 -31.10 0.99
N GLU A 204 -29.72 -29.90 1.18
CA GLU A 204 -30.10 -29.07 2.32
C GLU A 204 -31.59 -28.91 2.59
N PRO A 205 -32.38 -28.60 1.55
CA PRO A 205 -33.82 -28.43 1.81
C PRO A 205 -34.62 -29.68 2.17
N ASN A 206 -34.06 -30.86 1.93
CA ASN A 206 -34.75 -32.12 2.27
C ASN A 206 -34.16 -32.75 3.52
N ILE A 207 -33.20 -32.06 4.12
CA ILE A 207 -32.52 -32.55 5.32
C ILE A 207 -33.10 -32.04 6.62
N GLY A 208 -32.87 -32.80 7.68
CA GLY A 208 -33.34 -32.45 9.01
C GLY A 208 -34.75 -31.94 9.16
N LYS A 209 -35.72 -32.71 8.68
CA LYS A 209 -37.10 -32.29 8.78
C LYS A 209 -37.70 -32.54 10.15
N GLU A 210 -37.47 -33.73 10.69
CA GLU A 210 -38.01 -34.08 11.98
C GLU A 210 -37.06 -33.79 13.13
N LYS A 211 -35.78 -34.09 12.92
CA LYS A 211 -34.76 -33.88 13.93
C LYS A 211 -33.57 -33.28 13.20
N PRO A 212 -32.60 -32.70 13.93
CA PRO A 212 -31.45 -32.11 13.24
C PRO A 212 -30.61 -33.17 12.52
N THR A 213 -29.88 -32.75 11.48
CA THR A 213 -29.05 -33.67 10.72
C THR A 213 -27.60 -33.24 10.51
N PHE A 214 -26.69 -34.11 10.93
CA PHE A 214 -25.26 -33.89 10.80
C PHE A 214 -24.77 -34.45 9.46
N VAL A 215 -23.93 -33.70 8.76
CA VAL A 215 -23.39 -34.15 7.48
C VAL A 215 -21.88 -33.95 7.57
N TYR A 216 -21.12 -35.04 7.56
CA TYR A 216 -19.67 -34.96 7.66
C TYR A 216 -18.91 -35.39 6.40
N HIS A 217 -17.60 -35.42 6.49
CA HIS A 217 -16.76 -35.79 5.37
C HIS A 217 -17.04 -35.00 4.10
N PHE A 218 -17.10 -33.67 4.20
CA PHE A 218 -17.31 -32.87 3.01
C PHE A 218 -16.13 -33.11 2.10
N PRO A 219 -16.25 -32.74 0.83
CA PRO A 219 -15.10 -32.99 -0.05
C PRO A 219 -13.84 -32.25 0.42
N ALA A 220 -12.69 -32.86 0.16
CA ALA A 220 -11.40 -32.31 0.55
C ALA A 220 -11.22 -30.89 0.06
N SER A 221 -11.78 -30.60 -1.11
CA SER A 221 -11.67 -29.29 -1.71
C SER A 221 -12.39 -28.25 -0.86
N GLN A 222 -13.31 -28.71 -0.03
CA GLN A 222 -14.09 -27.83 0.83
C GLN A 222 -13.64 -27.92 2.29
N ALA A 223 -12.40 -28.35 2.49
CA ALA A 223 -11.86 -28.50 3.83
C ALA A 223 -11.78 -27.21 4.65
N SER A 224 -11.46 -26.10 3.99
CA SER A 224 -11.34 -24.82 4.68
C SER A 224 -10.13 -24.91 5.62
N LEU A 225 -10.36 -25.07 6.92
CA LEU A 225 -9.24 -25.20 7.84
C LEU A 225 -9.19 -26.56 8.51
N ALA A 226 -9.94 -27.51 7.95
CA ALA A 226 -9.97 -28.85 8.51
C ALA A 226 -8.87 -29.75 7.94
N GLN A 227 -8.63 -30.84 8.63
CA GLN A 227 -7.64 -31.81 8.18
C GLN A 227 -8.27 -32.63 7.08
N ILE A 228 -7.43 -33.19 6.23
CA ILE A 228 -7.91 -34.07 5.17
C ILE A 228 -7.91 -35.45 5.84
N SER A 229 -8.88 -36.28 5.50
CA SER A 229 -8.91 -37.60 6.10
C SER A 229 -7.68 -38.39 5.69
N THR A 230 -7.25 -39.27 6.58
CA THR A 230 -6.09 -40.11 6.30
C THR A 230 -6.55 -41.36 5.55
N GLU A 231 -7.78 -41.79 5.84
CA GLU A 231 -8.35 -42.96 5.18
C GLU A 231 -8.61 -42.61 3.72
N ASP A 232 -9.65 -41.82 3.53
CA ASP A 232 -10.06 -41.37 2.20
C ASP A 232 -9.59 -39.95 1.94
N HIS A 233 -8.54 -39.81 1.13
CA HIS A 233 -8.01 -38.49 0.82
C HIS A 233 -8.97 -37.65 0.00
N ARG A 234 -10.17 -38.18 -0.25
CA ARG A 234 -11.19 -37.47 -1.02
C ARG A 234 -12.09 -36.61 -0.13
N VAL A 235 -12.15 -36.95 1.16
CA VAL A 235 -12.99 -36.20 2.09
C VAL A 235 -12.17 -35.50 3.17
N ALA A 236 -12.79 -34.50 3.81
CA ALA A 236 -12.15 -33.73 4.88
C ALA A 236 -12.86 -33.98 6.19
N GLU A 237 -12.17 -33.73 7.28
CA GLU A 237 -12.72 -33.92 8.61
C GLU A 237 -13.62 -32.71 8.97
N ARG A 238 -14.49 -32.34 8.04
CA ARG A 238 -15.41 -31.22 8.23
C ARG A 238 -16.85 -31.67 8.33
N PHE A 239 -17.63 -30.97 9.16
CA PHE A 239 -19.03 -31.28 9.35
C PHE A 239 -19.86 -30.02 9.59
N GLU A 240 -21.15 -30.14 9.27
CA GLU A 240 -22.11 -29.06 9.47
C GLU A 240 -23.36 -29.78 9.97
N VAL A 241 -24.24 -29.04 10.64
CA VAL A 241 -25.48 -29.61 11.16
C VAL A 241 -26.64 -28.71 10.73
N TYR A 242 -27.70 -29.32 10.23
CA TYR A 242 -28.85 -28.56 9.78
C TYR A 242 -30.14 -28.99 10.48
N TYR A 243 -31.09 -28.09 10.58
CA TYR A 243 -32.38 -28.37 11.21
C TYR A 243 -33.46 -27.49 10.60
N LYS A 244 -34.58 -28.10 10.25
CA LYS A 244 -35.71 -27.41 9.64
C LYS A 244 -35.28 -26.53 8.50
N GLY A 245 -34.32 -27.01 7.71
CA GLY A 245 -33.85 -26.25 6.57
C GLY A 245 -32.93 -25.08 6.90
N ILE A 246 -32.48 -25.02 8.15
CA ILE A 246 -31.59 -23.96 8.60
C ILE A 246 -30.21 -24.51 8.94
N GLU A 247 -29.18 -23.87 8.40
CA GLU A 247 -27.80 -24.25 8.64
C GLU A 247 -27.43 -23.74 10.04
N LEU A 248 -27.11 -24.64 10.97
CA LEU A 248 -26.80 -24.23 12.34
C LEU A 248 -25.35 -24.06 12.77
N ALA A 249 -24.46 -24.92 12.28
CA ALA A 249 -23.07 -24.80 12.67
C ALA A 249 -22.14 -25.51 11.69
N ASN A 250 -20.87 -25.09 11.72
CA ASN A 250 -19.84 -25.64 10.86
C ASN A 250 -18.64 -25.95 11.74
N GLY A 251 -18.13 -27.17 11.69
CA GLY A 251 -16.99 -27.49 12.51
C GLY A 251 -16.05 -28.49 11.88
N PHE A 252 -14.89 -28.67 12.50
CA PHE A 252 -13.94 -29.63 11.99
C PHE A 252 -12.78 -30.01 12.88
N HIS A 253 -12.14 -31.11 12.50
CA HIS A 253 -10.96 -31.58 13.20
C HIS A 253 -9.96 -30.61 12.64
N GLU A 254 -9.52 -29.68 13.47
CA GLU A 254 -8.60 -28.64 13.05
C GLU A 254 -7.28 -29.08 12.42
N LEU A 255 -6.88 -28.36 11.37
CA LEU A 255 -5.62 -28.62 10.71
C LEU A 255 -4.53 -28.03 11.60
N THR A 256 -3.51 -28.82 11.94
CA THR A 256 -2.45 -28.29 12.78
C THR A 256 -1.09 -28.20 12.12
N ASP A 257 -1.04 -28.42 10.80
CA ASP A 257 0.23 -28.32 10.08
C ASP A 257 0.40 -26.90 9.53
N ALA A 258 1.29 -26.13 10.14
CA ALA A 258 1.52 -24.75 9.71
C ALA A 258 1.77 -24.63 8.21
N ARG A 259 2.62 -25.52 7.71
CA ARG A 259 2.99 -25.55 6.31
C ARG A 259 1.77 -25.58 5.40
N GLU A 260 0.99 -26.65 5.52
CA GLU A 260 -0.21 -26.84 4.73
C GLU A 260 -1.22 -25.70 4.91
N GLN A 261 -1.37 -25.22 6.15
CA GLN A 261 -2.31 -24.16 6.41
C GLN A 261 -1.88 -22.90 5.68
N GLN A 262 -0.58 -22.65 5.64
CA GLN A 262 -0.13 -21.47 4.94
C GLN A 262 -0.35 -21.60 3.44
N GLN A 263 -0.19 -22.81 2.89
CA GLN A 263 -0.40 -23.00 1.45
C GLN A 263 -1.84 -22.70 1.04
N ARG A 264 -2.80 -23.21 1.82
CA ARG A 264 -4.21 -22.96 1.55
C ARG A 264 -4.52 -21.46 1.54
N PHE A 265 -3.98 -20.71 2.50
CA PHE A 265 -4.25 -19.28 2.54
C PHE A 265 -3.69 -18.65 1.28
N GLU A 266 -2.53 -19.15 0.84
CA GLU A 266 -1.90 -18.63 -0.37
C GLU A 266 -2.80 -18.96 -1.57
N GLN A 267 -3.38 -20.14 -1.57
CA GLN A 267 -4.28 -20.49 -2.66
C GLN A 267 -5.51 -19.59 -2.64
N ASP A 268 -6.06 -19.33 -1.46
CA ASP A 268 -7.24 -18.46 -1.34
C ASP A 268 -6.96 -17.12 -2.00
N ASN A 269 -5.75 -16.61 -1.82
CA ASN A 269 -5.44 -15.33 -2.41
C ASN A 269 -5.29 -15.40 -3.92
N ARG A 270 -4.82 -16.54 -4.42
CA ARG A 270 -4.66 -16.68 -5.85
C ARG A 270 -6.06 -16.77 -6.48
N LYS A 271 -6.97 -17.48 -5.82
CA LYS A 271 -8.34 -17.59 -6.34
C LYS A 271 -9.04 -16.25 -6.31
N ARG A 272 -8.87 -15.50 -5.24
CA ARG A 272 -9.53 -14.19 -5.14
C ARG A 272 -9.09 -13.25 -6.27
N ALA A 273 -7.78 -13.09 -6.46
CA ALA A 273 -7.23 -12.24 -7.51
C ALA A 273 -7.74 -12.68 -8.89
N ALA A 274 -7.69 -13.97 -9.13
CA ALA A 274 -8.16 -14.49 -10.42
C ALA A 274 -9.63 -14.12 -10.67
N ARG A 275 -10.31 -13.66 -9.62
CA ARG A 275 -11.72 -13.29 -9.73
C ARG A 275 -11.97 -11.79 -9.62
N GLY A 276 -10.94 -11.03 -9.31
CA GLY A 276 -11.11 -9.60 -9.18
C GLY A 276 -11.39 -9.16 -7.77
N LEU A 277 -11.40 -10.12 -6.84
CA LEU A 277 -11.63 -9.81 -5.43
C LEU A 277 -10.32 -9.36 -4.83
N PRO A 278 -10.38 -8.45 -3.85
CA PRO A 278 -9.12 -8.01 -3.25
C PRO A 278 -8.46 -9.16 -2.48
N GLN A 279 -7.13 -9.09 -2.36
CA GLN A 279 -6.37 -10.10 -1.64
C GLN A 279 -6.13 -9.60 -0.23
N HIS A 280 -6.15 -10.51 0.74
CA HIS A 280 -5.95 -10.14 2.14
C HIS A 280 -4.68 -10.76 2.70
N PRO A 281 -3.87 -9.96 3.38
CA PRO A 281 -2.62 -10.42 3.98
C PRO A 281 -2.86 -11.59 4.93
N ILE A 282 -2.01 -12.61 4.81
CA ILE A 282 -2.13 -13.77 5.65
C ILE A 282 -1.78 -13.43 7.10
N ASP A 283 -2.65 -13.80 8.03
CA ASP A 283 -2.42 -13.57 9.46
C ASP A 283 -1.21 -14.39 9.93
N GLN A 284 -0.09 -13.69 10.11
CA GLN A 284 1.18 -14.27 10.53
C GLN A 284 1.14 -14.80 11.96
N ASN A 285 0.32 -14.17 12.80
CA ASN A 285 0.19 -14.59 14.19
C ASN A 285 -0.37 -16.00 14.27
N LEU A 286 -1.42 -16.28 13.50
CA LEU A 286 -2.00 -17.59 13.48
C LEU A 286 -0.96 -18.61 12.98
N ILE A 287 -0.25 -18.23 11.92
CA ILE A 287 0.77 -19.09 11.33
C ILE A 287 1.86 -19.35 12.36
N GLU A 288 2.41 -18.27 12.88
CA GLU A 288 3.45 -18.35 13.88
C GLU A 288 3.01 -19.27 15.05
N ALA A 289 1.79 -19.08 15.53
CA ALA A 289 1.30 -19.92 16.63
C ALA A 289 1.22 -21.39 16.19
N LEU A 290 0.81 -21.63 14.95
CA LEU A 290 0.73 -23.00 14.45
C LEU A 290 2.14 -23.62 14.41
N LYS A 291 3.15 -22.81 14.08
CA LYS A 291 4.52 -23.29 14.05
C LYS A 291 4.95 -23.73 15.46
N VAL A 292 4.51 -23.02 16.50
CA VAL A 292 4.84 -23.41 17.87
C VAL A 292 4.18 -24.77 18.18
N GLY A 293 3.00 -25.01 17.61
CA GLY A 293 2.31 -26.28 17.82
C GLY A 293 1.00 -26.27 18.59
N MET A 294 -0.12 -26.41 17.89
CA MET A 294 -1.44 -26.42 18.51
C MET A 294 -1.85 -27.84 18.89
N PRO A 295 -2.56 -28.01 20.03
CA PRO A 295 -3.00 -29.33 20.48
C PRO A 295 -3.92 -29.97 19.46
N ASP A 296 -3.90 -31.29 19.32
CA ASP A 296 -4.80 -31.94 18.36
C ASP A 296 -6.19 -31.57 18.85
N CYS A 297 -7.03 -31.01 17.99
CA CYS A 297 -8.35 -30.65 18.45
C CYS A 297 -9.42 -30.47 17.39
N SER A 298 -10.66 -30.32 17.85
CA SER A 298 -11.78 -30.12 16.95
C SER A 298 -12.56 -28.92 17.43
N GLY A 299 -13.02 -28.10 16.49
CA GLY A 299 -13.77 -26.92 16.86
C GLY A 299 -15.06 -26.80 16.07
N VAL A 300 -15.89 -25.84 16.44
CA VAL A 300 -17.15 -25.67 15.76
C VAL A 300 -17.71 -24.29 16.03
N ALA A 301 -18.36 -23.73 15.03
CA ALA A 301 -18.98 -22.41 15.14
C ALA A 301 -20.47 -22.59 14.85
N LEU A 302 -21.30 -22.10 15.76
CA LEU A 302 -22.76 -22.21 15.65
C LEU A 302 -23.40 -20.83 15.65
N GLY A 303 -24.40 -20.65 14.79
CA GLY A 303 -25.12 -19.40 14.73
C GLY A 303 -26.18 -19.31 15.82
N VAL A 304 -25.84 -18.67 16.92
CA VAL A 304 -26.76 -18.52 18.03
C VAL A 304 -28.11 -17.93 17.60
N ASP A 305 -28.08 -16.80 16.90
CA ASP A 305 -29.32 -16.20 16.46
C ASP A 305 -30.21 -17.26 15.83
N ARG A 306 -29.63 -18.11 14.98
CA ARG A 306 -30.43 -19.16 14.36
C ARG A 306 -30.93 -20.23 15.33
N LEU A 307 -30.15 -20.55 16.36
CA LEU A 307 -30.57 -21.53 17.36
C LEU A 307 -31.79 -20.95 18.09
N VAL A 308 -31.66 -19.72 18.59
CA VAL A 308 -32.75 -19.05 19.29
C VAL A 308 -34.01 -19.01 18.40
N MET A 309 -33.81 -18.63 17.15
CA MET A 309 -34.91 -18.54 16.18
C MET A 309 -35.69 -19.84 16.16
N LEU A 310 -35.00 -20.96 15.93
CA LEU A 310 -35.68 -22.25 15.88
C LEU A 310 -36.30 -22.67 17.21
N ALA A 311 -35.69 -22.26 18.31
CA ALA A 311 -36.18 -22.62 19.64
C ALA A 311 -37.48 -21.89 20.01
N LEU A 312 -37.66 -20.69 19.47
CA LEU A 312 -38.85 -19.90 19.75
C LEU A 312 -39.82 -19.95 18.57
N GLY A 313 -39.43 -20.72 17.56
CA GLY A 313 -40.27 -20.83 16.39
C GLY A 313 -40.53 -19.51 15.68
N ALA A 314 -39.55 -18.62 15.68
CA ALA A 314 -39.72 -17.35 15.00
C ALA A 314 -39.56 -17.67 13.52
N GLU A 315 -39.98 -16.74 12.66
CA GLU A 315 -39.88 -16.99 11.23
C GLU A 315 -38.66 -16.35 10.58
N THR A 316 -38.13 -15.30 11.21
CA THR A 316 -36.97 -14.61 10.68
C THR A 316 -35.92 -14.31 11.75
N LEU A 317 -34.69 -14.09 11.32
CA LEU A 317 -33.59 -13.80 12.25
C LEU A 317 -33.83 -12.45 12.91
N ALA A 318 -34.38 -11.51 12.17
CA ALA A 318 -34.63 -10.17 12.70
C ALA A 318 -35.56 -10.20 13.92
N GLU A 319 -36.36 -11.25 14.05
CA GLU A 319 -37.30 -11.39 15.16
C GLU A 319 -36.63 -11.73 16.49
N VAL A 320 -35.44 -12.31 16.46
CA VAL A 320 -34.74 -12.66 17.70
C VAL A 320 -33.52 -11.78 17.98
N ILE A 321 -33.40 -10.71 17.20
CA ILE A 321 -32.32 -9.75 17.38
C ILE A 321 -32.92 -8.42 17.78
N ALA A 322 -32.46 -7.85 18.88
CA ALA A 322 -32.97 -6.56 19.33
C ALA A 322 -33.16 -5.60 18.18
N PHE A 323 -32.10 -5.32 17.41
CA PHE A 323 -32.21 -4.43 16.26
C PHE A 323 -31.39 -4.93 15.07
N SER A 324 -32.07 -5.41 14.03
CA SER A 324 -31.34 -5.89 12.84
C SER A 324 -30.85 -4.64 12.11
N VAL A 325 -29.88 -4.77 11.22
CA VAL A 325 -29.32 -3.60 10.51
C VAL A 325 -30.36 -2.63 10.01
N ASP A 326 -31.41 -3.18 9.39
CA ASP A 326 -32.50 -2.40 8.83
C ASP A 326 -32.82 -1.20 9.73
N ARG A 327 -32.89 -1.44 11.05
CA ARG A 327 -33.21 -0.38 12.00
C ARG A 327 -32.20 -0.17 13.14
N ALA A 328 -31.00 -0.71 12.98
CA ALA A 328 -29.97 -0.56 14.01
C ALA A 328 -29.45 0.87 14.05
N THR B 6 -33.10 -4.14 -16.81
CA THR B 6 -32.49 -5.28 -16.05
C THR B 6 -32.50 -5.05 -14.53
N TYR B 7 -32.76 -6.12 -13.78
CA TYR B 7 -32.80 -6.05 -12.32
C TYR B 7 -31.76 -6.99 -11.73
N TYR B 8 -31.30 -6.68 -10.52
CA TYR B 8 -30.30 -7.50 -9.84
C TYR B 8 -30.89 -8.45 -8.80
N SER B 9 -30.48 -9.71 -8.88
CA SER B 9 -30.94 -10.78 -8.00
C SER B 9 -31.47 -10.29 -6.67
N ASN B 10 -30.74 -9.37 -6.05
CA ASN B 10 -31.19 -8.85 -4.77
C ASN B 10 -31.86 -7.50 -4.92
N ASP B 11 -33.02 -7.57 -5.59
CA ASP B 11 -33.91 -6.46 -5.88
C ASP B 11 -35.20 -7.13 -6.28
N PHE B 12 -35.12 -8.45 -6.42
CA PHE B 12 -36.26 -9.28 -6.78
C PHE B 12 -37.33 -9.22 -5.71
N ARG B 13 -38.12 -8.15 -5.72
CA ARG B 13 -39.21 -7.99 -4.78
C ARG B 13 -40.41 -8.60 -5.50
N ALA B 14 -41.41 -9.01 -4.75
CA ALA B 14 -42.59 -9.60 -5.37
C ALA B 14 -43.21 -8.61 -6.37
N GLY B 15 -43.89 -9.14 -7.37
CA GLY B 15 -44.52 -8.30 -8.38
C GLY B 15 -43.64 -7.92 -9.55
N LEU B 16 -42.37 -8.32 -9.50
CA LEU B 16 -41.46 -7.98 -10.60
C LEU B 16 -41.65 -8.94 -11.76
N LYS B 17 -41.80 -8.39 -12.97
CA LYS B 17 -41.96 -9.25 -14.14
C LYS B 17 -40.61 -9.30 -14.83
N ILE B 18 -40.10 -10.51 -15.07
CA ILE B 18 -38.81 -10.62 -15.71
C ILE B 18 -38.78 -11.70 -16.78
N MET B 19 -37.89 -11.52 -17.76
CA MET B 19 -37.74 -12.44 -18.87
C MET B 19 -36.72 -13.52 -18.51
N LEU B 20 -37.08 -14.79 -18.70
CA LEU B 20 -36.17 -15.88 -18.37
C LEU B 20 -36.19 -17.01 -19.40
N ASP B 21 -35.04 -17.24 -20.02
CA ASP B 21 -34.90 -18.29 -21.02
C ASP B 21 -36.00 -18.18 -22.08
N GLY B 22 -36.41 -16.95 -22.38
CA GLY B 22 -37.43 -16.74 -23.38
C GLY B 22 -38.86 -16.55 -22.91
N GLU B 23 -39.12 -16.71 -21.63
CA GLU B 23 -40.49 -16.54 -21.14
C GLU B 23 -40.62 -15.45 -20.09
N PRO B 24 -41.87 -14.99 -19.84
CA PRO B 24 -42.17 -13.95 -18.86
C PRO B 24 -42.52 -14.56 -17.50
N TYR B 25 -41.96 -14.00 -16.43
CA TYR B 25 -42.24 -14.50 -15.08
C TYR B 25 -42.59 -13.36 -14.13
N ALA B 26 -43.28 -13.73 -13.06
CA ALA B 26 -43.64 -12.76 -12.04
C ALA B 26 -42.93 -13.26 -10.79
N VAL B 27 -42.32 -12.36 -10.03
CA VAL B 27 -41.63 -12.75 -8.82
C VAL B 27 -42.63 -12.87 -7.68
N GLU B 28 -42.68 -14.03 -7.04
CA GLU B 28 -43.59 -14.24 -5.92
C GLU B 28 -42.88 -13.89 -4.62
N ALA B 29 -41.67 -14.40 -4.47
CA ALA B 29 -40.87 -14.15 -3.27
C ALA B 29 -39.40 -14.43 -3.53
N SER B 30 -38.53 -13.87 -2.70
CA SER B 30 -37.10 -14.08 -2.86
C SER B 30 -36.41 -14.30 -1.51
N GLU B 31 -35.38 -15.13 -1.50
CA GLU B 31 -34.66 -15.40 -0.26
C GLU B 31 -33.15 -15.40 -0.47
N PHE B 32 -32.43 -14.94 0.54
CA PHE B 32 -30.98 -14.86 0.46
C PHE B 32 -30.38 -16.16 1.00
N VAL B 33 -29.53 -16.78 0.21
CA VAL B 33 -28.91 -18.04 0.60
C VAL B 33 -27.41 -17.93 0.41
N LYS B 34 -26.67 -18.34 1.43
CA LYS B 34 -25.21 -18.30 1.40
C LYS B 34 -24.78 -19.32 2.43
N PRO B 35 -24.57 -20.57 2.00
CA PRO B 35 -24.16 -21.66 2.87
C PRO B 35 -22.71 -21.55 3.32
N GLY B 36 -22.36 -22.31 4.35
CA GLY B 36 -21.01 -22.28 4.86
C GLY B 36 -19.98 -22.49 3.77
N LYS B 37 -19.04 -21.57 3.68
CA LYS B 37 -17.97 -21.66 2.70
C LYS B 37 -18.44 -21.59 1.25
N GLY B 38 -19.60 -20.99 1.01
CA GLY B 38 -20.09 -20.89 -0.35
C GLY B 38 -20.45 -19.49 -0.77
N GLN B 39 -20.71 -19.28 -2.06
CA GLN B 39 -21.06 -17.96 -2.53
C GLN B 39 -22.50 -17.59 -2.17
N ALA B 40 -22.88 -16.36 -2.48
CA ALA B 40 -24.20 -15.87 -2.18
C ALA B 40 -25.20 -16.09 -3.32
N PHE B 41 -26.43 -16.43 -2.95
CA PHE B 41 -27.46 -16.66 -3.93
C PHE B 41 -28.76 -15.96 -3.61
N ALA B 42 -29.68 -16.12 -4.54
CA ALA B 42 -31.03 -15.60 -4.42
C ALA B 42 -31.85 -16.83 -4.80
N ARG B 43 -32.77 -17.22 -3.91
CA ARG B 43 -33.62 -18.36 -4.18
C ARG B 43 -34.98 -17.69 -4.46
N VAL B 44 -35.39 -17.72 -5.72
CA VAL B 44 -36.64 -17.05 -6.11
C VAL B 44 -37.81 -17.93 -6.52
N LYS B 45 -38.95 -17.68 -5.90
CA LYS B 45 -40.18 -18.39 -6.22
C LYS B 45 -40.83 -17.50 -7.27
N LEU B 46 -41.05 -18.05 -8.46
CA LEU B 46 -41.63 -17.29 -9.56
C LEU B 46 -42.94 -17.85 -10.12
N ARG B 47 -43.66 -17.01 -10.86
CA ARG B 47 -44.91 -17.43 -11.47
C ARG B 47 -44.69 -17.52 -12.97
N ARG B 48 -44.69 -18.75 -13.49
CA ARG B 48 -44.49 -18.96 -14.92
C ARG B 48 -45.81 -18.58 -15.58
N LEU B 49 -45.88 -17.33 -16.03
CA LEU B 49 -47.07 -16.79 -16.66
C LEU B 49 -47.68 -17.62 -17.79
N LEU B 50 -46.90 -17.91 -18.83
CA LEU B 50 -47.40 -18.69 -19.97
C LEU B 50 -48.00 -20.06 -19.64
N THR B 51 -48.03 -20.43 -18.37
CA THR B 51 -48.62 -21.71 -17.96
C THR B 51 -49.18 -21.66 -16.54
N GLY B 52 -49.17 -20.47 -15.95
CA GLY B 52 -49.70 -20.30 -14.60
C GLY B 52 -49.14 -21.16 -13.48
N THR B 53 -48.04 -21.87 -13.71
CA THR B 53 -47.46 -22.71 -12.66
C THR B 53 -46.40 -21.98 -11.84
N ARG B 54 -46.06 -22.54 -10.68
CA ARG B 54 -45.04 -21.94 -9.83
C ARG B 54 -43.74 -22.72 -9.97
N VAL B 55 -42.65 -21.97 -10.10
CA VAL B 55 -41.32 -22.57 -10.22
C VAL B 55 -40.38 -21.86 -9.27
N GLU B 56 -39.25 -22.49 -9.00
CA GLU B 56 -38.25 -21.91 -8.12
C GLU B 56 -36.95 -21.83 -8.87
N LYS B 57 -36.27 -20.71 -8.77
CA LYS B 57 -35.01 -20.57 -9.45
C LYS B 57 -33.90 -20.02 -8.56
N THR B 58 -32.67 -20.39 -8.87
CA THR B 58 -31.51 -19.94 -8.11
C THR B 58 -30.68 -18.99 -8.96
N PHE B 59 -30.15 -17.95 -8.34
CA PHE B 59 -29.31 -16.99 -9.05
C PHE B 59 -28.13 -16.60 -8.16
N LYS B 60 -27.02 -16.21 -8.79
CA LYS B 60 -25.87 -15.74 -8.03
C LYS B 60 -26.34 -14.37 -7.56
N SER B 61 -25.81 -13.87 -6.46
CA SER B 61 -26.25 -12.56 -6.01
C SER B 61 -25.83 -11.50 -7.02
N THR B 62 -24.87 -11.84 -7.86
CA THR B 62 -24.38 -10.92 -8.86
C THR B 62 -25.06 -11.09 -10.21
N ASP B 63 -25.98 -12.04 -10.30
CA ASP B 63 -26.70 -12.24 -11.56
C ASP B 63 -27.77 -11.18 -11.68
N SER B 64 -28.31 -11.04 -12.89
CA SER B 64 -29.36 -10.06 -13.12
C SER B 64 -30.33 -10.64 -14.16
N ALA B 65 -31.42 -9.94 -14.41
CA ALA B 65 -32.39 -10.40 -15.38
C ALA B 65 -33.00 -9.23 -16.15
N GLU B 66 -33.57 -9.56 -17.31
CA GLU B 66 -34.20 -8.58 -18.19
C GLU B 66 -35.65 -8.34 -17.79
N GLY B 67 -36.01 -7.07 -17.58
CA GLY B 67 -37.38 -6.77 -17.23
C GLY B 67 -38.21 -7.22 -18.41
N ALA B 68 -39.42 -7.72 -18.17
CA ALA B 68 -40.26 -8.16 -19.26
C ALA B 68 -41.47 -7.25 -19.41
N ASP B 69 -42.04 -7.20 -20.62
CA ASP B 69 -43.21 -6.37 -20.86
C ASP B 69 -44.45 -7.19 -20.52
N VAL B 70 -45.04 -6.91 -19.37
CA VAL B 70 -46.23 -7.62 -18.93
C VAL B 70 -47.09 -6.66 -18.12
N VAL B 71 -48.16 -6.18 -18.73
CA VAL B 71 -49.05 -5.25 -18.05
C VAL B 71 -50.48 -5.78 -18.02
N ASP B 72 -51.32 -5.15 -17.20
CA ASP B 72 -52.70 -5.55 -17.08
C ASP B 72 -53.67 -4.48 -17.57
N MET B 73 -54.24 -4.71 -18.74
CA MET B 73 -55.21 -3.80 -19.34
C MET B 73 -56.59 -4.31 -18.93
N ASN B 74 -57.48 -3.43 -18.51
CA ASN B 74 -58.82 -3.84 -18.11
C ASN B 74 -59.79 -3.77 -19.29
N LEU B 75 -59.37 -4.36 -20.40
CA LEU B 75 -60.15 -4.40 -21.65
C LEU B 75 -61.52 -5.06 -21.47
N THR B 76 -62.46 -4.72 -22.35
CA THR B 76 -63.80 -5.29 -22.27
C THR B 76 -63.99 -6.45 -23.25
N TYR B 77 -64.57 -7.54 -22.75
CA TYR B 77 -64.83 -8.73 -23.52
C TYR B 77 -65.95 -8.54 -24.54
N LEU B 78 -65.69 -8.94 -25.79
CA LEU B 78 -66.66 -8.80 -26.87
C LEU B 78 -67.43 -10.09 -27.11
N TYR B 79 -66.74 -11.11 -27.60
CA TYR B 79 -67.35 -12.40 -27.91
C TYR B 79 -66.26 -13.35 -28.38
N ASN B 80 -66.58 -14.64 -28.46
CA ASN B 80 -65.60 -15.60 -28.95
C ASN B 80 -66.22 -16.45 -30.05
N ASP B 81 -65.42 -16.83 -31.03
CA ASP B 81 -65.89 -17.65 -32.14
C ASP B 81 -65.50 -19.11 -31.87
N GLY B 82 -65.60 -19.52 -30.61
CA GLY B 82 -65.27 -20.88 -30.24
C GLY B 82 -63.77 -21.12 -30.18
N GLU B 83 -63.02 -20.28 -30.87
CA GLU B 83 -61.56 -20.43 -30.89
C GLU B 83 -60.85 -19.25 -30.22
N PHE B 84 -61.26 -18.03 -30.57
CA PHE B 84 -60.65 -16.83 -29.99
C PHE B 84 -61.64 -15.99 -29.19
N TRP B 85 -61.15 -15.35 -28.13
CA TRP B 85 -61.95 -14.48 -27.28
C TRP B 85 -61.52 -13.05 -27.57
N HIS B 86 -62.48 -12.21 -27.95
CA HIS B 86 -62.20 -10.84 -28.32
C HIS B 86 -62.39 -9.79 -27.23
N PHE B 87 -61.44 -8.86 -27.15
CA PHE B 87 -61.48 -7.79 -26.16
C PHE B 87 -61.16 -6.48 -26.86
N MET B 88 -61.63 -5.37 -26.28
CA MET B 88 -61.40 -4.06 -26.86
C MET B 88 -61.03 -3.01 -25.83
N ASN B 89 -60.47 -1.91 -26.30
CA ASN B 89 -60.06 -0.80 -25.45
C ASN B 89 -61.00 0.38 -25.73
N ASN B 90 -61.84 0.73 -24.76
CA ASN B 90 -62.78 1.84 -24.93
C ASN B 90 -62.08 3.18 -25.16
N GLU B 91 -60.77 3.20 -24.95
CA GLU B 91 -60.01 4.42 -25.13
C GLU B 91 -59.17 4.32 -26.41
N THR B 92 -58.37 3.26 -26.50
CA THR B 92 -57.52 3.04 -27.66
C THR B 92 -58.34 2.68 -28.88
N PHE B 93 -59.43 1.96 -28.67
CA PHE B 93 -60.32 1.50 -29.73
C PHE B 93 -59.74 0.23 -30.36
N GLU B 94 -58.61 -0.23 -29.80
CA GLU B 94 -57.94 -1.42 -30.30
C GLU B 94 -58.54 -2.70 -29.75
N GLN B 95 -58.38 -3.78 -30.51
CA GLN B 95 -58.91 -5.07 -30.12
C GLN B 95 -57.78 -6.10 -30.06
N LEU B 96 -57.97 -7.13 -29.25
CA LEU B 96 -56.98 -8.17 -29.10
C LEU B 96 -57.70 -9.51 -28.99
N SER B 97 -57.01 -10.55 -29.43
CA SER B 97 -57.58 -11.89 -29.39
C SER B 97 -56.83 -12.77 -28.41
N ALA B 98 -57.58 -13.52 -27.61
CA ALA B 98 -56.99 -14.42 -26.64
C ALA B 98 -57.36 -15.83 -27.05
N ASP B 99 -56.37 -16.71 -27.17
CA ASP B 99 -56.63 -18.08 -27.56
C ASP B 99 -57.14 -18.86 -26.35
N ALA B 100 -57.52 -20.11 -26.57
CA ALA B 100 -58.06 -20.96 -25.51
C ALA B 100 -57.12 -21.15 -24.33
N LYS B 101 -55.81 -21.13 -24.57
CA LYS B 101 -54.86 -21.32 -23.48
C LYS B 101 -54.70 -20.04 -22.66
N ALA B 102 -54.92 -18.89 -23.30
CA ALA B 102 -54.80 -17.60 -22.62
C ALA B 102 -56.00 -17.36 -21.71
N ILE B 103 -57.22 -17.53 -22.23
CA ILE B 103 -58.41 -17.33 -21.43
C ILE B 103 -58.53 -18.48 -20.45
N GLY B 104 -57.93 -19.60 -20.83
CA GLY B 104 -57.94 -20.79 -20.01
C GLY B 104 -59.28 -21.21 -19.40
N ASP B 105 -59.23 -21.58 -18.12
CA ASP B 105 -60.41 -22.03 -17.40
C ASP B 105 -61.21 -20.85 -16.87
N ASN B 106 -61.55 -19.91 -17.75
CA ASN B 106 -62.32 -18.73 -17.37
C ASN B 106 -63.52 -18.47 -18.28
N ALA B 107 -63.49 -19.04 -19.49
CA ALA B 107 -64.59 -18.85 -20.43
C ALA B 107 -65.93 -19.11 -19.75
N LYS B 108 -65.90 -19.91 -18.69
CA LYS B 108 -67.10 -20.25 -17.94
C LYS B 108 -67.81 -19.00 -17.39
N TRP B 109 -67.05 -17.98 -17.03
CA TRP B 109 -67.61 -16.75 -16.48
C TRP B 109 -67.54 -15.55 -17.40
N LEU B 110 -66.94 -15.71 -18.58
CA LEU B 110 -66.84 -14.60 -19.53
C LEU B 110 -68.16 -14.37 -20.23
N LEU B 111 -69.03 -13.57 -19.62
CA LEU B 111 -70.33 -13.27 -20.19
C LEU B 111 -70.19 -12.13 -21.18
N ASP B 112 -70.83 -12.27 -22.34
CA ASP B 112 -70.78 -11.25 -23.38
C ASP B 112 -70.92 -9.85 -22.80
N GLN B 113 -70.09 -8.94 -23.31
CA GLN B 113 -70.08 -7.54 -22.89
C GLN B 113 -69.87 -7.39 -21.39
N ALA B 114 -68.61 -7.35 -20.97
CA ALA B 114 -68.25 -7.20 -19.56
C ALA B 114 -66.77 -6.84 -19.50
N GLU B 115 -66.41 -5.94 -18.60
CA GLU B 115 -65.02 -5.55 -18.46
C GLU B 115 -64.21 -6.63 -17.76
N CYS B 116 -63.01 -6.87 -18.28
CA CYS B 116 -62.13 -7.89 -17.72
C CYS B 116 -60.74 -7.30 -17.57
N ILE B 117 -59.93 -7.94 -16.73
CA ILE B 117 -58.57 -7.50 -16.54
C ILE B 117 -57.76 -8.52 -17.32
N VAL B 118 -57.11 -8.06 -18.39
CA VAL B 118 -56.32 -8.92 -19.26
C VAL B 118 -54.83 -8.70 -19.06
N THR B 119 -54.09 -9.79 -18.89
CA THR B 119 -52.66 -9.70 -18.73
C THR B 119 -52.07 -9.95 -20.10
N LEU B 120 -51.41 -8.95 -20.67
CA LEU B 120 -50.82 -9.13 -21.97
C LEU B 120 -49.31 -9.04 -21.90
N TRP B 121 -48.64 -9.99 -22.56
CA TRP B 121 -47.19 -10.01 -22.61
C TRP B 121 -46.80 -9.50 -23.99
N ASN B 122 -46.16 -8.34 -24.03
CA ASN B 122 -45.75 -7.73 -25.28
C ASN B 122 -46.96 -7.47 -26.17
N GLY B 123 -48.01 -6.90 -25.59
CA GLY B 123 -49.21 -6.59 -26.35
C GLY B 123 -50.28 -7.68 -26.33
N GLN B 124 -49.94 -8.86 -26.81
CA GLN B 124 -50.88 -9.98 -26.85
C GLN B 124 -51.20 -10.60 -25.49
N PRO B 125 -52.47 -10.92 -25.25
CA PRO B 125 -52.91 -11.53 -23.98
C PRO B 125 -52.40 -12.94 -23.72
N ILE B 126 -52.18 -13.25 -22.45
CA ILE B 126 -51.68 -14.55 -22.02
C ILE B 126 -52.46 -14.97 -20.77
N SER B 127 -53.18 -14.01 -20.20
CA SER B 127 -53.96 -14.25 -19.00
C SER B 127 -55.23 -13.40 -19.00
N VAL B 128 -56.34 -14.00 -18.58
CA VAL B 128 -57.61 -13.28 -18.52
C VAL B 128 -58.19 -13.36 -17.12
N THR B 129 -58.43 -12.21 -16.51
CA THR B 129 -58.99 -12.18 -15.16
C THR B 129 -60.41 -11.60 -15.16
N PRO B 130 -61.42 -12.48 -15.10
CA PRO B 130 -62.83 -12.08 -15.10
C PRO B 130 -63.28 -11.58 -13.73
N PRO B 131 -64.02 -10.45 -13.70
CA PRO B 131 -64.48 -9.92 -12.41
C PRO B 131 -65.45 -10.93 -11.80
N ASN B 132 -64.96 -11.77 -10.89
CA ASN B 132 -65.80 -12.80 -10.27
C ASN B 132 -66.90 -12.27 -9.35
N PHE B 133 -67.82 -11.53 -9.97
CA PHE B 133 -68.98 -10.95 -9.30
C PHE B 133 -70.08 -10.96 -10.36
N VAL B 134 -70.08 -12.01 -11.18
CA VAL B 134 -71.06 -12.15 -12.25
C VAL B 134 -72.35 -12.81 -11.81
N GLU B 135 -73.45 -12.37 -12.42
CA GLU B 135 -74.77 -12.89 -12.17
C GLU B 135 -75.10 -13.71 -13.41
N LEU B 136 -75.17 -15.03 -13.25
CA LEU B 136 -75.44 -15.91 -14.38
C LEU B 136 -76.76 -16.67 -14.37
N GLU B 137 -77.00 -17.37 -15.48
CA GLU B 137 -78.21 -18.16 -15.69
C GLU B 137 -78.12 -19.55 -15.06
N ILE B 138 -79.27 -20.19 -14.88
CA ILE B 138 -79.33 -21.53 -14.32
C ILE B 138 -80.00 -22.45 -15.34
N VAL B 139 -79.26 -22.80 -16.39
CA VAL B 139 -79.80 -23.67 -17.44
C VAL B 139 -79.91 -25.11 -16.94
N SER C 5 12.48 -6.80 26.74
CA SER C 5 12.01 -7.96 25.92
C SER C 5 10.51 -8.23 26.10
N GLU C 6 9.93 -8.91 25.12
CA GLU C 6 8.50 -9.21 25.11
C GLU C 6 8.24 -10.59 24.50
N THR C 7 7.16 -11.24 24.91
CA THR C 7 6.82 -12.54 24.39
C THR C 7 6.43 -12.36 22.93
N ALA C 8 6.48 -13.45 22.16
CA ALA C 8 6.12 -13.40 20.75
C ALA C 8 4.72 -12.82 20.62
N SER C 9 4.49 -12.12 19.52
CA SER C 9 3.22 -11.48 19.25
C SER C 9 2.01 -12.42 19.14
N TRP C 10 2.20 -13.63 18.63
CA TRP C 10 1.07 -14.54 18.49
C TRP C 10 0.37 -14.79 19.83
N GLN C 11 1.14 -14.72 20.91
CA GLN C 11 0.65 -14.91 22.27
C GLN C 11 -0.34 -13.85 22.78
N PRO C 12 -1.25 -14.24 23.70
CA PRO C 12 -2.23 -13.31 24.27
C PRO C 12 -1.47 -12.33 25.15
N SER C 13 -1.99 -11.13 25.37
CA SER C 13 -1.27 -10.17 26.21
C SER C 13 -1.43 -10.38 27.72
N ALA C 14 -2.54 -11.00 28.13
CA ALA C 14 -2.76 -11.27 29.55
C ALA C 14 -2.40 -12.73 29.85
N SER C 15 -1.96 -13.01 31.06
CA SER C 15 -1.63 -14.37 31.43
C SER C 15 -2.93 -15.18 31.39
N ILE C 16 -2.81 -16.48 31.19
CA ILE C 16 -3.98 -17.35 31.14
C ILE C 16 -4.69 -17.32 32.48
N PRO C 17 -3.93 -17.26 33.58
CA PRO C 17 -4.64 -17.21 34.86
C PRO C 17 -5.55 -15.97 34.91
N ASN C 18 -5.05 -14.83 34.43
CA ASN C 18 -5.89 -13.64 34.43
C ASN C 18 -7.14 -13.82 33.56
N LEU C 19 -7.00 -14.54 32.45
CA LEU C 19 -8.15 -14.75 31.59
C LEU C 19 -9.18 -15.60 32.30
N LEU C 20 -8.73 -16.57 33.07
CA LEU C 20 -9.65 -17.44 33.80
C LEU C 20 -10.35 -16.59 34.88
N LYS C 21 -9.58 -15.81 35.62
CA LYS C 21 -10.17 -14.96 36.63
C LYS C 21 -11.11 -13.93 36.02
N ARG C 22 -10.86 -13.54 34.76
CA ARG C 22 -11.75 -12.56 34.14
C ARG C 22 -13.08 -13.24 33.91
N ALA C 23 -13.04 -14.45 33.37
CA ALA C 23 -14.26 -15.24 33.15
C ALA C 23 -15.03 -15.42 34.49
N ALA C 24 -14.32 -15.72 35.58
CA ALA C 24 -15.01 -15.88 36.85
C ALA C 24 -15.68 -14.57 37.23
N ILE C 25 -15.00 -13.45 36.97
CA ILE C 25 -15.56 -12.14 37.31
C ILE C 25 -16.78 -11.87 36.44
N MET C 26 -16.67 -12.23 35.16
CA MET C 26 -17.75 -12.05 34.21
C MET C 26 -19.00 -12.82 34.69
N ALA C 27 -18.79 -14.06 35.14
CA ALA C 27 -19.89 -14.89 35.59
C ALA C 27 -20.45 -14.30 36.87
N GLU C 28 -19.57 -13.73 37.68
CA GLU C 28 -19.97 -13.13 38.94
C GLU C 28 -20.90 -11.94 38.70
N ILE C 29 -20.60 -11.13 37.69
CA ILE C 29 -21.46 -9.99 37.38
C ILE C 29 -22.83 -10.47 36.86
N ARG C 30 -22.82 -11.40 35.91
CA ARG C 30 -24.10 -11.91 35.38
C ARG C 30 -24.99 -12.48 36.46
N ARG C 31 -24.38 -13.19 37.41
CA ARG C 31 -25.09 -13.82 38.53
C ARG C 31 -25.78 -12.73 39.33
N PHE C 32 -25.01 -11.68 39.62
CA PHE C 32 -25.46 -10.53 40.38
C PHE C 32 -26.75 -9.94 39.82
N PHE C 33 -26.81 -9.75 38.51
CA PHE C 33 -28.00 -9.17 37.91
C PHE C 33 -29.08 -10.24 37.72
N ALA C 34 -28.66 -11.46 37.42
CA ALA C 34 -29.63 -12.55 37.23
C ALA C 34 -30.41 -12.77 38.53
N ASP C 35 -29.74 -12.53 39.65
CA ASP C 35 -30.35 -12.68 40.96
C ASP C 35 -31.35 -11.55 41.25
N ARG C 36 -31.16 -10.40 40.62
CA ARG C 36 -32.07 -9.27 40.82
C ARG C 36 -33.06 -9.17 39.67
N GLY C 37 -33.18 -10.25 38.91
CA GLY C 37 -34.12 -10.26 37.81
C GLY C 37 -33.87 -9.23 36.72
N VAL C 38 -32.66 -8.69 36.63
CA VAL C 38 -32.41 -7.73 35.57
C VAL C 38 -32.09 -8.53 34.29
N LEU C 39 -32.81 -8.21 33.23
CA LEU C 39 -32.68 -8.89 31.93
C LEU C 39 -31.42 -8.53 31.13
N GLU C 40 -30.78 -9.54 30.53
CA GLU C 40 -29.60 -9.28 29.71
C GLU C 40 -30.01 -9.14 28.23
N VAL C 41 -29.55 -8.06 27.61
CA VAL C 41 -29.85 -7.81 26.22
C VAL C 41 -28.57 -7.56 25.44
N GLU C 42 -28.59 -7.93 24.18
CA GLU C 42 -27.45 -7.73 23.31
C GLU C 42 -27.94 -6.78 22.24
N THR C 43 -27.43 -5.56 22.26
CA THR C 43 -27.83 -4.59 21.25
C THR C 43 -26.74 -4.53 20.18
N PRO C 44 -27.03 -3.94 19.01
CA PRO C 44 -26.03 -3.84 17.93
C PRO C 44 -24.73 -3.08 18.15
N CYS C 45 -23.68 -3.54 17.47
CA CYS C 45 -22.36 -2.92 17.52
C CYS C 45 -22.26 -1.87 16.41
N MET C 46 -23.04 -2.08 15.35
CA MET C 46 -23.05 -1.18 14.21
C MET C 46 -24.37 -0.42 14.12
N SER C 47 -24.29 0.84 13.73
CA SER C 47 -25.51 1.63 13.64
C SER C 47 -25.45 2.69 12.56
N GLN C 48 -26.62 3.04 12.05
CA GLN C 48 -26.77 4.05 11.02
C GLN C 48 -26.45 5.43 11.59
N ALA C 49 -26.56 5.60 12.90
CA ALA C 49 -26.27 6.89 13.53
C ALA C 49 -25.25 6.75 14.65
N THR C 50 -24.63 7.87 15.03
CA THR C 50 -23.64 7.89 16.09
C THR C 50 -24.04 8.88 17.18
N VAL C 51 -23.13 9.23 18.08
CA VAL C 51 -23.44 10.17 19.14
C VAL C 51 -22.91 11.53 18.76
N THR C 52 -23.40 12.58 19.43
CA THR C 52 -22.95 13.95 19.18
C THR C 52 -22.02 14.41 20.29
N ASP C 53 -21.93 13.60 21.34
CA ASP C 53 -21.05 13.91 22.47
C ASP C 53 -19.75 14.44 21.89
N ILE C 54 -19.51 15.72 22.13
CA ILE C 54 -18.35 16.45 21.61
C ILE C 54 -16.98 15.76 21.57
N HIS C 55 -16.52 15.20 22.68
CA HIS C 55 -15.19 14.59 22.71
C HIS C 55 -15.01 13.14 22.31
N LEU C 56 -16.03 12.57 21.68
CA LEU C 56 -15.97 11.19 21.23
C LEU C 56 -15.75 11.14 19.72
N VAL C 57 -14.86 10.28 19.28
CA VAL C 57 -14.63 10.12 17.86
C VAL C 57 -14.85 8.64 17.62
N PRO C 58 -15.93 8.30 16.91
CA PRO C 58 -16.34 6.93 16.59
C PRO C 58 -15.69 6.29 15.38
N PHE C 59 -15.63 4.96 15.39
CA PHE C 59 -15.09 4.25 14.25
C PHE C 59 -16.18 4.25 13.22
N GLU C 60 -15.78 4.13 11.96
CA GLU C 60 -16.74 4.13 10.87
C GLU C 60 -16.48 2.97 9.93
N THR C 61 -17.54 2.43 9.36
CA THR C 61 -17.37 1.33 8.43
C THR C 61 -18.43 1.47 7.35
N ARG C 62 -18.30 0.68 6.31
CA ARG C 62 -19.22 0.71 5.18
C ARG C 62 -19.88 -0.64 4.97
N PHE C 63 -21.21 -0.61 4.88
CA PHE C 63 -21.98 -1.82 4.66
C PHE C 63 -22.43 -1.90 3.21
N VAL C 64 -22.03 -2.95 2.52
CA VAL C 64 -22.44 -3.14 1.13
C VAL C 64 -23.35 -4.36 1.12
N GLY C 65 -24.54 -4.20 0.54
CA GLY C 65 -25.50 -5.30 0.50
C GLY C 65 -25.20 -6.38 -0.51
N PRO C 66 -25.93 -7.49 -0.47
CA PRO C 66 -25.73 -8.60 -1.40
C PRO C 66 -25.85 -8.07 -2.83
N GLY C 67 -24.95 -8.53 -3.71
CA GLY C 67 -24.97 -8.10 -5.11
C GLY C 67 -24.86 -6.60 -5.34
N HIS C 68 -25.65 -6.09 -6.27
CA HIS C 68 -25.65 -4.66 -6.59
C HIS C 68 -26.55 -3.97 -5.59
N SER C 69 -25.96 -3.13 -4.74
CA SER C 69 -26.73 -2.41 -3.74
C SER C 69 -25.96 -1.19 -3.26
N GLN C 70 -26.67 -0.07 -3.14
CA GLN C 70 -26.06 1.16 -2.67
C GLN C 70 -25.45 0.96 -1.30
N GLY C 71 -24.21 1.41 -1.15
CA GLY C 71 -23.55 1.26 0.14
C GLY C 71 -24.25 2.12 1.19
N MET C 72 -24.03 1.77 2.45
CA MET C 72 -24.61 2.49 3.56
C MET C 72 -23.56 2.56 4.66
N ASN C 73 -23.17 3.77 5.03
CA ASN C 73 -22.19 3.95 6.09
C ASN C 73 -22.79 3.56 7.44
N LEU C 74 -21.93 3.06 8.32
CA LEU C 74 -22.35 2.66 9.66
C LEU C 74 -21.29 3.09 10.67
N TRP C 75 -21.70 3.36 11.90
CA TRP C 75 -20.74 3.72 12.95
C TRP C 75 -20.73 2.62 13.99
N LEU C 76 -19.60 2.42 14.63
CA LEU C 76 -19.54 1.39 15.66
C LEU C 76 -19.98 2.08 16.95
N MET C 77 -20.81 1.41 17.73
CA MET C 77 -21.32 1.98 18.97
C MET C 77 -20.28 2.31 20.01
N THR C 78 -20.33 3.53 20.53
CA THR C 78 -19.40 3.95 21.56
C THR C 78 -19.96 3.50 22.90
N SER C 79 -21.26 3.25 22.94
CA SER C 79 -21.99 2.81 24.13
C SER C 79 -23.33 2.30 23.64
N PRO C 80 -24.00 1.39 24.36
CA PRO C 80 -25.30 0.90 23.88
C PRO C 80 -26.52 1.70 24.33
N GLU C 81 -26.29 2.85 24.98
CA GLU C 81 -27.37 3.69 25.50
C GLU C 81 -28.56 3.99 24.57
N TYR C 82 -28.29 4.49 23.37
CA TYR C 82 -29.39 4.80 22.46
C TYR C 82 -30.27 3.61 22.14
N HIS C 83 -29.68 2.42 22.05
CA HIS C 83 -30.47 1.23 21.76
C HIS C 83 -31.23 0.73 22.99
N MET C 84 -30.59 0.80 24.15
CA MET C 84 -31.24 0.36 25.37
C MET C 84 -32.38 1.31 25.73
N LYS C 85 -32.22 2.60 25.45
CA LYS C 85 -33.29 3.53 25.73
C LYS C 85 -34.48 3.21 24.81
N ARG C 86 -34.21 2.87 23.55
CA ARG C 86 -35.29 2.50 22.63
C ARG C 86 -35.95 1.22 23.14
N LEU C 87 -35.15 0.35 23.77
CA LEU C 87 -35.62 -0.91 24.30
C LEU C 87 -36.49 -0.64 25.54
N LEU C 88 -36.08 0.36 26.32
CA LEU C 88 -36.80 0.77 27.53
C LEU C 88 -38.20 1.20 27.13
N VAL C 89 -38.27 2.04 26.10
CA VAL C 89 -39.55 2.53 25.60
C VAL C 89 -40.42 1.39 25.10
N ALA C 90 -39.79 0.37 24.52
CA ALA C 90 -40.52 -0.79 24.01
C ALA C 90 -40.99 -1.64 25.17
N GLY C 91 -40.67 -1.23 26.40
CA GLY C 91 -41.11 -1.96 27.58
C GLY C 91 -40.34 -3.19 28.01
N CYS C 92 -39.02 -3.13 28.02
CA CYS C 92 -38.22 -4.27 28.43
C CYS C 92 -38.03 -4.36 29.94
N GLY C 93 -38.26 -3.26 30.65
CA GLY C 93 -38.06 -3.29 32.08
C GLY C 93 -36.57 -3.23 32.41
N PRO C 94 -36.16 -3.44 33.67
CA PRO C 94 -34.74 -3.39 34.04
C PRO C 94 -33.87 -4.33 33.22
N VAL C 95 -32.91 -3.77 32.50
CA VAL C 95 -32.02 -4.53 31.65
C VAL C 95 -30.56 -4.15 31.82
N PHE C 96 -29.69 -5.08 31.48
CA PHE C 96 -28.25 -4.84 31.51
C PHE C 96 -27.59 -5.49 30.28
N GLN C 97 -26.37 -5.08 29.99
CA GLN C 97 -25.64 -5.63 28.86
C GLN C 97 -24.14 -5.61 29.07
N LEU C 98 -23.49 -6.70 28.67
CA LEU C 98 -22.05 -6.84 28.75
C LEU C 98 -21.58 -6.83 27.32
N CYS C 99 -21.41 -5.63 26.76
CA CYS C 99 -21.03 -5.52 25.37
C CYS C 99 -19.64 -5.03 25.08
N ARG C 100 -19.27 -5.11 23.81
CA ARG C 100 -18.00 -4.64 23.36
C ARG C 100 -18.28 -3.24 22.80
N SER C 101 -17.54 -2.24 23.28
CA SER C 101 -17.73 -0.87 22.80
C SER C 101 -16.48 -0.37 22.07
N PHE C 102 -16.67 0.60 21.16
CA PHE C 102 -15.56 1.11 20.38
C PHE C 102 -15.44 2.63 20.38
N ARG C 103 -14.21 3.11 20.59
CA ARG C 103 -13.93 4.54 20.60
C ARG C 103 -12.58 4.86 19.96
N ASN C 104 -12.60 5.60 18.86
CA ASN C 104 -11.39 5.97 18.16
C ASN C 104 -10.59 7.01 18.93
N GLU C 105 -9.32 7.16 18.56
CA GLU C 105 -8.43 8.13 19.20
C GLU C 105 -8.25 8.01 20.70
N GLU C 106 -8.35 6.78 21.20
CA GLU C 106 -8.17 6.52 22.63
C GLU C 106 -7.28 5.29 22.83
N MET C 107 -6.04 5.54 23.23
CA MET C 107 -5.05 4.50 23.46
C MET C 107 -4.23 4.81 24.72
N GLY C 108 -4.14 3.83 25.61
CA GLY C 108 -3.38 4.06 26.83
C GLY C 108 -3.48 2.98 27.89
N ARG C 109 -2.87 3.27 29.03
CA ARG C 109 -2.84 2.38 30.17
C ARG C 109 -4.26 1.98 30.56
N TYR C 110 -5.19 2.91 30.43
CA TYR C 110 -6.58 2.66 30.82
C TYR C 110 -7.60 2.77 29.70
N HIS C 111 -7.15 2.82 28.45
CA HIS C 111 -8.09 2.90 27.34
C HIS C 111 -7.70 1.95 26.23
N ASN C 112 -8.70 1.40 25.55
CA ASN C 112 -8.45 0.52 24.44
C ASN C 112 -9.48 0.88 23.38
N PRO C 113 -9.05 1.07 22.12
CA PRO C 113 -10.03 1.42 21.10
C PRO C 113 -11.31 0.60 21.24
N GLU C 114 -11.17 -0.65 21.67
CA GLU C 114 -12.34 -1.49 21.90
C GLU C 114 -12.24 -1.99 23.33
N PHE C 115 -13.36 -1.92 24.05
CA PHE C 115 -13.37 -2.37 25.43
C PHE C 115 -14.75 -2.92 25.81
N THR C 116 -14.81 -3.59 26.96
CA THR C 116 -16.05 -4.18 27.42
C THR C 116 -16.79 -3.31 28.42
N MET C 117 -18.07 -3.10 28.14
CA MET C 117 -18.88 -2.29 29.02
C MET C 117 -20.03 -3.01 29.67
N LEU C 118 -20.29 -2.61 30.90
CA LEU C 118 -21.40 -3.12 31.67
C LEU C 118 -22.32 -1.92 31.73
N GLU C 119 -23.45 -2.00 31.06
CA GLU C 119 -24.40 -0.89 31.12
C GLU C 119 -25.79 -1.38 31.48
N TRP C 120 -26.38 -0.77 32.49
CA TRP C 120 -27.73 -1.17 32.87
C TRP C 120 -28.62 0.01 33.22
N TYR C 121 -29.92 -0.23 33.09
CA TYR C 121 -30.94 0.77 33.33
C TYR C 121 -32.02 0.32 34.29
N ARG C 122 -32.35 1.22 35.21
CA ARG C 122 -33.36 0.92 36.21
C ARG C 122 -34.58 1.82 36.15
N PRO C 123 -35.68 1.30 35.57
CA PRO C 123 -36.91 2.10 35.49
C PRO C 123 -37.40 2.46 36.89
N HIS C 124 -37.61 3.75 37.15
CA HIS C 124 -38.12 4.25 38.43
C HIS C 124 -37.16 4.29 39.59
N TYR C 125 -35.87 4.19 39.29
CA TYR C 125 -34.84 4.29 40.30
C TYR C 125 -34.35 5.72 40.16
N ASP C 126 -33.97 6.35 41.26
CA ASP C 126 -33.45 7.69 41.15
C ASP C 126 -31.92 7.53 41.19
N MET C 127 -31.21 8.64 41.03
CA MET C 127 -29.76 8.63 41.03
C MET C 127 -29.16 7.87 42.20
N TYR C 128 -29.61 8.18 43.41
CA TYR C 128 -29.11 7.55 44.61
C TYR C 128 -29.38 6.07 44.71
N ARG C 129 -30.59 5.65 44.38
CA ARG C 129 -30.90 4.23 44.46
C ARG C 129 -30.04 3.43 43.48
N LEU C 130 -29.66 4.05 42.36
CA LEU C 130 -28.81 3.35 41.39
C LEU C 130 -27.38 3.26 41.90
N MET C 131 -26.87 4.36 42.45
CA MET C 131 -25.53 4.36 43.00
C MET C 131 -25.39 3.24 44.03
N ASN C 132 -26.39 3.08 44.87
CA ASN C 132 -26.35 2.03 45.89
C ASN C 132 -26.17 0.66 45.26
N GLU C 133 -26.83 0.44 44.13
CA GLU C 133 -26.71 -0.82 43.44
C GLU C 133 -25.30 -0.95 42.88
N VAL C 134 -24.70 0.17 42.48
CA VAL C 134 -23.33 0.15 41.95
C VAL C 134 -22.40 -0.21 43.09
N ASP C 135 -22.75 0.27 44.27
CA ASP C 135 -21.96 0.02 45.48
C ASP C 135 -21.99 -1.47 45.78
N ASP C 136 -23.17 -2.06 45.69
CA ASP C 136 -23.31 -3.49 45.95
C ASP C 136 -22.43 -4.29 45.00
N LEU C 137 -22.43 -3.90 43.73
CA LEU C 137 -21.63 -4.59 42.73
C LEU C 137 -20.15 -4.48 43.06
N LEU C 138 -19.66 -3.26 43.26
CA LEU C 138 -18.25 -3.06 43.55
C LEU C 138 -17.79 -3.87 44.76
N GLN C 139 -18.50 -3.75 45.89
CA GLN C 139 -18.15 -4.49 47.09
C GLN C 139 -18.11 -5.97 46.77
N GLN C 140 -19.14 -6.43 46.07
CA GLN C 140 -19.29 -7.80 45.64
C GLN C 140 -18.04 -8.33 44.93
N VAL C 141 -17.63 -7.63 43.87
CA VAL C 141 -16.49 -8.03 43.05
C VAL C 141 -15.10 -7.66 43.56
N LEU C 142 -14.95 -6.45 44.10
CA LEU C 142 -13.67 -5.99 44.60
C LEU C 142 -13.45 -6.34 46.07
N ASP C 143 -14.52 -6.73 46.75
CA ASP C 143 -14.43 -7.06 48.16
C ASP C 143 -13.80 -5.90 48.94
N CYS C 144 -14.30 -4.71 48.67
CA CYS C 144 -13.83 -3.51 49.33
C CYS C 144 -14.96 -3.05 50.27
N PRO C 145 -14.76 -1.96 51.01
CA PRO C 145 -15.85 -1.53 51.89
C PRO C 145 -16.86 -0.67 51.12
N ALA C 146 -17.95 -0.29 51.77
CA ALA C 146 -18.97 0.56 51.14
C ALA C 146 -18.36 1.91 50.74
N ALA C 147 -18.60 2.32 49.51
CA ALA C 147 -18.05 3.56 49.00
C ALA C 147 -18.45 4.80 49.79
N GLU C 148 -17.70 5.87 49.57
CA GLU C 148 -18.02 7.14 50.18
C GLU C 148 -18.64 7.90 49.02
N SER C 149 -19.30 9.02 49.32
CA SER C 149 -19.91 9.81 48.27
C SER C 149 -20.00 11.28 48.65
N LEU C 150 -19.54 12.10 47.73
CA LEU C 150 -19.57 13.52 47.93
C LEU C 150 -20.09 14.16 46.67
N SER C 151 -20.57 15.38 46.79
CA SER C 151 -21.10 16.12 45.66
C SER C 151 -19.90 16.72 44.92
N TYR C 152 -20.11 17.05 43.65
CA TYR C 152 -19.06 17.65 42.83
C TYR C 152 -18.53 18.89 43.54
N GLN C 153 -19.45 19.55 44.26
CA GLN C 153 -19.13 20.77 44.97
C GLN C 153 -18.27 20.58 46.20
N GLN C 154 -18.75 19.76 47.13
CA GLN C 154 -17.99 19.53 48.35
C GLN C 154 -16.71 18.77 48.08
N ALA C 155 -16.59 18.24 46.87
CA ALA C 155 -15.38 17.51 46.48
C ALA C 155 -14.36 18.55 46.03
N PHE C 156 -14.86 19.64 45.46
CA PHE C 156 -14.00 20.71 44.98
C PHE C 156 -13.47 21.54 46.15
N LEU C 157 -14.30 21.78 47.16
CA LEU C 157 -13.84 22.55 48.31
C LEU C 157 -12.75 21.75 49.03
N ARG C 158 -13.11 20.54 49.42
CA ARG C 158 -12.22 19.65 50.16
C ARG C 158 -10.84 19.41 49.55
N TYR C 159 -10.63 19.77 48.29
CA TYR C 159 -9.32 19.54 47.69
C TYR C 159 -8.71 20.75 46.97
N LEU C 160 -9.54 21.60 46.38
CA LEU C 160 -9.04 22.77 45.68
C LEU C 160 -9.57 24.04 46.33
N GLU C 161 -10.25 23.85 47.45
CA GLU C 161 -10.83 24.96 48.21
C GLU C 161 -11.39 26.03 47.31
N ILE C 162 -12.40 25.66 46.54
CA ILE C 162 -13.08 26.57 45.62
C ILE C 162 -14.49 26.00 45.38
N ASP C 163 -15.46 26.89 45.20
CA ASP C 163 -16.83 26.46 44.95
C ASP C 163 -17.03 26.48 43.44
N PRO C 164 -17.07 25.29 42.81
CA PRO C 164 -17.25 25.16 41.36
C PRO C 164 -18.50 25.85 40.82
N LEU C 165 -19.59 25.79 41.58
CA LEU C 165 -20.86 26.38 41.18
C LEU C 165 -20.86 27.90 41.11
N SER C 166 -19.92 28.53 41.80
CA SER C 166 -19.84 30.00 41.82
C SER C 166 -18.54 30.56 41.24
N ALA C 167 -17.41 30.24 41.86
CA ALA C 167 -16.10 30.72 41.43
C ALA C 167 -16.06 31.14 39.96
N ASP C 168 -15.79 32.42 39.72
CA ASP C 168 -15.74 32.92 38.37
C ASP C 168 -14.58 32.32 37.60
N LYS C 169 -14.55 32.60 36.30
CA LYS C 169 -13.53 32.09 35.40
C LYS C 169 -12.10 32.50 35.74
N THR C 170 -11.95 33.57 36.52
CA THR C 170 -10.61 34.04 36.89
C THR C 170 -10.03 33.28 38.07
N GLN C 171 -10.84 33.09 39.10
CA GLN C 171 -10.40 32.37 40.30
C GLN C 171 -10.07 30.95 39.86
N LEU C 172 -10.77 30.50 38.83
CA LEU C 172 -10.59 29.17 38.28
C LEU C 172 -9.16 28.97 37.76
N ARG C 173 -8.63 29.96 37.06
CA ARG C 173 -7.28 29.84 36.52
C ARG C 173 -6.20 29.97 37.59
N GLU C 174 -6.53 30.58 38.72
CA GLU C 174 -5.54 30.72 39.77
C GLU C 174 -5.27 29.36 40.39
N VAL C 175 -6.33 28.61 40.66
CA VAL C 175 -6.17 27.27 41.22
C VAL C 175 -5.46 26.40 40.19
N ALA C 176 -5.60 26.77 38.92
CA ALA C 176 -4.96 26.04 37.83
C ALA C 176 -3.45 26.28 37.87
N ALA C 177 -3.07 27.55 38.02
CA ALA C 177 -1.67 27.93 38.10
C ALA C 177 -1.05 27.29 39.35
N LYS C 178 -1.86 27.11 40.39
CA LYS C 178 -1.40 26.49 41.63
C LYS C 178 -0.83 25.09 41.44
N LEU C 179 -1.44 24.31 40.56
CA LEU C 179 -0.95 22.96 40.33
C LEU C 179 -0.24 22.83 38.99
N ASP C 180 0.31 23.94 38.52
CA ASP C 180 1.05 23.98 37.27
C ASP C 180 0.31 23.31 36.13
N LEU C 181 -0.70 24.02 35.61
CA LEU C 181 -1.52 23.55 34.50
C LEU C 181 -1.87 24.74 33.63
N SER C 182 -1.31 25.89 33.95
CA SER C 182 -1.58 27.12 33.23
C SER C 182 -1.33 27.00 31.73
N ASN C 183 -0.47 26.08 31.33
CA ASN C 183 -0.18 25.91 29.91
C ASN C 183 -1.44 25.57 29.09
N VAL C 184 -2.45 25.00 29.73
CA VAL C 184 -3.69 24.67 29.04
C VAL C 184 -4.85 25.54 29.52
N ALA C 185 -4.74 26.07 30.74
CA ALA C 185 -5.79 26.90 31.32
C ALA C 185 -5.85 28.36 30.86
N ASP C 186 -4.74 29.08 31.00
CA ASP C 186 -4.66 30.49 30.62
C ASP C 186 -5.36 30.90 29.30
N THR C 187 -5.11 30.16 28.23
CA THR C 187 -5.70 30.45 26.90
C THR C 187 -7.10 29.88 26.76
N GLU C 188 -7.49 29.14 27.78
CA GLU C 188 -8.78 28.44 27.82
C GLU C 188 -9.95 29.37 28.16
N GLU C 189 -10.96 29.35 27.29
CA GLU C 189 -12.09 30.25 27.51
C GLU C 189 -13.43 29.63 27.92
N ASP C 190 -13.49 28.30 27.92
CA ASP C 190 -14.70 27.58 28.28
C ASP C 190 -14.70 27.21 29.77
N ARG C 191 -15.69 27.72 30.50
CA ARG C 191 -15.81 27.47 31.93
C ARG C 191 -15.89 26.01 32.34
N ASP C 192 -16.61 25.19 31.58
CA ASP C 192 -16.73 23.77 31.92
C ASP C 192 -15.43 23.06 31.57
N THR C 193 -14.72 23.56 30.56
CA THR C 193 -13.45 22.99 30.14
C THR C 193 -12.44 23.15 31.28
N LEU C 194 -12.36 24.35 31.86
CA LEU C 194 -11.44 24.62 32.96
C LEU C 194 -11.87 23.75 34.15
N LEU C 195 -13.18 23.76 34.43
CA LEU C 195 -13.76 22.97 35.51
C LEU C 195 -13.40 21.49 35.37
N GLN C 196 -13.38 20.99 34.14
CA GLN C 196 -13.03 19.60 33.94
C GLN C 196 -11.52 19.45 34.12
N LEU C 197 -10.76 20.43 33.64
CA LEU C 197 -9.31 20.39 33.77
C LEU C 197 -8.93 20.27 35.22
N LEU C 198 -9.60 21.08 36.05
CA LEU C 198 -9.35 21.10 37.48
C LEU C 198 -9.79 19.81 38.14
N PHE C 199 -11.03 19.39 37.87
CA PHE C 199 -11.56 18.17 38.45
C PHE C 199 -10.71 16.92 38.22
N THR C 200 -10.34 16.64 36.99
CA THR C 200 -9.56 15.43 36.73
C THR C 200 -8.08 15.48 37.11
N PHE C 201 -7.52 16.67 37.26
CA PHE C 201 -6.12 16.78 37.66
C PHE C 201 -6.00 17.40 39.04
N GLY C 202 -7.14 17.75 39.64
CA GLY C 202 -7.15 18.35 40.96
C GLY C 202 -7.96 17.59 41.99
N VAL C 203 -8.94 16.82 41.57
CA VAL C 203 -9.76 16.07 42.52
C VAL C 203 -9.64 14.56 42.38
N GLU C 204 -9.62 14.10 41.13
CA GLU C 204 -9.52 12.67 40.85
C GLU C 204 -8.27 12.03 41.42
N PRO C 205 -7.13 12.73 41.36
CA PRO C 205 -5.93 12.10 41.91
C PRO C 205 -5.91 12.01 43.44
N ASN C 206 -6.94 12.51 44.10
CA ASN C 206 -6.96 12.47 45.57
C ASN C 206 -8.12 11.69 46.19
N ILE C 207 -9.02 11.19 45.34
CA ILE C 207 -10.18 10.47 45.83
C ILE C 207 -10.08 8.96 45.66
N GLY C 208 -11.05 8.24 46.21
CA GLY C 208 -11.09 6.79 46.12
C GLY C 208 -9.83 6.03 46.48
N LYS C 209 -8.97 6.65 47.27
CA LYS C 209 -7.71 6.04 47.71
C LYS C 209 -7.89 4.78 48.56
N GLU C 210 -8.71 4.84 49.58
CA GLU C 210 -8.94 3.69 50.47
C GLU C 210 -10.16 2.85 50.12
N LYS C 211 -11.14 3.46 49.47
CA LYS C 211 -12.35 2.77 49.07
C LYS C 211 -13.02 3.57 47.96
N PRO C 212 -13.91 2.94 47.19
CA PRO C 212 -14.59 3.64 46.10
C PRO C 212 -15.19 4.99 46.52
N THR C 213 -15.10 5.98 45.65
CA THR C 213 -15.63 7.30 45.93
C THR C 213 -16.56 7.80 44.83
N PHE C 214 -17.84 7.92 45.16
CA PHE C 214 -18.82 8.41 44.22
C PHE C 214 -18.78 9.95 44.23
N VAL C 215 -19.03 10.56 43.08
CA VAL C 215 -19.09 12.02 42.98
C VAL C 215 -20.31 12.33 42.15
N TYR C 216 -21.35 12.84 42.80
CA TYR C 216 -22.59 13.17 42.14
C TYR C 216 -22.87 14.68 42.03
N HIS C 217 -23.87 15.02 41.23
CA HIS C 217 -24.28 16.41 41.01
C HIS C 217 -23.24 17.25 40.28
N PHE C 218 -22.87 16.83 39.08
CA PHE C 218 -21.93 17.57 38.28
C PHE C 218 -22.65 18.83 37.82
N PRO C 219 -21.89 19.86 37.42
CA PRO C 219 -22.54 21.08 36.96
C PRO C 219 -23.61 20.75 35.93
N ALA C 220 -24.69 21.51 35.93
CA ALA C 220 -25.77 21.29 34.96
C ALA C 220 -25.23 21.28 33.53
N SER C 221 -24.09 21.91 33.31
CA SER C 221 -23.51 21.98 31.99
C SER C 221 -22.81 20.70 31.55
N GLN C 222 -22.47 19.83 32.48
CA GLN C 222 -21.82 18.58 32.11
C GLN C 222 -22.82 17.44 32.31
N ALA C 223 -24.10 17.77 32.17
CA ALA C 223 -25.19 16.82 32.36
C ALA C 223 -25.23 15.70 31.33
N SER C 224 -24.76 15.98 30.12
CA SER C 224 -24.78 14.98 29.07
C SER C 224 -26.25 14.65 28.76
N LEU C 225 -26.69 13.43 29.08
CA LEU C 225 -28.09 13.06 28.86
C LEU C 225 -28.82 12.83 30.18
N ALA C 226 -28.39 13.55 31.21
CA ALA C 226 -28.98 13.43 32.54
C ALA C 226 -29.87 14.62 32.84
N GLN C 227 -30.79 14.43 33.77
CA GLN C 227 -31.70 15.51 34.16
C GLN C 227 -30.99 16.59 34.95
N ILE C 228 -31.50 17.81 34.84
CA ILE C 228 -30.95 18.92 35.60
C ILE C 228 -31.74 18.83 36.90
N SER C 229 -31.07 18.98 38.03
CA SER C 229 -31.75 18.90 39.32
C SER C 229 -32.94 19.86 39.39
N THR C 230 -34.03 19.38 40.00
CA THR C 230 -35.23 20.20 40.14
C THR C 230 -34.97 21.24 41.21
N GLU C 231 -34.34 20.80 42.29
CA GLU C 231 -34.01 21.67 43.42
C GLU C 231 -32.97 22.68 42.93
N ASP C 232 -31.70 22.30 42.97
CA ASP C 232 -30.63 23.18 42.53
C ASP C 232 -30.39 22.96 41.03
N HIS C 233 -30.99 23.82 40.20
CA HIS C 233 -30.84 23.70 38.77
C HIS C 233 -29.44 24.08 38.26
N ARG C 234 -28.46 24.08 39.16
CA ARG C 234 -27.08 24.40 38.79
C ARG C 234 -26.30 23.11 38.62
N VAL C 235 -26.84 22.03 39.16
CA VAL C 235 -26.22 20.73 39.08
C VAL C 235 -27.12 19.80 38.27
N ALA C 236 -26.54 18.72 37.77
CA ALA C 236 -27.28 17.75 36.99
C ALA C 236 -27.30 16.44 37.76
N GLU C 237 -28.35 15.64 37.56
CA GLU C 237 -28.49 14.36 38.22
C GLU C 237 -27.53 13.36 37.57
N ARG C 238 -26.24 13.52 37.84
CA ARG C 238 -25.22 12.64 37.28
C ARG C 238 -24.10 12.36 38.28
N PHE C 239 -23.61 11.13 38.28
CA PHE C 239 -22.54 10.71 39.18
C PHE C 239 -21.51 9.83 38.46
N GLU C 240 -20.30 9.78 39.04
CA GLU C 240 -19.21 8.96 38.53
C GLU C 240 -18.56 8.32 39.76
N VAL C 241 -18.04 7.10 39.63
CA VAL C 241 -17.42 6.47 40.77
C VAL C 241 -15.98 6.17 40.46
N TYR C 242 -15.10 6.44 41.42
CA TYR C 242 -13.66 6.25 41.24
C TYR C 242 -13.04 5.38 42.33
N TYR C 243 -11.96 4.68 41.98
CA TYR C 243 -11.27 3.85 42.96
C TYR C 243 -9.83 3.60 42.54
N LYS C 244 -8.91 3.78 43.48
CA LYS C 244 -7.48 3.58 43.23
C LYS C 244 -7.01 4.42 42.05
N GLY C 245 -7.63 5.58 41.87
CA GLY C 245 -7.25 6.47 40.80
C GLY C 245 -7.79 6.11 39.43
N ILE C 246 -8.79 5.23 39.40
CA ILE C 246 -9.39 4.79 38.15
C ILE C 246 -10.89 5.14 38.08
N GLU C 247 -11.29 5.77 36.99
CA GLU C 247 -12.70 6.12 36.78
C GLU C 247 -13.36 4.79 36.34
N LEU C 248 -14.28 4.28 37.15
CA LEU C 248 -14.96 3.01 36.87
C LEU C 248 -16.32 3.06 36.18
N ALA C 249 -17.11 4.08 36.51
CA ALA C 249 -18.42 4.17 35.92
C ALA C 249 -18.95 5.58 35.83
N ASN C 250 -19.93 5.76 34.95
CA ASN C 250 -20.58 7.03 34.73
C ASN C 250 -22.07 6.71 34.56
N GLY C 251 -22.90 7.32 35.41
CA GLY C 251 -24.32 7.07 35.31
C GLY C 251 -25.17 8.28 35.63
N PHE C 252 -26.44 8.23 35.31
CA PHE C 252 -27.30 9.35 35.63
C PHE C 252 -28.80 9.11 35.59
N HIS C 253 -29.53 10.08 36.12
CA HIS C 253 -30.98 10.03 36.11
C HIS C 253 -31.29 10.52 34.70
N GLU C 254 -31.74 9.59 33.86
CA GLU C 254 -32.01 9.85 32.45
C GLU C 254 -33.01 10.95 32.04
N LEU C 255 -32.58 11.79 31.09
CA LEU C 255 -33.42 12.87 30.58
C LEU C 255 -34.52 12.23 29.75
N THR C 256 -35.77 12.45 30.14
CA THR C 256 -36.89 11.84 29.46
C THR C 256 -37.58 12.72 28.43
N ASP C 257 -37.35 14.03 28.49
CA ASP C 257 -37.96 14.96 27.56
C ASP C 257 -37.30 14.94 26.18
N ALA C 258 -38.04 14.48 25.17
CA ALA C 258 -37.53 14.41 23.81
C ALA C 258 -37.19 15.78 23.24
N ARG C 259 -38.05 16.75 23.53
CA ARG C 259 -37.86 18.12 23.05
C ARG C 259 -36.54 18.67 23.58
N GLU C 260 -36.32 18.48 24.88
CA GLU C 260 -35.11 18.96 25.53
C GLU C 260 -33.90 18.21 25.01
N GLN C 261 -34.02 16.89 24.93
CA GLN C 261 -32.92 16.05 24.44
C GLN C 261 -32.42 16.43 23.06
N GLN C 262 -33.35 16.71 22.15
CA GLN C 262 -33.02 17.10 20.78
C GLN C 262 -32.16 18.36 20.77
N GLN C 263 -32.65 19.40 21.42
CA GLN C 263 -31.90 20.65 21.51
C GLN C 263 -30.49 20.39 22.01
N ARG C 264 -30.37 19.59 23.07
CA ARG C 264 -29.05 19.28 23.61
C ARG C 264 -28.11 18.73 22.54
N PHE C 265 -28.63 17.91 21.63
CA PHE C 265 -27.77 17.36 20.59
C PHE C 265 -27.39 18.45 19.61
N GLU C 266 -28.36 19.28 19.27
CA GLU C 266 -28.13 20.38 18.34
C GLU C 266 -27.01 21.23 18.89
N GLN C 267 -27.00 21.42 20.21
CA GLN C 267 -25.97 22.19 20.84
C GLN C 267 -24.60 21.49 20.77
N ASP C 268 -24.60 20.16 20.70
CA ASP C 268 -23.34 19.43 20.61
C ASP C 268 -22.71 19.75 19.26
N ASN C 269 -23.50 19.60 18.21
CA ASN C 269 -23.04 19.88 16.85
C ASN C 269 -22.50 21.30 16.69
N ARG C 270 -23.17 22.28 17.28
CA ARG C 270 -22.69 23.64 17.18
C ARG C 270 -21.36 23.75 17.89
N LYS C 271 -21.30 23.27 19.14
CA LYS C 271 -20.04 23.31 19.86
C LYS C 271 -18.98 22.57 19.05
N ARG C 272 -19.41 21.56 18.28
CA ARG C 272 -18.48 20.81 17.47
C ARG C 272 -18.01 21.66 16.30
N ALA C 273 -18.97 22.18 15.54
CA ALA C 273 -18.66 23.02 14.38
C ALA C 273 -17.63 24.07 14.80
N ALA C 274 -17.89 24.72 15.93
CA ALA C 274 -16.99 25.73 16.46
C ALA C 274 -15.59 25.14 16.55
N ARG C 275 -15.44 24.13 17.41
CA ARG C 275 -14.16 23.46 17.60
C ARG C 275 -13.59 22.88 16.31
N GLY C 276 -14.32 22.99 15.21
CA GLY C 276 -13.81 22.45 13.97
C GLY C 276 -13.86 20.93 13.94
N LEU C 277 -14.79 20.37 14.71
CA LEU C 277 -14.97 18.93 14.74
C LEU C 277 -16.13 18.63 13.80
N PRO C 278 -16.12 17.44 13.18
CA PRO C 278 -17.22 17.13 12.27
C PRO C 278 -18.56 17.00 13.01
N GLN C 279 -19.64 17.39 12.36
CA GLN C 279 -20.96 17.28 12.96
C GLN C 279 -21.56 15.91 12.63
N HIS C 280 -22.48 15.44 13.46
CA HIS C 280 -23.10 14.15 13.23
C HIS C 280 -24.63 14.27 13.24
N PRO C 281 -25.30 13.56 12.34
CA PRO C 281 -26.77 13.63 12.33
C PRO C 281 -27.37 13.05 13.61
N ILE C 282 -28.33 13.76 14.17
CA ILE C 282 -29.02 13.33 15.38
C ILE C 282 -29.78 12.03 15.15
N ASP C 283 -29.61 11.05 16.03
CA ASP C 283 -30.30 9.76 15.90
C ASP C 283 -31.83 9.92 16.07
N GLN C 284 -32.55 9.91 14.96
CA GLN C 284 -34.00 10.07 15.01
C GLN C 284 -34.70 8.91 15.71
N ASN C 285 -34.09 7.73 15.69
CA ASN C 285 -34.69 6.59 16.35
C ASN C 285 -34.73 6.79 17.87
N LEU C 286 -33.73 7.48 18.41
CA LEU C 286 -33.72 7.76 19.83
C LEU C 286 -34.79 8.81 20.13
N ILE C 287 -34.82 9.84 19.29
CA ILE C 287 -35.78 10.93 19.48
C ILE C 287 -37.21 10.44 19.37
N GLU C 288 -37.51 9.68 18.31
CA GLU C 288 -38.86 9.17 18.14
C GLU C 288 -39.28 8.34 19.37
N ALA C 289 -38.37 7.53 19.88
CA ALA C 289 -38.67 6.70 21.06
C ALA C 289 -38.96 7.61 22.26
N LEU C 290 -38.13 8.63 22.45
CA LEU C 290 -38.35 9.56 23.55
C LEU C 290 -39.74 10.21 23.41
N LYS C 291 -40.16 10.50 22.18
CA LYS C 291 -41.48 11.12 21.97
C LYS C 291 -42.61 10.21 22.43
N VAL C 292 -42.51 8.92 22.12
CA VAL C 292 -43.52 7.94 22.50
C VAL C 292 -43.62 7.87 24.02
N GLY C 293 -42.48 7.76 24.69
CA GLY C 293 -42.51 7.70 26.13
C GLY C 293 -41.54 6.77 26.83
N MET C 294 -40.48 7.33 27.40
CA MET C 294 -39.50 6.54 28.13
C MET C 294 -39.81 6.72 29.61
N PRO C 295 -40.12 5.62 30.32
CA PRO C 295 -40.44 5.74 31.74
C PRO C 295 -39.27 6.40 32.44
N ASP C 296 -39.52 7.00 33.60
CA ASP C 296 -38.44 7.63 34.33
C ASP C 296 -37.47 6.53 34.76
N CYS C 297 -36.18 6.80 34.68
CA CYS C 297 -35.22 5.78 35.08
C CYS C 297 -33.81 6.32 35.17
N SER C 298 -32.92 5.46 35.63
CA SER C 298 -31.53 5.83 35.76
C SER C 298 -30.67 4.72 35.18
N GLY C 299 -29.58 5.13 34.53
CA GLY C 299 -28.69 4.16 33.91
C GLY C 299 -27.24 4.44 34.25
N VAL C 300 -26.39 3.42 34.11
CA VAL C 300 -24.97 3.58 34.41
C VAL C 300 -24.13 2.72 33.47
N ALA C 301 -22.95 3.24 33.09
CA ALA C 301 -22.04 2.56 32.18
C ALA C 301 -20.72 2.33 32.91
N LEU C 302 -20.41 1.06 33.19
CA LEU C 302 -19.20 0.71 33.92
C LEU C 302 -18.14 0.04 33.04
N GLY C 303 -16.89 0.51 33.14
CA GLY C 303 -15.81 -0.08 32.35
C GLY C 303 -15.32 -1.38 32.96
N VAL C 304 -15.76 -2.52 32.40
CA VAL C 304 -15.40 -3.83 32.93
C VAL C 304 -13.91 -4.12 32.98
N ASP C 305 -13.19 -3.76 31.93
CA ASP C 305 -11.76 -3.99 31.92
C ASP C 305 -11.10 -3.34 33.14
N ARG C 306 -11.43 -2.08 33.38
CA ARG C 306 -10.86 -1.38 34.53
C ARG C 306 -11.27 -2.03 35.84
N LEU C 307 -12.47 -2.58 35.89
CA LEU C 307 -12.95 -3.25 37.10
C LEU C 307 -12.15 -4.54 37.31
N VAL C 308 -11.95 -5.29 36.22
CA VAL C 308 -11.20 -6.55 36.29
C VAL C 308 -9.73 -6.28 36.62
N MET C 309 -9.23 -5.16 36.11
CA MET C 309 -7.87 -4.75 36.34
C MET C 309 -7.68 -4.54 37.83
N LEU C 310 -8.48 -3.67 38.43
CA LEU C 310 -8.39 -3.39 39.86
C LEU C 310 -8.49 -4.67 40.68
N ALA C 311 -9.47 -5.49 40.36
CA ALA C 311 -9.69 -6.75 41.06
C ALA C 311 -8.48 -7.67 41.03
N LEU C 312 -7.80 -7.72 39.89
CA LEU C 312 -6.64 -8.57 39.73
C LEU C 312 -5.28 -7.95 40.07
N GLY C 313 -5.26 -6.63 40.30
CA GLY C 313 -4.00 -5.97 40.62
C GLY C 313 -3.12 -5.77 39.40
N ALA C 314 -3.73 -5.79 38.22
CA ALA C 314 -3.01 -5.59 36.97
C ALA C 314 -2.71 -4.10 36.90
N GLU C 315 -1.71 -3.73 36.12
CA GLU C 315 -1.35 -2.32 36.00
C GLU C 315 -1.74 -1.64 34.70
N THR C 316 -2.24 -2.40 33.73
CA THR C 316 -2.67 -1.83 32.46
C THR C 316 -3.81 -2.67 31.88
N LEU C 317 -4.62 -2.03 31.05
CA LEU C 317 -5.76 -2.69 30.44
C LEU C 317 -5.30 -3.94 29.70
N ALA C 318 -4.17 -3.83 29.02
CA ALA C 318 -3.61 -4.92 28.23
C ALA C 318 -3.38 -6.24 28.99
N GLU C 319 -3.25 -6.16 30.30
CA GLU C 319 -3.01 -7.37 31.08
C GLU C 319 -4.27 -8.12 31.48
N VAL C 320 -5.44 -7.61 31.07
CA VAL C 320 -6.71 -8.28 31.40
C VAL C 320 -7.50 -8.49 30.13
N ILE C 321 -6.87 -8.17 29.00
CA ILE C 321 -7.45 -8.33 27.68
C ILE C 321 -6.74 -9.48 26.99
N ALA C 322 -7.47 -10.35 26.31
CA ALA C 322 -6.85 -11.49 25.64
C ALA C 322 -5.78 -10.98 24.69
N PHE C 323 -6.16 -10.09 23.79
CA PHE C 323 -5.19 -9.55 22.84
C PHE C 323 -5.29 -8.05 22.73
N SER C 324 -4.24 -7.36 23.15
CA SER C 324 -4.23 -5.90 23.05
C SER C 324 -4.11 -5.54 21.55
N VAL C 325 -4.38 -4.28 21.21
CA VAL C 325 -4.33 -3.83 19.82
C VAL C 325 -3.08 -4.24 19.04
N ASP C 326 -1.91 -4.11 19.65
CA ASP C 326 -0.69 -4.47 18.96
C ASP C 326 -0.57 -5.95 18.63
N ARG C 327 -1.41 -6.79 19.24
CA ARG C 327 -1.38 -8.24 18.98
C ARG C 327 -2.67 -8.70 18.32
N ALA C 328 -3.69 -7.86 18.38
CA ALA C 328 -5.00 -8.15 17.80
C ALA C 328 -4.93 -8.49 16.31
N THR D 6 7.56 19.26 16.53
CA THR D 6 7.79 18.03 15.73
C THR D 6 7.41 16.74 16.46
N TYR D 7 6.78 16.89 17.63
CA TYR D 7 6.34 15.74 18.43
C TYR D 7 4.98 16.01 19.07
N TYR D 8 4.16 14.97 19.20
CA TYR D 8 2.84 15.11 19.80
C TYR D 8 2.77 14.57 21.23
N SER D 9 1.98 15.25 22.05
CA SER D 9 1.78 14.92 23.45
C SER D 9 1.74 13.43 23.75
N ASN D 10 0.72 12.76 23.24
CA ASN D 10 0.58 11.33 23.50
C ASN D 10 1.63 10.49 22.77
N ASP D 11 2.58 11.17 22.13
CA ASP D 11 3.64 10.47 21.45
C ASP D 11 4.95 10.67 22.23
N PHE D 12 4.86 11.38 23.35
CA PHE D 12 6.01 11.63 24.21
C PHE D 12 6.44 10.30 24.80
N ARG D 13 7.72 10.16 25.09
CA ARG D 13 8.23 8.90 25.64
C ARG D 13 9.56 9.12 26.33
N ALA D 14 9.74 8.45 27.47
CA ALA D 14 10.96 8.57 28.25
C ALA D 14 12.19 8.73 27.38
N GLY D 15 12.98 9.77 27.64
CA GLY D 15 14.18 10.00 26.86
C GLY D 15 14.05 11.09 25.82
N LEU D 16 12.83 11.32 25.36
CA LEU D 16 12.59 12.35 24.36
C LEU D 16 12.99 13.72 24.92
N LYS D 17 13.80 14.44 24.16
CA LYS D 17 14.26 15.76 24.58
C LYS D 17 13.43 16.83 23.90
N ILE D 18 12.60 17.51 24.67
CA ILE D 18 11.72 18.54 24.14
C ILE D 18 11.96 19.94 24.72
N MET D 19 11.38 20.95 24.09
CA MET D 19 11.49 22.34 24.52
C MET D 19 10.18 22.84 25.11
N LEU D 20 10.25 23.50 26.26
CA LEU D 20 9.06 24.07 26.91
C LEU D 20 9.38 25.44 27.49
N ASP D 21 8.95 26.49 26.78
CA ASP D 21 9.20 27.87 27.20
C ASP D 21 10.70 28.17 27.25
N GLY D 22 11.42 27.79 26.21
CA GLY D 22 12.85 28.06 26.16
C GLY D 22 13.77 27.10 26.90
N GLU D 23 13.25 26.41 27.92
CA GLU D 23 14.07 25.48 28.68
C GLU D 23 13.94 24.05 28.15
N PRO D 24 15.03 23.27 28.20
CA PRO D 24 15.01 21.88 27.73
C PRO D 24 14.52 20.91 28.80
N TYR D 25 13.72 19.92 28.40
CA TYR D 25 13.21 18.92 29.34
C TYR D 25 13.39 17.53 28.77
N ALA D 26 13.47 16.54 29.66
CA ALA D 26 13.61 15.16 29.24
C ALA D 26 12.42 14.41 29.80
N VAL D 27 11.69 13.71 28.94
CA VAL D 27 10.52 12.96 29.34
C VAL D 27 10.89 11.71 30.12
N GLU D 28 10.15 11.48 31.20
CA GLU D 28 10.37 10.32 32.05
C GLU D 28 9.21 9.34 31.87
N ALA D 29 8.00 9.89 31.80
CA ALA D 29 6.78 9.09 31.63
C ALA D 29 5.63 9.93 31.08
N SER D 30 4.79 9.30 30.27
CA SER D 30 3.65 9.97 29.67
C SER D 30 2.43 9.07 29.83
N GLU D 31 1.30 9.64 30.25
CA GLU D 31 0.09 8.86 30.49
C GLU D 31 -1.16 9.45 29.82
N PHE D 32 -1.84 8.66 28.99
CA PHE D 32 -3.04 9.14 28.32
C PHE D 32 -4.18 9.30 29.32
N VAL D 33 -4.78 10.48 29.39
CA VAL D 33 -5.89 10.71 30.31
C VAL D 33 -7.07 11.33 29.56
N LYS D 34 -8.26 10.79 29.80
CA LYS D 34 -9.48 11.30 29.16
C LYS D 34 -10.65 10.88 30.01
N PRO D 35 -11.16 11.78 30.85
CA PRO D 35 -12.30 11.54 31.75
C PRO D 35 -13.64 11.55 31.03
N GLY D 36 -14.68 11.16 31.76
CA GLY D 36 -16.02 11.15 31.20
C GLY D 36 -16.42 12.53 30.69
N LYS D 37 -16.92 12.56 29.45
CA LYS D 37 -17.34 13.79 28.80
C LYS D 37 -16.22 14.85 28.73
N GLY D 38 -14.99 14.45 28.99
CA GLY D 38 -13.89 15.41 28.94
C GLY D 38 -12.99 15.17 27.75
N GLN D 39 -12.17 16.15 27.40
CA GLN D 39 -11.27 15.99 26.26
C GLN D 39 -10.06 15.12 26.63
N ALA D 40 -9.25 14.79 25.64
CA ALA D 40 -8.09 13.94 25.88
C ALA D 40 -6.83 14.74 26.22
N PHE D 41 -6.07 14.21 27.17
CA PHE D 41 -4.83 14.83 27.61
C PHE D 41 -3.67 13.84 27.63
N ALA D 42 -2.50 14.39 27.90
CA ALA D 42 -1.25 13.65 28.00
C ALA D 42 -0.57 14.15 29.28
N ARG D 43 -0.77 13.43 30.39
CA ARG D 43 -0.18 13.81 31.68
C ARG D 43 1.23 13.26 31.69
N VAL D 44 2.22 14.14 31.60
CA VAL D 44 3.60 13.64 31.56
C VAL D 44 4.60 14.15 32.61
N LYS D 45 5.55 13.28 32.95
CA LYS D 45 6.59 13.58 33.92
C LYS D 45 7.88 13.94 33.19
N LEU D 46 8.44 15.08 33.54
CA LEU D 46 9.67 15.54 32.90
C LEU D 46 10.74 15.97 33.88
N ARG D 47 11.96 16.06 33.38
CA ARG D 47 13.06 16.52 34.20
C ARG D 47 13.51 17.85 33.65
N ARG D 48 13.40 18.90 34.47
CA ARG D 48 13.81 20.23 34.06
C ARG D 48 15.34 20.14 34.00
N LEU D 49 15.86 19.93 32.80
CA LEU D 49 17.28 19.74 32.58
C LEU D 49 18.20 20.85 33.06
N LEU D 50 17.67 22.05 33.27
CA LEU D 50 18.52 23.14 33.76
C LEU D 50 18.65 23.14 35.29
N THR D 51 17.71 22.50 35.96
CA THR D 51 17.72 22.48 37.43
C THR D 51 17.67 21.07 38.04
N GLY D 52 18.00 20.05 37.24
CA GLY D 52 17.98 18.68 37.74
C GLY D 52 16.72 18.35 38.54
N THR D 53 15.69 19.15 38.35
CA THR D 53 14.41 19.00 39.05
C THR D 53 13.39 18.10 38.32
N ARG D 54 12.41 17.62 39.08
CA ARG D 54 11.34 16.78 38.54
C ARG D 54 10.17 17.74 38.31
N VAL D 55 9.26 17.38 37.42
CA VAL D 55 8.12 18.24 37.14
C VAL D 55 7.04 17.48 36.39
N GLU D 56 5.80 17.86 36.64
CA GLU D 56 4.65 17.22 36.01
C GLU D 56 3.68 18.23 35.39
N LYS D 57 3.29 17.99 34.15
CA LYS D 57 2.34 18.88 33.49
C LYS D 57 1.39 18.18 32.53
N THR D 58 0.27 18.83 32.27
CA THR D 58 -0.76 18.30 31.39
C THR D 58 -0.79 19.01 30.04
N PHE D 59 -0.94 18.24 28.96
CA PHE D 59 -1.02 18.77 27.62
C PHE D 59 -2.32 18.28 26.99
N LYS D 60 -2.86 19.01 26.02
CA LYS D 60 -4.06 18.55 25.33
C LYS D 60 -3.47 17.48 24.41
N SER D 61 -4.23 16.45 24.07
CA SER D 61 -3.72 15.41 23.19
C SER D 61 -3.23 16.01 21.88
N THR D 62 -3.81 17.14 21.52
CA THR D 62 -3.48 17.84 20.28
C THR D 62 -2.19 18.63 20.37
N ASP D 63 -1.84 19.09 21.57
CA ASP D 63 -0.63 19.88 21.80
C ASP D 63 0.63 19.18 21.35
N SER D 64 1.58 19.97 20.86
CA SER D 64 2.85 19.45 20.38
C SER D 64 4.01 20.16 21.08
N ALA D 65 5.20 19.59 20.95
CA ALA D 65 6.39 20.15 21.56
C ALA D 65 7.52 20.06 20.55
N GLU D 66 8.32 21.12 20.47
CA GLU D 66 9.44 21.13 19.53
C GLU D 66 10.62 20.36 20.12
N GLY D 67 11.29 19.58 19.28
CA GLY D 67 12.43 18.83 19.76
C GLY D 67 13.44 19.74 20.43
N ALA D 68 14.35 19.13 21.19
CA ALA D 68 15.37 19.90 21.87
C ALA D 68 16.70 19.18 21.63
N ASP D 69 17.72 19.96 21.29
CA ASP D 69 19.04 19.39 21.03
C ASP D 69 19.75 19.18 22.36
N VAL D 70 19.58 17.98 22.91
CA VAL D 70 20.19 17.60 24.18
C VAL D 70 20.83 16.23 24.02
N VAL D 71 22.13 16.14 24.31
CA VAL D 71 22.85 14.87 24.20
C VAL D 71 23.97 14.77 25.24
N ASP D 72 24.22 13.57 25.75
CA ASP D 72 25.31 13.40 26.71
C ASP D 72 26.58 13.21 25.90
N MET D 73 27.71 13.14 26.58
CA MET D 73 28.99 12.99 25.89
C MET D 73 30.17 12.88 26.87
N ASN D 74 31.03 11.90 26.65
CA ASN D 74 32.19 11.70 27.53
C ASN D 74 33.28 12.69 27.18
N LEU D 75 33.74 13.41 28.20
CA LEU D 75 34.80 14.41 28.05
C LEU D 75 35.71 14.24 29.26
N THR D 76 36.97 14.65 29.12
CA THR D 76 37.90 14.55 30.24
C THR D 76 38.19 15.92 30.81
N TYR D 77 37.87 16.12 32.09
CA TYR D 77 38.12 17.39 32.75
C TYR D 77 39.62 17.69 32.79
N LEU D 78 39.98 18.91 32.41
CA LEU D 78 41.38 19.29 32.40
C LEU D 78 41.71 20.27 33.50
N TYR D 79 41.00 21.38 33.57
CA TYR D 79 41.29 22.37 34.60
C TYR D 79 40.21 23.46 34.75
N ASN D 80 40.36 24.25 35.80
CA ASN D 80 39.44 25.34 36.13
C ASN D 80 40.27 26.62 36.20
N ASP D 81 39.69 27.76 35.84
CA ASP D 81 40.45 29.01 35.91
C ASP D 81 39.64 30.23 36.36
N GLY D 82 38.63 29.99 37.19
CA GLY D 82 37.82 31.09 37.70
C GLY D 82 36.71 31.56 36.78
N GLU D 83 36.82 31.23 35.50
CA GLU D 83 35.82 31.62 34.53
C GLU D 83 35.09 30.39 33.97
N PHE D 84 35.85 29.43 33.46
CA PHE D 84 35.29 28.22 32.89
C PHE D 84 35.99 26.94 33.39
N TRP D 85 35.26 25.84 33.42
CA TRP D 85 35.83 24.54 33.78
C TRP D 85 36.11 23.95 32.40
N HIS D 86 37.34 23.53 32.16
CA HIS D 86 37.69 23.02 30.85
C HIS D 86 37.74 21.50 30.67
N PHE D 87 37.01 21.03 29.66
CA PHE D 87 36.95 19.61 29.33
C PHE D 87 37.45 19.44 27.90
N MET D 88 37.75 18.20 27.55
CA MET D 88 38.23 17.93 26.20
C MET D 88 37.63 16.69 25.55
N ASN D 89 37.30 16.84 24.26
CA ASN D 89 36.75 15.79 23.43
C ASN D 89 37.90 14.85 23.09
N ASN D 90 37.84 13.62 23.57
CA ASN D 90 38.91 12.67 23.28
C ASN D 90 38.90 12.25 21.80
N GLU D 91 37.73 12.32 21.18
CA GLU D 91 37.61 11.96 19.77
C GLU D 91 37.98 13.10 18.82
N THR D 92 37.22 14.20 18.90
CA THR D 92 37.41 15.36 18.04
C THR D 92 38.67 16.15 18.33
N PHE D 93 39.21 16.02 19.54
CA PHE D 93 40.40 16.76 19.95
C PHE D 93 40.04 18.21 20.31
N GLU D 94 38.75 18.54 20.24
CA GLU D 94 38.26 19.88 20.58
C GLU D 94 37.83 19.95 22.04
N GLN D 95 37.76 21.16 22.58
CA GLN D 95 37.36 21.33 23.98
C GLN D 95 36.12 22.18 24.16
N LEU D 96 35.49 21.99 25.32
CA LEU D 96 34.30 22.74 25.67
C LEU D 96 34.55 23.37 27.02
N SER D 97 33.82 24.43 27.32
CA SER D 97 33.96 25.12 28.57
C SER D 97 32.59 25.19 29.23
N ALA D 98 32.52 24.82 30.50
CA ALA D 98 31.26 24.84 31.23
C ALA D 98 31.39 25.87 32.35
N ASP D 99 30.36 26.71 32.50
CA ASP D 99 30.39 27.71 33.56
C ASP D 99 30.00 27.06 34.88
N ALA D 100 29.97 27.85 35.94
CA ALA D 100 29.67 27.34 37.27
C ALA D 100 28.25 26.83 37.46
N LYS D 101 27.36 27.19 36.55
CA LYS D 101 25.97 26.74 36.63
C LYS D 101 25.91 25.28 36.19
N ALA D 102 26.63 24.99 35.10
CA ALA D 102 26.71 23.65 34.55
C ALA D 102 27.42 22.69 35.51
N ILE D 103 28.54 23.15 36.05
CA ILE D 103 29.31 22.35 36.99
C ILE D 103 28.44 22.06 38.21
N GLY D 104 27.47 22.93 38.42
CA GLY D 104 26.57 22.77 39.54
C GLY D 104 27.34 22.53 40.82
N ASP D 105 26.97 21.47 41.55
CA ASP D 105 27.62 21.15 42.81
C ASP D 105 28.64 20.02 42.72
N ASN D 106 29.20 19.78 41.54
CA ASN D 106 30.19 18.73 41.37
C ASN D 106 31.61 19.23 41.21
N ALA D 107 31.81 20.54 41.37
CA ALA D 107 33.14 21.13 41.22
C ALA D 107 34.14 20.48 42.15
N LYS D 108 33.68 20.18 43.36
CA LYS D 108 34.54 19.58 44.35
C LYS D 108 34.87 18.11 44.12
N TRP D 109 34.58 17.57 42.94
CA TRP D 109 34.87 16.17 42.66
C TRP D 109 35.71 16.01 41.40
N LEU D 110 36.00 17.13 40.74
CA LEU D 110 36.77 17.13 39.50
C LEU D 110 38.28 17.11 39.71
N LEU D 111 38.93 16.07 39.22
CA LEU D 111 40.38 15.94 39.33
C LEU D 111 40.97 15.78 37.93
N ASP D 112 41.89 16.67 37.58
CA ASP D 112 42.57 16.62 36.29
C ASP D 112 42.60 15.19 35.72
N GLN D 113 42.09 15.03 34.50
CA GLN D 113 42.07 13.74 33.81
C GLN D 113 40.84 12.83 34.01
N ALA D 114 39.84 13.30 34.76
CA ALA D 114 38.65 12.48 35.02
C ALA D 114 37.70 12.41 33.83
N GLU D 115 37.17 11.21 33.58
CA GLU D 115 36.22 11.02 32.49
C GLU D 115 34.90 11.52 33.07
N CYS D 116 34.23 12.39 32.33
CA CYS D 116 32.97 12.95 32.81
C CYS D 116 31.83 12.90 31.80
N ILE D 117 30.62 12.71 32.28
CA ILE D 117 29.46 12.70 31.39
C ILE D 117 28.91 14.11 31.36
N VAL D 118 29.15 14.78 30.24
CA VAL D 118 28.72 16.15 30.06
C VAL D 118 27.45 16.24 29.20
N THR D 119 26.36 16.74 29.79
CA THR D 119 25.10 16.90 29.08
C THR D 119 25.15 18.23 28.32
N LEU D 120 25.08 18.14 26.99
CA LEU D 120 25.14 19.33 26.15
C LEU D 120 23.79 19.75 25.56
N TRP D 121 23.55 21.06 25.54
CA TRP D 121 22.32 21.60 24.98
C TRP D 121 22.70 22.66 23.95
N ASN D 122 22.48 22.35 22.69
CA ASN D 122 22.82 23.25 21.60
C ASN D 122 24.34 23.42 21.56
N GLY D 123 25.05 22.36 21.96
CA GLY D 123 26.50 22.39 21.97
C GLY D 123 27.08 22.65 23.35
N GLN D 124 26.67 23.76 23.94
CA GLN D 124 27.12 24.16 25.26
C GLN D 124 26.70 23.13 26.32
N PRO D 125 27.47 23.02 27.41
CA PRO D 125 27.16 22.08 28.50
C PRO D 125 26.19 22.69 29.52
N ILE D 126 25.30 21.87 30.05
CA ILE D 126 24.31 22.34 31.02
C ILE D 126 24.39 21.57 32.34
N SER D 127 25.16 20.49 32.35
CA SER D 127 25.33 19.70 33.57
C SER D 127 26.54 18.78 33.41
N VAL D 128 27.16 18.44 34.53
CA VAL D 128 28.33 17.58 34.49
C VAL D 128 28.23 16.46 35.51
N THR D 129 28.59 15.26 35.09
CA THR D 129 28.55 14.11 35.99
C THR D 129 29.97 13.59 36.11
N PRO D 130 30.51 13.57 37.33
CA PRO D 130 31.87 13.08 37.55
C PRO D 130 31.85 11.56 37.69
N PRO D 131 33.03 10.93 37.78
CA PRO D 131 33.06 9.48 37.92
C PRO D 131 32.37 9.08 39.22
N ASN D 132 31.77 7.89 39.24
CA ASN D 132 31.07 7.41 40.43
C ASN D 132 31.98 7.39 41.65
N PHE D 133 33.24 7.07 41.41
CA PHE D 133 34.24 7.00 42.46
C PHE D 133 35.49 7.77 42.07
N VAL D 134 35.97 8.63 42.96
CA VAL D 134 37.19 9.38 42.69
C VAL D 134 38.19 9.07 43.79
N GLU D 135 39.47 9.25 43.47
CA GLU D 135 40.56 9.00 44.41
C GLU D 135 41.27 10.34 44.66
N LEU D 136 41.03 10.90 45.84
CA LEU D 136 41.59 12.20 46.23
C LEU D 136 42.41 12.14 47.49
N GLU D 137 43.44 12.98 47.54
CA GLU D 137 44.31 13.04 48.71
C GLU D 137 43.75 13.94 49.80
N ILE D 138 44.08 13.61 51.05
CA ILE D 138 43.64 14.42 52.18
C ILE D 138 44.69 15.49 52.46
N VAL D 139 44.37 16.74 52.22
CA VAL D 139 45.32 17.83 52.45
C VAL D 139 45.20 18.47 53.83
N ASP D 140 44.23 18.04 54.62
CA ASP D 140 44.08 18.58 55.98
C ASP D 140 43.00 17.91 56.81
N THR D 141 43.38 17.49 58.00
CA THR D 141 42.49 16.83 58.95
C THR D 141 43.31 16.57 60.21
N ASP D 142 42.64 16.39 61.34
CA ASP D 142 43.33 16.17 62.60
C ASP D 142 43.04 14.79 63.14
N PRO D 143 43.92 14.25 64.01
CA PRO D 143 43.81 12.92 64.62
C PRO D 143 42.39 12.43 64.87
N GLY D 154 33.10 9.72 62.67
CA GLY D 154 34.49 10.01 62.40
C GLY D 154 34.87 11.47 62.52
N LYS D 155 35.70 11.96 61.59
CA LYS D 155 36.13 13.34 61.61
C LYS D 155 36.15 13.97 60.24
N PRO D 156 35.94 15.29 60.18
CA PRO D 156 35.94 16.02 58.90
C PRO D 156 37.34 16.03 58.32
N ALA D 157 37.41 15.90 57.00
CA ALA D 157 38.69 15.88 56.29
C ALA D 157 38.56 16.73 55.04
N THR D 158 39.65 17.42 54.70
CA THR D 158 39.61 18.27 53.53
C THR D 158 40.41 17.64 52.40
N LEU D 159 39.81 17.55 51.22
CA LEU D 159 40.46 16.93 50.08
C LEU D 159 41.24 17.91 49.21
N SER D 160 42.05 17.41 48.29
CA SER D 160 42.83 18.30 47.46
C SER D 160 41.95 19.20 46.62
N THR D 161 40.68 18.83 46.51
CA THR D 161 39.71 19.58 45.71
C THR D 161 38.96 20.61 46.55
N GLY D 162 39.17 20.57 47.85
CA GLY D 162 38.48 21.51 48.71
C GLY D 162 37.25 20.87 49.32
N ALA D 163 36.92 19.68 48.83
CA ALA D 163 35.77 18.96 49.35
C ALA D 163 36.01 18.48 50.77
N VAL D 164 35.00 18.61 51.61
CA VAL D 164 35.09 18.18 53.00
C VAL D 164 34.27 16.91 53.17
N VAL D 165 34.94 15.84 53.57
CA VAL D 165 34.30 14.55 53.75
C VAL D 165 34.59 13.97 55.12
N LYS D 166 33.70 13.12 55.60
CA LYS D 166 33.90 12.48 56.89
C LYS D 166 34.69 11.19 56.66
N VAL D 167 35.76 11.03 57.42
CA VAL D 167 36.59 9.84 57.31
C VAL D 167 36.86 9.27 58.69
N PRO D 168 37.38 8.04 58.75
CA PRO D 168 37.68 7.41 60.04
C PRO D 168 38.76 8.21 60.79
N LEU D 169 38.75 8.14 62.12
CA LEU D 169 39.72 8.88 62.92
C LEU D 169 41.17 8.50 62.65
N PHE D 170 41.41 7.27 62.20
CA PHE D 170 42.79 6.84 61.94
C PHE D 170 43.33 7.21 60.57
N VAL D 171 42.66 8.11 59.86
CA VAL D 171 43.14 8.52 58.55
C VAL D 171 43.80 9.89 58.72
N GLN D 172 44.99 10.03 58.15
CA GLN D 172 45.73 11.29 58.29
C GLN D 172 45.99 11.97 56.97
N ILE D 173 46.54 13.18 57.05
CA ILE D 173 46.87 13.96 55.88
C ILE D 173 47.84 13.14 55.04
N GLY D 174 47.90 13.45 53.74
CA GLY D 174 48.80 12.72 52.86
C GLY D 174 48.23 11.43 52.32
N GLU D 175 47.30 10.81 53.07
CA GLU D 175 46.69 9.58 52.62
C GLU D 175 45.61 9.85 51.56
N VAL D 176 45.55 8.99 50.55
CA VAL D 176 44.57 9.12 49.49
C VAL D 176 43.41 8.18 49.76
N ILE D 177 42.19 8.68 49.54
CA ILE D 177 40.99 7.88 49.78
C ILE D 177 40.09 7.92 48.56
N LYS D 178 39.12 7.01 48.54
CA LYS D 178 38.18 6.94 47.45
C LYS D 178 36.83 7.36 48.02
N VAL D 179 36.15 8.25 47.31
CA VAL D 179 34.84 8.70 47.77
C VAL D 179 33.82 8.43 46.67
N ASP D 180 32.57 8.29 47.10
CA ASP D 180 31.47 8.06 46.17
C ASP D 180 30.90 9.44 45.93
N THR D 181 31.09 9.94 44.70
CA THR D 181 30.61 11.27 44.33
C THR D 181 29.10 11.42 44.33
N ARG D 182 28.36 10.32 44.47
CA ARG D 182 26.90 10.40 44.49
C ARG D 182 26.37 10.70 45.89
N SER D 183 27.00 10.12 46.91
CA SER D 183 26.61 10.33 48.29
C SER D 183 27.65 11.16 49.04
N GLY D 184 28.76 11.46 48.36
CA GLY D 184 29.82 12.23 48.97
C GLY D 184 30.42 11.59 50.23
N GLU D 185 30.39 10.27 50.28
CA GLU D 185 30.92 9.55 51.42
C GLU D 185 32.25 8.87 51.17
N TYR D 186 33.02 8.71 52.23
CA TYR D 186 34.31 8.04 52.19
C TYR D 186 34.01 6.59 51.90
N VAL D 187 34.71 5.99 50.96
CA VAL D 187 34.46 4.58 50.65
C VAL D 187 35.54 3.68 51.19
N SER D 188 36.79 4.06 50.94
CA SER D 188 37.95 3.30 51.42
C SER D 188 39.25 4.04 51.15
N ARG D 189 40.37 3.44 51.56
CA ARG D 189 41.68 4.03 51.34
C ARG D 189 42.27 3.46 50.07
N VAL D 190 43.26 4.16 49.51
CA VAL D 190 43.91 3.75 48.27
C VAL D 190 45.43 3.56 48.42
N GLU E 6 -17.71 3.87 -30.11
CA GLU E 6 -16.59 3.77 -29.15
C GLU E 6 -16.76 4.70 -27.95
N THR E 7 -16.00 4.45 -26.88
CA THR E 7 -16.07 5.25 -25.68
C THR E 7 -15.09 6.43 -25.77
N ALA E 8 -15.41 7.52 -25.07
CA ALA E 8 -14.58 8.72 -25.06
C ALA E 8 -13.09 8.40 -25.01
N SER E 9 -12.32 9.01 -25.90
CA SER E 9 -10.89 8.77 -25.98
C SER E 9 -10.10 8.81 -24.67
N TRP E 10 -10.42 9.75 -23.78
CA TRP E 10 -9.69 9.84 -22.54
C TRP E 10 -9.76 8.54 -21.75
N GLN E 11 -10.87 7.82 -21.92
CA GLN E 11 -11.04 6.56 -21.20
C GLN E 11 -10.03 5.52 -21.59
N PRO E 12 -9.78 4.55 -20.70
CA PRO E 12 -8.83 3.48 -20.99
C PRO E 12 -9.54 2.48 -21.90
N SER E 13 -8.79 1.84 -22.79
CA SER E 13 -9.37 0.88 -23.71
C SER E 13 -9.63 -0.47 -23.04
N ALA E 14 -9.16 -0.63 -21.82
CA ALA E 14 -9.39 -1.89 -21.12
C ALA E 14 -10.32 -1.67 -19.93
N SER E 15 -11.21 -2.63 -19.69
CA SER E 15 -12.14 -2.56 -18.57
C SER E 15 -11.33 -2.69 -17.29
N ILE E 16 -11.83 -2.09 -16.21
CA ILE E 16 -11.17 -2.19 -14.92
C ILE E 16 -11.09 -3.65 -14.51
N PRO E 17 -12.16 -4.40 -14.74
CA PRO E 17 -12.14 -5.83 -14.36
C PRO E 17 -11.01 -6.58 -15.07
N ASN E 18 -10.69 -6.18 -16.29
CA ASN E 18 -9.63 -6.83 -17.05
C ASN E 18 -8.23 -6.48 -16.55
N LEU E 19 -7.99 -5.20 -16.22
CA LEU E 19 -6.68 -4.79 -15.73
C LEU E 19 -6.40 -5.52 -14.42
N LEU E 20 -7.47 -5.71 -13.66
CA LEU E 20 -7.46 -6.39 -12.38
C LEU E 20 -7.02 -7.85 -12.55
N LYS E 21 -7.64 -8.54 -13.48
CA LYS E 21 -7.28 -9.94 -13.75
C LYS E 21 -5.92 -10.02 -14.44
N ARG E 22 -5.60 -8.99 -15.23
CA ARG E 22 -4.33 -8.96 -15.93
C ARG E 22 -3.25 -9.05 -14.85
N ALA E 23 -3.23 -8.06 -13.97
CA ALA E 23 -2.27 -8.03 -12.89
C ALA E 23 -2.21 -9.40 -12.18
N ALA E 24 -3.33 -10.12 -12.21
CA ALA E 24 -3.40 -11.43 -11.57
C ALA E 24 -2.54 -12.43 -12.35
N ILE E 25 -2.69 -12.40 -13.66
CA ILE E 25 -1.93 -13.28 -14.54
C ILE E 25 -0.43 -12.94 -14.48
N MET E 26 -0.11 -11.65 -14.47
CA MET E 26 1.27 -11.21 -14.38
C MET E 26 1.94 -11.80 -13.14
N ALA E 27 1.24 -11.75 -12.00
CA ALA E 27 1.80 -12.30 -10.78
C ALA E 27 1.86 -13.82 -10.90
N GLU E 28 0.89 -14.40 -11.57
CA GLU E 28 0.86 -15.84 -11.76
C GLU E 28 2.14 -16.25 -12.50
N ILE E 29 2.55 -15.41 -13.46
CA ILE E 29 3.75 -15.68 -14.24
C ILE E 29 5.02 -15.54 -13.40
N ARG E 30 5.12 -14.44 -12.65
CA ARG E 30 6.28 -14.24 -11.80
C ARG E 30 6.41 -15.42 -10.83
N ARG E 31 5.30 -15.83 -10.22
CA ARG E 31 5.34 -16.95 -9.29
C ARG E 31 5.88 -18.20 -9.99
N PHE E 32 5.45 -18.42 -11.21
CA PHE E 32 5.87 -19.58 -12.00
C PHE E 32 7.40 -19.67 -12.11
N PHE E 33 8.05 -18.53 -12.34
CA PHE E 33 9.50 -18.51 -12.47
C PHE E 33 10.21 -18.52 -11.11
N ALA E 34 9.62 -17.85 -10.13
CA ALA E 34 10.20 -17.83 -8.79
C ALA E 34 10.34 -19.26 -8.29
N ASP E 35 9.33 -20.08 -8.56
CA ASP E 35 9.32 -21.48 -8.16
C ASP E 35 10.36 -22.31 -8.91
N ARG E 36 10.68 -21.90 -10.14
CA ARG E 36 11.64 -22.63 -10.95
C ARG E 36 13.04 -22.05 -10.90
N GLY E 37 13.26 -21.13 -9.96
CA GLY E 37 14.56 -20.52 -9.78
C GLY E 37 15.10 -19.71 -10.95
N VAL E 38 14.21 -19.17 -11.77
CA VAL E 38 14.59 -18.36 -12.91
C VAL E 38 14.56 -16.91 -12.43
N LEU E 39 15.68 -16.22 -12.57
CA LEU E 39 15.85 -14.83 -12.14
C LEU E 39 15.24 -13.73 -13.01
N GLU E 40 14.48 -12.82 -12.41
CA GLU E 40 13.90 -11.72 -13.17
C GLU E 40 14.98 -10.68 -13.39
N VAL E 41 15.06 -10.19 -14.61
CA VAL E 41 16.07 -9.24 -14.98
C VAL E 41 15.38 -8.09 -15.72
N GLU E 42 15.93 -6.89 -15.64
CA GLU E 42 15.35 -5.74 -16.36
C GLU E 42 16.42 -5.15 -17.27
N THR E 43 16.20 -5.21 -18.58
CA THR E 43 17.18 -4.62 -19.49
C THR E 43 16.62 -3.36 -20.14
N PRO E 44 17.48 -2.57 -20.80
CA PRO E 44 17.10 -1.31 -21.45
C PRO E 44 16.09 -1.33 -22.60
N CYS E 45 15.32 -0.25 -22.70
CA CYS E 45 14.33 -0.11 -23.76
C CYS E 45 14.95 0.63 -24.92
N MET E 46 16.08 1.28 -24.66
CA MET E 46 16.79 2.04 -25.67
C MET E 46 18.22 1.52 -25.83
N SER E 47 18.69 1.45 -27.07
CA SER E 47 20.02 0.96 -27.37
C SER E 47 20.69 1.72 -28.51
N GLN E 48 22.01 1.65 -28.55
CA GLN E 48 22.79 2.30 -29.59
C GLN E 48 22.69 1.49 -30.87
N ALA E 49 22.29 0.23 -30.73
CA ALA E 49 22.17 -0.68 -31.86
C ALA E 49 20.74 -1.19 -31.96
N THR E 50 20.38 -1.67 -33.14
CA THR E 50 19.04 -2.20 -33.36
C THR E 50 19.16 -3.56 -34.03
N VAL E 51 18.10 -4.06 -34.67
CA VAL E 51 18.23 -5.39 -35.28
C VAL E 51 18.29 -5.36 -36.78
N THR E 52 18.72 -6.48 -37.38
CA THR E 52 18.81 -6.56 -38.83
C THR E 52 17.63 -7.34 -39.41
N ASP E 53 16.89 -8.05 -38.57
CA ASP E 53 15.74 -8.83 -39.02
C ASP E 53 14.97 -8.09 -40.09
N ILE E 54 14.98 -8.66 -41.28
CA ILE E 54 14.34 -8.06 -42.43
C ILE E 54 12.97 -7.43 -42.24
N HIS E 55 12.01 -8.17 -41.67
CA HIS E 55 10.66 -7.64 -41.56
C HIS E 55 10.32 -6.81 -40.34
N LEU E 56 11.32 -6.49 -39.54
CA LEU E 56 11.08 -5.68 -38.38
C LEU E 56 11.51 -4.25 -38.69
N VAL E 57 10.78 -3.29 -38.15
CA VAL E 57 11.13 -1.88 -38.34
C VAL E 57 11.06 -1.26 -36.95
N PRO E 58 12.20 -0.81 -36.42
CA PRO E 58 12.27 -0.21 -35.10
C PRO E 58 12.00 1.27 -35.02
N PHE E 59 11.67 1.72 -33.81
CA PHE E 59 11.44 3.13 -33.56
C PHE E 59 12.81 3.73 -33.38
N GLU E 60 12.93 4.99 -33.76
CA GLU E 60 14.18 5.69 -33.62
C GLU E 60 13.90 6.93 -32.79
N THR E 61 14.86 7.32 -31.97
CA THR E 61 14.71 8.51 -31.16
C THR E 61 16.10 9.07 -31.06
N ARG E 62 16.23 10.29 -30.53
CA ARG E 62 17.54 10.88 -30.43
C ARG E 62 17.84 11.40 -29.04
N PHE E 63 18.94 10.91 -28.48
CA PHE E 63 19.37 11.31 -27.15
C PHE E 63 20.38 12.43 -27.25
N VAL E 64 20.13 13.52 -26.54
CA VAL E 64 21.07 14.60 -26.56
C VAL E 64 21.58 14.76 -25.13
N GLY E 65 22.88 14.99 -25.00
CA GLY E 65 23.49 15.14 -23.69
C GLY E 65 23.07 16.41 -22.98
N PRO E 66 23.44 16.56 -21.71
CA PRO E 66 23.09 17.74 -20.92
C PRO E 66 23.62 19.02 -21.55
N GLY E 67 22.93 20.12 -21.33
CA GLY E 67 23.37 21.39 -21.89
C GLY E 67 23.23 21.51 -23.39
N HIS E 68 22.43 20.62 -23.98
CA HIS E 68 22.17 20.64 -25.42
C HIS E 68 23.45 20.41 -26.23
N SER E 69 24.42 19.71 -25.63
CA SER E 69 25.71 19.43 -26.28
C SER E 69 25.58 18.82 -27.69
N GLN E 70 25.55 17.49 -27.78
CA GLN E 70 25.40 16.81 -29.08
C GLN E 70 24.53 15.57 -28.92
N GLY E 71 23.94 15.12 -30.02
CA GLY E 71 23.06 13.97 -29.98
C GLY E 71 23.70 12.59 -30.11
N MET E 72 22.83 11.59 -30.24
CA MET E 72 23.21 10.19 -30.38
C MET E 72 21.92 9.44 -30.65
N ASN E 73 21.78 8.85 -31.82
CA ASN E 73 20.56 8.11 -32.16
C ASN E 73 20.39 6.85 -31.32
N LEU E 74 19.16 6.58 -30.91
CA LEU E 74 18.85 5.40 -30.14
C LEU E 74 17.66 4.73 -30.81
N TRP E 75 17.53 3.43 -30.60
CA TRP E 75 16.42 2.69 -31.18
C TRP E 75 15.71 2.03 -30.01
N LEU E 76 14.40 1.90 -30.12
CA LEU E 76 13.72 1.24 -29.03
C LEU E 76 13.87 -0.24 -29.33
N MET E 77 14.00 -1.04 -28.29
CA MET E 77 14.17 -2.47 -28.44
C MET E 77 12.91 -3.16 -28.96
N THR E 78 13.09 -3.99 -29.97
CA THR E 78 12.01 -4.74 -30.57
C THR E 78 11.83 -6.03 -29.76
N SER E 79 12.82 -6.32 -28.93
CA SER E 79 12.83 -7.51 -28.07
C SER E 79 13.99 -7.35 -27.10
N PRO E 80 13.94 -7.99 -25.93
CA PRO E 80 15.06 -7.85 -25.00
C PRO E 80 16.21 -8.82 -25.26
N GLU E 81 16.05 -9.68 -26.26
CA GLU E 81 17.07 -10.68 -26.58
C GLU E 81 18.58 -10.35 -26.50
N TYR E 82 19.06 -9.35 -27.22
CA TYR E 82 20.50 -9.07 -27.18
C TYR E 82 21.07 -8.81 -25.80
N HIS E 83 20.38 -8.00 -24.99
CA HIS E 83 20.86 -7.72 -23.65
C HIS E 83 20.76 -8.97 -22.78
N MET E 84 19.70 -9.75 -22.96
CA MET E 84 19.61 -10.94 -22.15
C MET E 84 20.72 -11.94 -22.48
N LYS E 85 21.15 -11.95 -23.74
CA LYS E 85 22.24 -12.83 -24.15
C LYS E 85 23.57 -12.32 -23.59
N ARG E 86 23.72 -11.01 -23.51
CA ARG E 86 24.94 -10.48 -22.92
C ARG E 86 24.95 -10.92 -21.46
N LEU E 87 23.77 -10.95 -20.83
CA LEU E 87 23.70 -11.38 -19.45
C LEU E 87 24.02 -12.87 -19.29
N LEU E 88 23.55 -13.73 -20.20
CA LEU E 88 23.85 -15.16 -20.08
C LEU E 88 25.37 -15.38 -20.12
N VAL E 89 26.05 -14.62 -20.97
CA VAL E 89 27.49 -14.77 -21.05
C VAL E 89 28.13 -14.23 -19.79
N ALA E 90 27.52 -13.21 -19.19
CA ALA E 90 28.08 -12.64 -17.97
C ALA E 90 28.08 -13.73 -16.88
N GLY E 91 27.06 -14.59 -16.88
CA GLY E 91 26.97 -15.65 -15.89
C GLY E 91 25.74 -15.57 -14.99
N CYS E 92 24.69 -14.93 -15.49
CA CYS E 92 23.48 -14.77 -14.71
C CYS E 92 22.61 -16.04 -14.58
N GLY E 93 22.94 -17.10 -15.31
CA GLY E 93 22.14 -18.31 -15.22
C GLY E 93 20.79 -18.14 -15.89
N PRO E 94 19.82 -19.02 -15.66
CA PRO E 94 18.50 -18.88 -16.30
C PRO E 94 17.83 -17.57 -15.89
N VAL E 95 17.23 -16.86 -16.83
CA VAL E 95 16.56 -15.58 -16.52
C VAL E 95 15.34 -15.31 -17.40
N PHE E 96 14.41 -14.52 -16.88
CA PHE E 96 13.23 -14.14 -17.65
C PHE E 96 13.03 -12.65 -17.45
N GLN E 97 12.12 -12.08 -18.24
CA GLN E 97 11.84 -10.66 -18.15
C GLN E 97 10.49 -10.33 -18.75
N LEU E 98 9.78 -9.45 -18.05
CA LEU E 98 8.48 -8.99 -18.47
C LEU E 98 8.72 -7.54 -18.80
N CYS E 99 9.01 -7.27 -20.07
CA CYS E 99 9.30 -5.90 -20.49
C CYS E 99 8.35 -5.35 -21.54
N ARG E 100 8.52 -4.07 -21.82
CA ARG E 100 7.73 -3.41 -22.82
C ARG E 100 8.62 -3.40 -24.08
N SER E 101 8.12 -3.95 -25.18
CA SER E 101 8.86 -4.00 -26.43
C SER E 101 8.21 -3.03 -27.41
N PHE E 102 8.98 -2.58 -28.40
CA PHE E 102 8.47 -1.63 -29.38
C PHE E 102 8.77 -2.04 -30.82
N ARG E 103 7.74 -1.99 -31.67
CA ARG E 103 7.86 -2.33 -33.08
C ARG E 103 7.03 -1.37 -33.94
N ASN E 104 7.70 -0.72 -34.88
CA ASN E 104 6.99 0.21 -35.73
C ASN E 104 6.20 -0.50 -36.82
N GLU E 105 5.29 0.21 -37.45
CA GLU E 105 4.47 -0.32 -38.54
C GLU E 105 3.70 -1.59 -38.17
N GLU E 106 3.34 -1.73 -36.91
CA GLU E 106 2.59 -2.90 -36.46
C GLU E 106 1.39 -2.53 -35.59
N MET E 107 0.23 -2.44 -36.23
CA MET E 107 -1.02 -2.12 -35.53
C MET E 107 -2.21 -2.86 -36.12
N GLY E 108 -2.85 -3.68 -35.29
CA GLY E 108 -3.99 -4.45 -35.73
C GLY E 108 -4.79 -5.01 -34.58
N ARG E 109 -5.65 -5.97 -34.87
CA ARG E 109 -6.46 -6.57 -33.82
C ARG E 109 -5.56 -7.25 -32.78
N TYR E 110 -4.45 -7.81 -33.24
CA TYR E 110 -3.52 -8.52 -32.35
C TYR E 110 -2.15 -7.89 -32.19
N HIS E 111 -1.97 -6.70 -32.75
CA HIS E 111 -0.70 -6.00 -32.67
C HIS E 111 -0.86 -4.61 -32.12
N ASN E 112 0.16 -4.14 -31.42
CA ASN E 112 0.19 -2.80 -30.86
C ASN E 112 1.65 -2.40 -31.00
N PRO E 113 1.92 -1.12 -31.27
CA PRO E 113 3.26 -0.53 -31.43
C PRO E 113 4.20 -0.86 -30.29
N GLU E 114 3.62 -0.96 -29.09
CA GLU E 114 4.36 -1.32 -27.88
C GLU E 114 3.57 -2.39 -27.15
N PHE E 115 4.22 -3.50 -26.83
CA PHE E 115 3.54 -4.60 -26.15
C PHE E 115 4.42 -5.19 -25.07
N THR E 116 3.83 -6.05 -24.27
CA THR E 116 4.53 -6.70 -23.18
C THR E 116 5.08 -8.05 -23.65
N MET E 117 6.38 -8.24 -23.44
CA MET E 117 7.01 -9.48 -23.84
C MET E 117 7.48 -10.26 -22.63
N LEU E 118 7.25 -11.57 -22.67
CA LEU E 118 7.69 -12.48 -21.63
C LEU E 118 8.78 -13.22 -22.39
N GLU E 119 10.01 -13.13 -21.92
CA GLU E 119 11.08 -13.78 -22.66
C GLU E 119 12.01 -14.37 -21.66
N TRP E 120 12.29 -15.68 -21.76
CA TRP E 120 13.24 -16.26 -20.83
C TRP E 120 14.26 -17.16 -21.53
N TYR E 121 15.34 -17.46 -20.82
CA TYR E 121 16.41 -18.29 -21.36
C TYR E 121 16.78 -19.37 -20.38
N ARG E 122 17.08 -20.54 -20.91
CA ARG E 122 17.41 -21.69 -20.07
C ARG E 122 18.72 -22.39 -20.41
N PRO E 123 19.80 -22.03 -19.72
CA PRO E 123 21.05 -22.71 -20.04
C PRO E 123 20.82 -24.23 -19.94
N HIS E 124 21.44 -24.97 -20.85
CA HIS E 124 21.39 -26.44 -20.92
C HIS E 124 20.06 -27.16 -21.18
N TYR E 125 19.09 -26.45 -21.72
CA TYR E 125 17.79 -27.02 -22.08
C TYR E 125 17.82 -27.11 -23.60
N ASP E 126 17.50 -28.26 -24.18
CA ASP E 126 17.48 -28.26 -25.62
C ASP E 126 16.13 -27.66 -26.01
N MET E 127 15.81 -27.68 -27.29
CA MET E 127 14.56 -27.11 -27.78
C MET E 127 13.34 -27.77 -27.13
N TYR E 128 13.42 -29.08 -26.88
CA TYR E 128 12.29 -29.81 -26.30
C TYR E 128 12.02 -29.56 -24.82
N ARG E 129 13.06 -29.45 -24.02
CA ARG E 129 12.86 -29.17 -22.60
C ARG E 129 12.17 -27.81 -22.49
N LEU E 130 12.69 -26.83 -23.22
CA LEU E 130 12.08 -25.51 -23.18
C LEU E 130 10.60 -25.57 -23.51
N MET E 131 10.26 -26.13 -24.69
CA MET E 131 8.86 -26.23 -25.10
C MET E 131 7.97 -26.79 -24.00
N ASN E 132 8.50 -27.74 -23.23
CA ASN E 132 7.73 -28.32 -22.14
C ASN E 132 7.46 -27.31 -21.07
N GLU E 133 8.50 -26.54 -20.74
CA GLU E 133 8.37 -25.52 -19.73
C GLU E 133 7.27 -24.58 -20.20
N VAL E 134 7.34 -24.21 -21.47
CA VAL E 134 6.35 -23.33 -22.08
C VAL E 134 4.93 -23.94 -22.01
N ASP E 135 4.85 -25.25 -22.22
CA ASP E 135 3.58 -25.98 -22.16
C ASP E 135 3.00 -25.81 -20.76
N ASP E 136 3.84 -26.03 -19.76
CA ASP E 136 3.44 -25.91 -18.37
C ASP E 136 2.87 -24.54 -18.06
N LEU E 137 3.55 -23.49 -18.50
CA LEU E 137 3.07 -22.15 -18.23
C LEU E 137 1.70 -21.96 -18.88
N LEU E 138 1.56 -22.39 -20.13
CA LEU E 138 0.26 -22.23 -20.78
C LEU E 138 -0.82 -22.93 -19.93
N GLN E 139 -0.62 -24.21 -19.64
CA GLN E 139 -1.55 -24.99 -18.82
C GLN E 139 -1.87 -24.24 -17.54
N GLN E 140 -0.82 -23.76 -16.88
CA GLN E 140 -0.96 -23.02 -15.64
C GLN E 140 -1.87 -21.81 -15.80
N VAL E 141 -1.53 -20.93 -16.73
CA VAL E 141 -2.29 -19.70 -16.96
C VAL E 141 -3.60 -19.89 -17.69
N LEU E 142 -3.62 -20.74 -18.71
CA LEU E 142 -4.83 -20.98 -19.50
C LEU E 142 -5.75 -22.12 -19.09
N ASP E 143 -5.29 -22.97 -18.16
CA ASP E 143 -6.12 -24.10 -17.73
C ASP E 143 -6.60 -24.91 -18.92
N CYS E 144 -5.74 -25.03 -19.92
CA CYS E 144 -6.03 -25.79 -21.13
C CYS E 144 -5.33 -27.12 -21.03
N PRO E 145 -5.69 -28.09 -21.88
CA PRO E 145 -5.01 -29.39 -21.81
C PRO E 145 -3.57 -29.27 -22.35
N ALA E 146 -2.78 -30.32 -22.17
CA ALA E 146 -1.40 -30.28 -22.64
C ALA E 146 -1.44 -30.09 -24.15
N ALA E 147 -0.51 -29.28 -24.66
CA ALA E 147 -0.45 -28.97 -26.08
C ALA E 147 0.02 -30.09 -26.98
N GLU E 148 -0.37 -30.01 -28.25
CA GLU E 148 0.03 -30.99 -29.23
C GLU E 148 1.25 -30.37 -29.90
N SER E 149 2.05 -31.17 -30.57
CA SER E 149 3.23 -30.65 -31.25
C SER E 149 3.44 -31.35 -32.57
N LEU E 150 3.69 -30.56 -33.61
CA LEU E 150 3.89 -31.07 -34.96
C LEU E 150 5.15 -30.47 -35.55
N SER E 151 5.81 -31.22 -36.42
CA SER E 151 6.98 -30.67 -37.04
C SER E 151 6.37 -29.78 -38.11
N TYR E 152 7.15 -28.84 -38.61
CA TYR E 152 6.71 -27.93 -39.64
C TYR E 152 6.29 -28.81 -40.83
N GLN E 153 7.15 -29.78 -41.16
CA GLN E 153 6.89 -30.72 -42.26
C GLN E 153 5.60 -31.53 -42.04
N GLN E 154 5.34 -31.93 -40.79
CA GLN E 154 4.13 -32.68 -40.47
C GLN E 154 2.89 -31.83 -40.72
N ALA E 155 2.95 -30.57 -40.28
CA ALA E 155 1.82 -29.65 -40.44
C ALA E 155 1.44 -29.38 -41.89
N PHE E 156 2.42 -29.07 -42.72
CA PHE E 156 2.18 -28.83 -44.13
C PHE E 156 1.55 -30.07 -44.73
N LEU E 157 2.19 -31.20 -44.48
CA LEU E 157 1.73 -32.48 -44.98
C LEU E 157 0.30 -32.74 -44.53
N ARG E 158 0.01 -32.47 -43.27
CA ARG E 158 -1.33 -32.72 -42.78
C ARG E 158 -2.36 -31.83 -43.42
N TYR E 159 -2.10 -30.52 -43.43
CA TYR E 159 -3.08 -29.60 -43.97
C TYR E 159 -3.01 -29.17 -45.43
N LEU E 160 -1.87 -29.36 -46.10
CA LEU E 160 -1.79 -28.96 -47.49
C LEU E 160 -1.22 -30.07 -48.35
N GLU E 161 -1.11 -31.26 -47.76
CA GLU E 161 -0.59 -32.42 -48.46
C GLU E 161 0.62 -32.16 -49.34
N ILE E 162 1.62 -31.48 -48.80
CA ILE E 162 2.84 -31.20 -49.56
C ILE E 162 4.02 -31.04 -48.58
N ASP E 163 5.16 -31.65 -48.90
CA ASP E 163 6.35 -31.58 -48.05
C ASP E 163 7.12 -30.27 -48.26
N PRO E 164 7.02 -29.34 -47.30
CA PRO E 164 7.69 -28.03 -47.36
C PRO E 164 9.21 -28.10 -47.41
N LEU E 165 9.76 -29.29 -47.16
CA LEU E 165 11.20 -29.46 -47.17
C LEU E 165 11.77 -29.88 -48.52
N SER E 166 10.90 -30.47 -49.35
CA SER E 166 11.30 -30.94 -50.68
C SER E 166 10.14 -30.71 -51.65
N ALA E 167 10.05 -29.50 -52.16
CA ALA E 167 8.98 -29.17 -53.09
C ALA E 167 9.34 -27.88 -53.79
N ASP E 168 9.41 -27.93 -55.12
CA ASP E 168 9.74 -26.75 -55.93
C ASP E 168 8.71 -25.64 -55.81
N LYS E 169 9.06 -24.48 -56.35
CA LYS E 169 8.17 -23.33 -56.30
C LYS E 169 6.91 -23.53 -57.15
N THR E 170 6.98 -24.44 -58.12
CA THR E 170 5.84 -24.72 -58.96
C THR E 170 4.76 -25.50 -58.20
N GLN E 171 5.18 -26.50 -57.41
CA GLN E 171 4.23 -27.30 -56.62
C GLN E 171 3.69 -26.45 -55.49
N LEU E 172 4.54 -25.55 -55.00
CA LEU E 172 4.16 -24.65 -53.92
C LEU E 172 3.18 -23.59 -54.42
N ARG E 173 3.41 -23.06 -55.61
CA ARG E 173 2.51 -22.05 -56.15
C ARG E 173 1.14 -22.63 -56.52
N GLU E 174 1.10 -23.93 -56.83
CA GLU E 174 -0.17 -24.58 -57.17
C GLU E 174 -1.00 -24.54 -55.92
N VAL E 175 -0.41 -25.05 -54.84
CA VAL E 175 -1.08 -25.08 -53.55
C VAL E 175 -1.57 -23.68 -53.23
N ALA E 176 -0.74 -22.68 -53.51
CA ALA E 176 -1.13 -21.30 -53.26
C ALA E 176 -2.42 -20.99 -54.01
N ALA E 177 -2.46 -21.41 -55.28
CA ALA E 177 -3.62 -21.18 -56.12
C ALA E 177 -4.88 -21.72 -55.48
N LYS E 178 -4.81 -22.92 -54.93
CA LYS E 178 -5.98 -23.52 -54.30
C LYS E 178 -6.41 -22.76 -53.07
N LEU E 179 -5.47 -22.11 -52.40
CA LEU E 179 -5.79 -21.33 -51.21
C LEU E 179 -6.18 -19.94 -51.68
N ASP E 180 -6.21 -19.78 -53.00
CA ASP E 180 -6.54 -18.52 -53.65
C ASP E 180 -5.59 -17.42 -53.19
N LEU E 181 -4.30 -17.68 -53.30
CA LEU E 181 -3.30 -16.72 -52.87
C LEU E 181 -2.37 -16.39 -54.03
N SER E 182 -2.88 -16.53 -55.25
CA SER E 182 -2.08 -16.27 -56.44
C SER E 182 -1.58 -14.84 -56.62
N ASN E 183 -2.38 -13.86 -56.20
CA ASN E 183 -1.96 -12.48 -56.36
C ASN E 183 -0.62 -12.22 -55.67
N VAL E 184 -0.27 -13.07 -54.72
CA VAL E 184 1.01 -12.93 -54.04
C VAL E 184 2.00 -14.01 -54.46
N ALA E 185 1.59 -15.27 -54.35
CA ALA E 185 2.44 -16.40 -54.70
C ALA E 185 3.08 -16.28 -56.08
N ASP E 186 2.22 -16.33 -57.10
CA ASP E 186 2.64 -16.25 -58.50
C ASP E 186 3.86 -15.36 -58.77
N THR E 187 3.73 -14.07 -58.48
CA THR E 187 4.82 -13.13 -58.69
C THR E 187 6.02 -13.52 -57.83
N GLU E 188 5.72 -13.80 -56.57
CA GLU E 188 6.71 -14.17 -55.56
C GLU E 188 7.67 -15.22 -56.12
N GLU E 189 8.97 -15.06 -55.80
CA GLU E 189 10.00 -15.97 -56.36
C GLU E 189 11.03 -16.44 -55.31
N ASP E 190 10.75 -16.08 -54.06
CA ASP E 190 11.58 -16.45 -52.92
C ASP E 190 10.90 -17.65 -52.23
N ARG E 191 11.56 -18.80 -52.25
CA ARG E 191 11.03 -20.01 -51.62
C ARG E 191 10.46 -19.83 -50.21
N ASP E 192 11.28 -19.32 -49.30
CA ASP E 192 10.83 -19.12 -47.93
C ASP E 192 9.61 -18.21 -47.85
N THR E 193 9.58 -17.17 -48.68
CA THR E 193 8.46 -16.24 -48.69
C THR E 193 7.19 -16.99 -49.07
N LEU E 194 7.36 -17.93 -50.00
CA LEU E 194 6.28 -18.75 -50.48
C LEU E 194 5.79 -19.68 -49.35
N LEU E 195 6.74 -20.35 -48.70
CA LEU E 195 6.40 -21.25 -47.61
C LEU E 195 5.72 -20.52 -46.44
N GLN E 196 6.22 -19.33 -46.12
CA GLN E 196 5.64 -18.55 -45.02
C GLN E 196 4.22 -18.17 -45.38
N LEU E 197 4.03 -17.87 -46.66
CA LEU E 197 2.72 -17.50 -47.17
C LEU E 197 1.79 -18.67 -46.97
N LEU E 198 2.22 -19.84 -47.43
CA LEU E 198 1.40 -21.03 -47.28
C LEU E 198 1.16 -21.35 -45.82
N PHE E 199 2.21 -21.23 -45.02
CA PHE E 199 2.08 -21.53 -43.60
C PHE E 199 1.06 -20.64 -42.89
N THR E 200 1.14 -19.32 -43.08
CA THR E 200 0.24 -18.39 -42.41
C THR E 200 -1.24 -18.40 -42.81
N PHE E 201 -1.55 -18.78 -44.05
CA PHE E 201 -2.95 -18.83 -44.48
C PHE E 201 -3.42 -20.24 -44.85
N GLY E 202 -2.52 -21.21 -44.74
CA GLY E 202 -2.89 -22.57 -45.07
C GLY E 202 -2.84 -23.44 -43.85
N VAL E 203 -1.91 -23.15 -42.94
CA VAL E 203 -1.74 -23.95 -41.73
C VAL E 203 -2.18 -23.28 -40.41
N GLU E 204 -1.61 -22.13 -40.08
CA GLU E 204 -1.97 -21.46 -38.83
C GLU E 204 -3.47 -21.49 -38.58
N PRO E 205 -4.27 -21.01 -39.54
CA PRO E 205 -5.72 -20.98 -39.43
C PRO E 205 -6.38 -22.26 -38.93
N ASN E 206 -5.77 -23.41 -39.18
CA ASN E 206 -6.35 -24.68 -38.77
C ASN E 206 -5.73 -25.41 -37.57
N ILE E 207 -4.71 -24.83 -36.94
CA ILE E 207 -4.08 -25.51 -35.81
C ILE E 207 -4.49 -24.94 -34.47
N GLY E 208 -4.22 -25.69 -33.41
CA GLY E 208 -4.54 -25.26 -32.06
C GLY E 208 -5.96 -24.80 -31.73
N LYS E 209 -6.97 -25.57 -32.13
CA LYS E 209 -8.35 -25.18 -31.86
C LYS E 209 -8.87 -25.63 -30.49
N GLU E 210 -8.47 -26.82 -30.07
CA GLU E 210 -8.90 -27.36 -28.79
C GLU E 210 -7.85 -27.18 -27.70
N LYS E 211 -6.59 -27.12 -28.14
CA LYS E 211 -5.46 -27.00 -27.25
C LYS E 211 -4.30 -26.34 -27.98
N PRO E 212 -3.37 -25.74 -27.24
CA PRO E 212 -2.23 -25.10 -27.90
C PRO E 212 -1.52 -26.11 -28.79
N THR E 213 -0.95 -25.61 -29.88
CA THR E 213 -0.23 -26.44 -30.83
C THR E 213 1.18 -25.90 -31.09
N PHE E 214 2.17 -26.74 -30.81
CA PHE E 214 3.57 -26.38 -31.04
C PHE E 214 4.00 -26.84 -32.43
N VAL E 215 4.60 -25.95 -33.21
CA VAL E 215 5.11 -26.30 -34.52
C VAL E 215 6.62 -26.13 -34.39
N TYR E 216 7.38 -27.21 -34.54
CA TYR E 216 8.83 -27.13 -34.43
C TYR E 216 9.55 -27.53 -35.70
N HIS E 217 10.87 -27.39 -35.71
CA HIS E 217 11.69 -27.71 -36.88
C HIS E 217 11.30 -26.90 -38.12
N PHE E 218 11.25 -25.58 -37.99
CA PHE E 218 10.96 -24.73 -39.12
C PHE E 218 12.11 -24.91 -40.11
N PRO E 219 11.96 -24.40 -41.33
CA PRO E 219 13.06 -24.57 -42.29
C PRO E 219 14.33 -23.80 -41.90
N ALA E 220 15.48 -24.37 -42.21
CA ALA E 220 16.78 -23.78 -41.91
C ALA E 220 16.85 -22.30 -42.27
N SER E 221 16.29 -21.94 -43.41
CA SER E 221 16.32 -20.56 -43.83
C SER E 221 15.42 -19.65 -42.99
N GLN E 222 14.64 -20.22 -42.08
CA GLN E 222 13.79 -19.44 -41.21
C GLN E 222 14.30 -19.60 -39.77
N ALA E 223 15.61 -19.84 -39.64
CA ALA E 223 16.22 -20.05 -38.35
C ALA E 223 16.32 -18.81 -37.47
N SER E 224 16.36 -17.64 -38.10
CA SER E 224 16.49 -16.39 -37.35
C SER E 224 17.78 -16.53 -36.54
N LEU E 225 17.71 -16.64 -35.22
CA LEU E 225 18.94 -16.83 -34.44
C LEU E 225 19.02 -18.23 -33.82
N ALA E 226 18.27 -19.17 -34.38
CA ALA E 226 18.31 -20.53 -33.88
C ALA E 226 19.43 -21.31 -34.57
N GLN E 227 19.79 -22.41 -33.93
CA GLN E 227 20.82 -23.30 -34.38
C GLN E 227 20.24 -24.10 -35.53
N ILE E 228 21.08 -24.61 -36.43
CA ILE E 228 20.62 -25.46 -37.53
C ILE E 228 20.73 -26.87 -36.96
N SER E 229 19.77 -27.73 -37.24
CA SER E 229 19.82 -29.09 -36.72
C SER E 229 20.98 -29.88 -37.28
N THR E 230 21.68 -30.58 -36.40
CA THR E 230 22.82 -31.37 -36.82
C THR E 230 22.41 -32.71 -37.43
N GLU E 231 21.13 -33.06 -37.32
CA GLU E 231 20.69 -34.31 -37.88
C GLU E 231 20.12 -34.10 -39.28
N ASP E 232 19.15 -33.21 -39.39
CA ASP E 232 18.54 -32.89 -40.69
C ASP E 232 18.84 -31.43 -41.02
N HIS E 233 19.87 -31.18 -41.82
CA HIS E 233 20.24 -29.82 -42.18
C HIS E 233 19.13 -28.98 -42.80
N ARG E 234 18.02 -29.61 -43.19
CA ARG E 234 16.91 -28.87 -43.79
C ARG E 234 16.12 -28.05 -42.78
N VAL E 235 16.27 -28.35 -41.49
CA VAL E 235 15.52 -27.64 -40.46
C VAL E 235 16.34 -26.90 -39.41
N ALA E 236 15.66 -25.97 -38.75
CA ALA E 236 16.27 -25.17 -37.70
C ALA E 236 15.70 -25.58 -36.35
N GLU E 237 16.51 -25.50 -35.31
CA GLU E 237 16.06 -25.86 -33.97
C GLU E 237 15.14 -24.76 -33.43
N ARG E 238 14.13 -24.40 -34.23
CA ARG E 238 13.17 -23.35 -33.85
C ARG E 238 11.74 -23.87 -33.71
N PHE E 239 10.95 -23.19 -32.87
CA PHE E 239 9.56 -23.57 -32.65
C PHE E 239 8.67 -22.38 -32.28
N GLU E 240 7.38 -22.50 -32.58
CA GLU E 240 6.38 -21.48 -32.25
C GLU E 240 5.16 -22.20 -31.70
N VAL E 241 4.43 -21.54 -30.81
CA VAL E 241 3.24 -22.15 -30.24
C VAL E 241 2.01 -21.29 -30.59
N TYR E 242 0.96 -21.95 -31.09
CA TYR E 242 -0.28 -21.28 -31.50
C TYR E 242 -1.50 -21.78 -30.72
N TYR E 243 -2.48 -20.91 -30.53
CA TYR E 243 -3.69 -21.29 -29.81
C TYR E 243 -4.89 -20.46 -30.24
N LYS E 244 -5.94 -21.15 -30.67
CA LYS E 244 -7.17 -20.51 -31.12
C LYS E 244 -6.92 -19.45 -32.20
N GLY E 245 -6.03 -19.79 -33.13
CA GLY E 245 -5.71 -18.89 -34.22
C GLY E 245 -4.70 -17.82 -33.86
N ILE E 246 -4.39 -17.69 -32.57
CA ILE E 246 -3.43 -16.69 -32.15
C ILE E 246 -2.02 -17.25 -31.97
N GLU E 247 -1.04 -16.51 -32.49
CA GLU E 247 0.38 -16.88 -32.37
C GLU E 247 0.86 -16.33 -31.03
N LEU E 248 1.29 -17.21 -30.14
CA LEU E 248 1.73 -16.83 -28.80
C LEU E 248 3.23 -16.66 -28.56
N ALA E 249 4.02 -17.65 -28.95
CA ALA E 249 5.44 -17.57 -28.69
C ALA E 249 6.30 -18.12 -29.80
N ASN E 250 7.57 -17.72 -29.74
CA ASN E 250 8.59 -18.11 -30.69
C ASN E 250 9.89 -18.37 -29.93
N GLY E 251 10.42 -19.58 -30.03
CA GLY E 251 11.64 -19.86 -29.30
C GLY E 251 12.57 -20.81 -30.01
N PHE E 252 13.80 -20.91 -29.51
CA PHE E 252 14.75 -21.82 -30.10
C PHE E 252 16.01 -22.17 -29.33
N HIS E 253 16.69 -23.20 -29.82
CA HIS E 253 17.93 -23.64 -29.24
C HIS E 253 18.83 -22.59 -29.88
N GLU E 254 19.31 -21.66 -29.06
CA GLU E 254 20.12 -20.55 -29.53
C GLU E 254 21.41 -20.87 -30.25
N LEU E 255 21.74 -20.02 -31.22
CA LEU E 255 22.97 -20.15 -31.97
C LEU E 255 24.08 -19.56 -31.11
N THR E 256 25.16 -20.30 -30.91
CA THR E 256 26.27 -19.78 -30.10
C THR E 256 27.56 -19.51 -30.87
N ASP E 257 27.48 -19.47 -32.20
CA ASP E 257 28.66 -19.22 -33.03
C ASP E 257 28.69 -17.77 -33.53
N ALA E 258 29.58 -16.98 -32.93
CA ALA E 258 29.70 -15.58 -33.30
C ALA E 258 29.94 -15.37 -34.78
N ARG E 259 30.69 -16.27 -35.42
CA ARG E 259 30.94 -16.11 -36.84
C ARG E 259 29.63 -16.35 -37.62
N GLU E 260 29.00 -17.51 -37.40
CA GLU E 260 27.77 -17.76 -38.11
C GLU E 260 26.74 -16.68 -37.84
N GLN E 261 26.63 -16.26 -36.60
CA GLN E 261 25.67 -15.23 -36.26
C GLN E 261 25.93 -13.96 -37.08
N GLN E 262 27.19 -13.55 -37.20
CA GLN E 262 27.53 -12.36 -37.97
C GLN E 262 27.23 -12.54 -39.45
N GLN E 263 27.39 -13.75 -39.95
CA GLN E 263 27.09 -14.00 -41.35
C GLN E 263 25.62 -13.70 -41.59
N ARG E 264 24.75 -14.37 -40.83
CA ARG E 264 23.31 -14.18 -40.95
C ARG E 264 22.90 -12.71 -40.88
N PHE E 265 23.51 -11.98 -39.96
CA PHE E 265 23.16 -10.57 -39.82
C PHE E 265 23.54 -9.78 -41.07
N GLU E 266 24.66 -10.11 -41.69
CA GLU E 266 25.02 -9.35 -42.87
C GLU E 266 24.11 -9.74 -44.02
N GLN E 267 23.67 -10.99 -44.04
CA GLN E 267 22.74 -11.44 -45.08
C GLN E 267 21.42 -10.66 -44.92
N ASP E 268 21.00 -10.42 -43.68
CA ASP E 268 19.80 -9.64 -43.41
C ASP E 268 20.00 -8.28 -44.04
N ASN E 269 21.17 -7.69 -43.80
CA ASN E 269 21.49 -6.39 -44.36
C ASN E 269 21.56 -6.38 -45.87
N ARG E 270 21.89 -7.51 -46.46
CA ARG E 270 21.98 -7.58 -47.91
C ARG E 270 20.58 -7.71 -48.50
N LYS E 271 19.71 -8.42 -47.80
CA LYS E 271 18.35 -8.59 -48.29
C LYS E 271 17.55 -7.31 -48.06
N ARG E 272 17.84 -6.58 -47.00
CA ARG E 272 17.13 -5.32 -46.76
C ARG E 272 17.50 -4.40 -47.92
N ALA E 273 18.80 -4.35 -48.22
CA ALA E 273 19.33 -3.52 -49.28
C ALA E 273 18.64 -3.82 -50.61
N ALA E 274 18.47 -5.10 -50.93
CA ALA E 274 17.82 -5.49 -52.18
C ALA E 274 16.39 -4.99 -52.25
N ARG E 275 15.70 -4.97 -51.11
CA ARG E 275 14.32 -4.51 -51.06
C ARG E 275 14.21 -3.04 -50.70
N GLY E 276 15.32 -2.33 -50.75
CA GLY E 276 15.29 -0.91 -50.44
C GLY E 276 15.07 -0.53 -48.99
N LEU E 277 15.24 -1.48 -48.08
CA LEU E 277 15.05 -1.21 -46.66
C LEU E 277 16.37 -0.73 -46.07
N PRO E 278 16.33 0.06 -44.99
CA PRO E 278 17.59 0.53 -44.39
C PRO E 278 18.48 -0.62 -43.93
N GLN E 279 19.79 -0.39 -43.96
CA GLN E 279 20.78 -1.35 -43.49
C GLN E 279 21.14 -0.88 -42.09
N HIS E 280 21.19 -1.80 -41.14
CA HIS E 280 21.51 -1.46 -39.76
C HIS E 280 22.85 -2.09 -39.34
N PRO E 281 23.74 -1.33 -38.70
CA PRO E 281 25.01 -1.93 -38.29
C PRO E 281 24.75 -2.93 -37.18
N ILE E 282 25.49 -4.04 -37.20
CA ILE E 282 25.33 -5.08 -36.19
C ILE E 282 25.63 -4.58 -34.78
N ASP E 283 24.92 -5.10 -33.79
CA ASP E 283 25.12 -4.74 -32.39
C ASP E 283 26.46 -5.35 -31.94
N GLN E 284 27.48 -4.51 -31.80
CA GLN E 284 28.81 -5.00 -31.41
C GLN E 284 28.84 -5.72 -30.05
N ASN E 285 28.11 -5.18 -29.08
CA ASN E 285 28.07 -5.77 -27.76
C ASN E 285 27.58 -7.22 -27.79
N LEU E 286 26.55 -7.49 -28.57
CA LEU E 286 26.07 -8.86 -28.66
C LEU E 286 27.21 -9.72 -29.22
N ILE E 287 27.80 -9.24 -30.32
CA ILE E 287 28.89 -9.94 -30.99
C ILE E 287 30.03 -10.23 -30.04
N GLU E 288 30.54 -9.20 -29.38
CA GLU E 288 31.65 -9.41 -28.46
C GLU E 288 31.30 -10.47 -27.43
N ALA E 289 30.09 -10.39 -26.87
CA ALA E 289 29.67 -11.37 -25.88
C ALA E 289 29.69 -12.77 -26.51
N LEU E 290 29.13 -12.89 -27.70
CA LEU E 290 29.12 -14.18 -28.37
C LEU E 290 30.56 -14.69 -28.54
N LYS E 291 31.50 -13.78 -28.74
CA LYS E 291 32.89 -14.18 -28.88
C LYS E 291 33.43 -14.74 -27.57
N VAL E 292 33.07 -14.15 -26.43
CA VAL E 292 33.55 -14.68 -25.15
C VAL E 292 33.01 -16.10 -24.93
N GLY E 293 31.76 -16.33 -25.33
CA GLY E 293 31.20 -17.65 -25.17
C GLY E 293 29.92 -17.71 -24.38
N MET E 294 28.80 -17.89 -25.08
CA MET E 294 27.52 -17.99 -24.43
C MET E 294 27.27 -19.46 -24.16
N PRO E 295 26.74 -19.79 -22.98
CA PRO E 295 26.48 -21.19 -22.66
C PRO E 295 25.41 -21.74 -23.57
N ASP E 296 25.44 -23.05 -23.79
CA ASP E 296 24.45 -23.69 -24.60
C ASP E 296 23.12 -23.42 -23.93
N CYS E 297 22.10 -23.08 -24.72
CA CYS E 297 20.80 -22.78 -24.13
C CYS E 297 19.70 -22.58 -25.14
N SER E 298 18.47 -22.49 -24.63
CA SER E 298 17.30 -22.26 -25.46
C SER E 298 16.52 -21.09 -24.89
N GLY E 299 15.83 -20.37 -25.75
CA GLY E 299 15.08 -19.23 -25.27
C GLY E 299 13.79 -19.13 -26.03
N VAL E 300 12.85 -18.40 -25.44
CA VAL E 300 11.55 -18.19 -26.04
C VAL E 300 11.03 -16.82 -25.66
N ALA E 301 10.15 -16.29 -26.51
CA ALA E 301 9.54 -14.99 -26.28
C ALA E 301 8.05 -15.17 -26.54
N LEU E 302 7.20 -14.69 -25.63
CA LEU E 302 5.77 -14.81 -25.82
C LEU E 302 5.03 -13.51 -25.53
N GLY E 303 4.03 -13.21 -26.36
CA GLY E 303 3.27 -11.98 -26.19
C GLY E 303 2.33 -12.04 -25.01
N VAL E 304 2.75 -11.45 -23.90
CA VAL E 304 1.92 -11.45 -22.70
C VAL E 304 0.53 -10.94 -23.05
N ASP E 305 0.47 -9.84 -23.78
CA ASP E 305 -0.82 -9.27 -24.14
C ASP E 305 -1.72 -10.32 -24.80
N ARG E 306 -1.22 -11.03 -25.81
CA ARG E 306 -2.03 -12.05 -26.48
C ARG E 306 -2.44 -13.17 -25.53
N LEU E 307 -1.64 -13.41 -24.50
CA LEU E 307 -1.93 -14.46 -23.53
C LEU E 307 -3.05 -13.99 -22.60
N VAL E 308 -2.98 -12.73 -22.17
CA VAL E 308 -3.99 -12.14 -21.31
C VAL E 308 -5.29 -12.13 -22.12
N MET E 309 -5.17 -11.79 -23.40
CA MET E 309 -6.32 -11.75 -24.28
C MET E 309 -7.02 -13.10 -24.25
N LEU E 310 -6.33 -14.16 -24.65
CA LEU E 310 -6.94 -15.49 -24.62
C LEU E 310 -7.53 -15.84 -23.26
N ALA E 311 -6.76 -15.68 -22.19
CA ALA E 311 -7.25 -16.02 -20.86
C ALA E 311 -8.58 -15.38 -20.45
N LEU E 312 -8.79 -14.12 -20.83
CA LEU E 312 -10.03 -13.44 -20.47
C LEU E 312 -11.03 -13.48 -21.62
N GLY E 313 -10.78 -14.35 -22.59
CA GLY E 313 -11.67 -14.46 -23.73
C GLY E 313 -11.99 -13.15 -24.43
N ALA E 314 -11.05 -12.21 -24.46
CA ALA E 314 -11.27 -10.91 -25.12
C ALA E 314 -11.10 -11.04 -26.62
N GLU E 315 -11.79 -10.18 -27.39
CA GLU E 315 -11.74 -10.21 -28.84
C GLU E 315 -10.55 -9.51 -29.47
N THR E 316 -10.06 -8.45 -28.82
CA THR E 316 -8.94 -7.70 -29.37
C THR E 316 -7.85 -7.41 -28.36
N LEU E 317 -6.68 -7.05 -28.86
CA LEU E 317 -5.55 -6.78 -28.02
C LEU E 317 -5.76 -5.52 -27.15
N ALA E 318 -6.54 -4.57 -27.66
CA ALA E 318 -6.77 -3.33 -26.93
C ALA E 318 -7.63 -3.49 -25.69
N GLU E 319 -8.40 -4.58 -25.62
CA GLU E 319 -9.29 -4.83 -24.49
C GLU E 319 -8.55 -5.24 -23.20
N VAL E 320 -7.28 -5.60 -23.33
CA VAL E 320 -6.47 -6.01 -22.17
C VAL E 320 -5.29 -5.06 -21.94
N ILE E 321 -5.22 -4.00 -22.73
CA ILE E 321 -4.16 -3.01 -22.64
C ILE E 321 -4.77 -1.71 -22.16
N ALA E 322 -4.25 -1.18 -21.07
CA ALA E 322 -4.77 0.06 -20.50
C ALA E 322 -5.02 1.15 -21.53
N PHE E 323 -4.08 1.37 -22.45
CA PHE E 323 -4.27 2.42 -23.45
C PHE E 323 -3.61 2.05 -24.76
N SER E 324 -4.37 1.59 -25.74
CA SER E 324 -3.79 1.25 -27.03
C SER E 324 -3.31 2.55 -27.69
N VAL E 325 -2.45 2.43 -28.69
CA VAL E 325 -1.92 3.61 -29.38
C VAL E 325 -2.94 4.70 -29.70
N ASP E 326 -4.10 4.30 -30.21
CA ASP E 326 -5.16 5.24 -30.58
C ASP E 326 -5.45 6.26 -29.49
N ARG E 327 -5.63 5.79 -28.26
CA ARG E 327 -5.91 6.69 -27.15
C ARG E 327 -4.76 6.87 -26.18
N ALA E 328 -3.57 6.46 -26.60
CA ALA E 328 -2.38 6.58 -25.77
C ALA E 328 -1.80 7.99 -25.76
N THR F 6 -5.73 4.60 -56.63
CA THR F 6 -5.38 3.32 -55.97
C THR F 6 -5.45 3.44 -54.45
N TYR F 7 -5.47 2.30 -53.76
CA TYR F 7 -5.53 2.27 -52.31
C TYR F 7 -4.51 1.31 -51.71
N TYR F 8 -4.16 1.53 -50.45
CA TYR F 8 -3.21 0.68 -49.74
C TYR F 8 -3.93 -0.08 -48.64
N SER F 9 -3.42 -1.26 -48.30
CA SER F 9 -4.03 -2.11 -47.29
C SER F 9 -4.42 -1.45 -45.97
N ASN F 10 -4.05 -0.19 -45.79
CA ASN F 10 -4.39 0.55 -44.57
C ASN F 10 -5.57 1.48 -44.86
N ASP F 11 -6.19 1.26 -46.01
CA ASP F 11 -7.34 2.04 -46.46
C ASP F 11 -8.52 1.09 -46.65
N PHE F 12 -8.20 -0.20 -46.74
CA PHE F 12 -9.20 -1.24 -46.93
C PHE F 12 -10.20 -1.26 -45.77
N ARG F 13 -11.15 -0.34 -45.83
CA ARG F 13 -12.21 -0.18 -44.83
C ARG F 13 -13.52 -0.63 -45.48
N ALA F 14 -14.43 -1.14 -44.66
CA ALA F 14 -15.73 -1.62 -45.15
C ALA F 14 -16.42 -0.59 -46.06
N GLY F 15 -16.60 -0.96 -47.33
CA GLY F 15 -17.26 -0.07 -48.26
C GLY F 15 -16.43 0.26 -49.48
N LEU F 16 -15.12 0.28 -49.32
CA LEU F 16 -14.21 0.58 -50.42
C LEU F 16 -14.46 -0.33 -51.63
N LYS F 17 -14.54 0.26 -52.81
CA LYS F 17 -14.74 -0.50 -54.05
C LYS F 17 -13.38 -0.50 -54.74
N ILE F 18 -12.92 -1.67 -55.18
CA ILE F 18 -11.62 -1.73 -55.83
C ILE F 18 -11.58 -2.75 -56.96
N MET F 19 -10.63 -2.57 -57.86
CA MET F 19 -10.46 -3.48 -58.99
C MET F 19 -9.52 -4.59 -58.57
N LEU F 20 -9.66 -5.74 -59.23
CA LEU F 20 -8.81 -6.88 -58.93
C LEU F 20 -8.77 -7.82 -60.14
N ASP F 21 -7.60 -7.90 -60.74
CA ASP F 21 -7.35 -8.73 -61.92
C ASP F 21 -8.53 -8.82 -62.88
N GLY F 22 -9.20 -7.70 -63.12
CA GLY F 22 -10.31 -7.67 -64.04
C GLY F 22 -11.70 -7.86 -63.47
N GLU F 23 -11.90 -7.51 -62.21
CA GLU F 23 -13.22 -7.65 -61.59
C GLU F 23 -13.42 -6.66 -60.45
N PRO F 24 -14.69 -6.29 -60.19
CA PRO F 24 -15.06 -5.36 -59.12
C PRO F 24 -15.36 -6.07 -57.80
N TYR F 25 -14.80 -5.56 -56.71
CA TYR F 25 -15.02 -6.16 -55.40
C TYR F 25 -15.36 -5.10 -54.36
N ALA F 26 -16.09 -5.53 -53.33
CA ALA F 26 -16.50 -4.66 -52.23
C ALA F 26 -15.83 -5.15 -50.95
N VAL F 27 -15.04 -4.27 -50.33
CA VAL F 27 -14.31 -4.59 -49.12
C VAL F 27 -15.20 -4.70 -47.88
N GLU F 28 -15.42 -5.93 -47.42
CA GLU F 28 -16.23 -6.14 -46.23
C GLU F 28 -15.42 -5.78 -45.00
N ALA F 29 -14.47 -6.65 -44.64
CA ALA F 29 -13.61 -6.42 -43.48
C ALA F 29 -12.13 -6.66 -43.83
N SER F 30 -11.24 -6.21 -42.94
CA SER F 30 -9.80 -6.37 -43.16
C SER F 30 -9.05 -6.56 -41.85
N GLU F 31 -8.11 -7.50 -41.84
CA GLU F 31 -7.34 -7.76 -40.63
C GLU F 31 -5.84 -7.70 -40.90
N PHE F 32 -5.10 -7.10 -39.98
CA PHE F 32 -3.65 -6.99 -40.10
C PHE F 32 -3.03 -8.29 -39.62
N VAL F 33 -2.16 -8.85 -40.47
CA VAL F 33 -1.51 -10.12 -40.16
C VAL F 33 0.00 -9.99 -40.37
N LYS F 34 0.76 -10.49 -39.41
CA LYS F 34 2.21 -10.45 -39.48
C LYS F 34 2.78 -11.54 -38.59
N PRO F 35 3.08 -12.71 -39.16
CA PRO F 35 3.64 -13.83 -38.40
C PRO F 35 5.06 -13.56 -37.97
N GLY F 36 5.54 -14.31 -36.99
CA GLY F 36 6.90 -14.13 -36.52
C GLY F 36 7.89 -14.38 -37.65
N LYS F 37 8.85 -13.46 -37.78
CA LYS F 37 9.88 -13.57 -38.81
C LYS F 37 9.31 -13.42 -40.20
N GLY F 38 8.04 -13.02 -40.28
CA GLY F 38 7.39 -12.87 -41.57
C GLY F 38 7.03 -11.46 -42.00
N GLN F 39 6.68 -11.34 -43.27
CA GLN F 39 6.30 -10.08 -43.88
C GLN F 39 4.92 -9.67 -43.37
N ALA F 40 4.62 -8.37 -43.46
CA ALA F 40 3.32 -7.86 -43.02
C ALA F 40 2.26 -8.05 -44.12
N PHE F 41 1.07 -8.50 -43.73
CA PHE F 41 -0.01 -8.71 -44.68
C PHE F 41 -1.29 -8.01 -44.28
N ALA F 42 -2.27 -8.13 -45.17
CA ALA F 42 -3.60 -7.59 -44.97
C ALA F 42 -4.47 -8.77 -45.43
N ARG F 43 -5.30 -9.27 -44.52
CA ARG F 43 -6.20 -10.37 -44.84
C ARG F 43 -7.58 -9.75 -44.99
N VAL F 44 -8.05 -9.66 -46.23
CA VAL F 44 -9.32 -9.01 -46.47
C VAL F 44 -10.46 -9.83 -47.03
N LYS F 45 -11.58 -9.77 -46.32
CA LYS F 45 -12.78 -10.46 -46.75
C LYS F 45 -13.42 -9.49 -47.75
N LEU F 46 -13.67 -9.97 -48.96
CA LEU F 46 -14.26 -9.15 -50.00
C LEU F 46 -15.59 -9.71 -50.51
N ARG F 47 -16.20 -8.98 -51.44
CA ARG F 47 -17.45 -9.42 -52.05
C ARG F 47 -17.34 -9.27 -53.56
N ARG F 48 -17.12 -10.39 -54.24
CA ARG F 48 -17.01 -10.39 -55.70
C ARG F 48 -18.36 -9.93 -56.23
N LEU F 49 -18.50 -8.61 -56.38
CA LEU F 49 -19.75 -7.98 -56.84
C LEU F 49 -20.49 -8.68 -57.98
N LEU F 50 -19.80 -8.95 -59.09
CA LEU F 50 -20.45 -9.61 -60.21
C LEU F 50 -21.33 -10.77 -59.73
N THR F 51 -20.71 -11.79 -59.15
CA THR F 51 -21.43 -12.96 -58.66
C THR F 51 -22.04 -12.73 -57.28
N GLY F 52 -21.66 -11.63 -56.64
CA GLY F 52 -22.18 -11.32 -55.32
C GLY F 52 -21.74 -12.27 -54.22
N THR F 53 -20.83 -13.18 -54.52
CA THR F 53 -20.35 -14.13 -53.51
C THR F 53 -19.22 -13.53 -52.68
N ARG F 54 -18.99 -14.11 -51.49
CA ARG F 54 -17.93 -13.64 -50.60
C ARG F 54 -16.65 -14.41 -50.84
N VAL F 55 -15.54 -13.68 -50.86
CA VAL F 55 -14.23 -14.27 -51.07
C VAL F 55 -13.22 -13.65 -50.11
N GLU F 56 -12.10 -14.32 -49.92
CA GLU F 56 -11.05 -13.82 -49.02
C GLU F 56 -9.72 -13.80 -49.74
N LYS F 57 -9.10 -12.62 -49.77
CA LYS F 57 -7.81 -12.48 -50.42
C LYS F 57 -6.73 -11.96 -49.49
N THR F 58 -5.49 -12.19 -49.87
CA THR F 58 -4.35 -11.75 -49.07
C THR F 58 -3.55 -10.71 -49.83
N PHE F 59 -3.11 -9.67 -49.13
CA PHE F 59 -2.32 -8.64 -49.75
C PHE F 59 -1.12 -8.32 -48.89
N LYS F 60 -0.05 -7.85 -49.52
CA LYS F 60 1.12 -7.42 -48.78
C LYS F 60 0.63 -6.09 -48.23
N SER F 61 1.11 -5.66 -47.07
CA SER F 61 0.66 -4.39 -46.55
C SER F 61 1.19 -3.26 -47.44
N THR F 62 2.02 -3.66 -48.39
CA THR F 62 2.65 -2.75 -49.34
C THR F 62 2.01 -2.85 -50.73
N ASP F 63 0.82 -3.45 -50.81
CA ASP F 63 0.13 -3.61 -52.09
C ASP F 63 -0.83 -2.48 -52.40
N SER F 64 -0.95 -2.19 -53.70
CA SER F 64 -1.81 -1.16 -54.24
C SER F 64 -3.24 -1.67 -54.40
N MET G 4 40.66 5.02 -14.40
CA MET G 4 40.34 3.61 -14.05
C MET G 4 40.11 2.72 -15.27
N SER G 5 40.41 1.44 -15.13
CA SER G 5 40.18 0.48 -16.22
C SER G 5 38.72 0.09 -16.10
N GLU G 6 38.07 -0.09 -17.23
CA GLU G 6 36.67 -0.49 -17.24
C GLU G 6 36.53 -1.84 -17.96
N THR G 7 35.60 -2.67 -17.50
CA THR G 7 35.37 -3.98 -18.13
C THR G 7 34.90 -3.74 -19.56
N ALA G 8 34.94 -4.78 -20.38
CA ALA G 8 34.50 -4.66 -21.75
C ALA G 8 33.06 -4.18 -21.79
N SER G 9 32.70 -3.44 -22.84
CA SER G 9 31.34 -2.91 -22.98
C SER G 9 30.22 -3.95 -23.01
N TRP G 10 30.49 -5.12 -23.59
CA TRP G 10 29.44 -6.12 -23.67
C TRP G 10 28.89 -6.49 -22.29
N GLN G 11 29.72 -6.34 -21.27
CA GLN G 11 29.32 -6.67 -19.91
C GLN G 11 28.33 -5.69 -19.31
N PRO G 12 27.48 -6.17 -18.39
CA PRO G 12 26.48 -5.37 -17.69
C PRO G 12 27.18 -4.32 -16.84
N SER G 13 26.59 -3.15 -16.69
CA SER G 13 27.27 -2.13 -15.88
C SER G 13 27.11 -2.37 -14.37
N ALA G 14 26.32 -3.36 -14.01
CA ALA G 14 26.08 -3.73 -12.60
C ALA G 14 26.48 -5.19 -12.40
N SER G 15 27.02 -5.52 -11.24
CA SER G 15 27.41 -6.89 -10.96
C SER G 15 26.18 -7.79 -10.91
N ILE G 16 26.35 -9.09 -11.16
CA ILE G 16 25.23 -10.02 -11.12
C ILE G 16 24.64 -10.01 -9.70
N PRO G 17 25.49 -9.95 -8.67
CA PRO G 17 24.92 -9.95 -7.32
C PRO G 17 23.96 -8.78 -7.14
N ASN G 18 24.30 -7.62 -7.69
CA ASN G 18 23.42 -6.46 -7.55
C ASN G 18 22.14 -6.64 -8.37
N LEU G 19 22.22 -7.33 -9.49
CA LEU G 19 21.01 -7.54 -10.29
C LEU G 19 20.09 -8.47 -9.52
N LEU G 20 20.69 -9.47 -8.89
CA LEU G 20 19.92 -10.44 -8.12
C LEU G 20 19.28 -9.78 -6.88
N LYS G 21 20.04 -8.90 -6.23
CA LYS G 21 19.53 -8.21 -5.05
C LYS G 21 18.47 -7.19 -5.47
N ARG G 22 18.67 -6.55 -6.61
CA ARG G 22 17.69 -5.58 -7.10
C ARG G 22 16.36 -6.29 -7.36
N ALA G 23 16.43 -7.52 -7.83
CA ALA G 23 15.22 -8.27 -8.13
C ALA G 23 14.46 -8.56 -6.84
N ALA G 24 15.19 -8.73 -5.75
CA ALA G 24 14.54 -9.00 -4.48
C ALA G 24 13.77 -7.77 -4.04
N ILE G 25 14.38 -6.60 -4.22
CA ILE G 25 13.73 -5.35 -3.83
C ILE G 25 12.44 -5.15 -4.60
N MET G 26 12.44 -5.44 -5.89
CA MET G 26 11.22 -5.28 -6.69
C MET G 26 10.12 -6.17 -6.14
N ALA G 27 10.43 -7.45 -5.92
CA ALA G 27 9.44 -8.39 -5.39
C ALA G 27 8.96 -7.85 -4.03
N GLU G 28 9.89 -7.30 -3.26
CA GLU G 28 9.57 -6.73 -1.95
C GLU G 28 8.58 -5.58 -2.14
N ILE G 29 8.93 -4.64 -3.01
CA ILE G 29 8.07 -3.50 -3.28
C ILE G 29 6.68 -3.98 -3.69
N ARG G 30 6.62 -5.00 -4.53
CA ARG G 30 5.34 -5.53 -4.98
C ARG G 30 4.58 -6.17 -3.83
N ARG G 31 5.31 -6.68 -2.84
CA ARG G 31 4.68 -7.31 -1.70
C ARG G 31 4.11 -6.22 -0.78
N PHE G 32 4.83 -5.10 -0.69
CA PHE G 32 4.45 -3.96 0.12
C PHE G 32 3.11 -3.39 -0.35
N PHE G 33 2.89 -3.38 -1.66
CA PHE G 33 1.65 -2.85 -2.22
C PHE G 33 0.58 -3.92 -2.35
N ALA G 34 0.99 -5.18 -2.34
CA ALA G 34 0.03 -6.28 -2.48
C ALA G 34 -0.74 -6.44 -1.18
N ASP G 35 -0.07 -6.13 -0.08
CA ASP G 35 -0.66 -6.23 1.24
C ASP G 35 -1.69 -5.12 1.45
N ARG G 36 -1.39 -3.94 0.94
CA ARG G 36 -2.28 -2.80 1.08
C ARG G 36 -3.29 -2.72 -0.05
N GLY G 37 -3.61 -3.86 -0.64
CA GLY G 37 -4.58 -3.89 -1.72
C GLY G 37 -4.40 -2.89 -2.84
N VAL G 38 -3.20 -2.33 -2.99
CA VAL G 38 -2.97 -1.38 -4.08
C VAL G 38 -2.69 -2.16 -5.37
N LEU G 39 -3.53 -1.98 -6.39
CA LEU G 39 -3.39 -2.68 -7.67
C LEU G 39 -2.25 -2.18 -8.57
N GLU G 40 -1.63 -3.09 -9.30
CA GLU G 40 -0.55 -2.74 -10.23
C GLU G 40 -1.11 -2.62 -11.65
N VAL G 41 -0.72 -1.57 -12.34
CA VAL G 41 -1.19 -1.39 -13.71
C VAL G 41 -0.03 -1.04 -14.62
N GLU G 42 -0.27 -1.09 -15.92
CA GLU G 42 0.75 -0.79 -16.90
C GLU G 42 0.23 0.23 -17.93
N THR G 43 0.82 1.42 -17.95
CA THR G 43 0.38 2.41 -18.92
C THR G 43 1.44 2.46 -20.03
N PRO G 44 1.11 3.07 -21.18
CA PRO G 44 2.06 3.14 -22.30
C PRO G 44 3.33 3.94 -22.05
N CYS G 45 4.34 3.66 -22.86
CA CYS G 45 5.61 4.38 -22.77
C CYS G 45 5.63 5.43 -23.87
N MET G 46 4.71 5.32 -24.82
CA MET G 46 4.60 6.28 -25.93
C MET G 46 3.20 6.88 -25.90
N SER G 47 3.09 8.13 -26.35
CA SER G 47 1.80 8.82 -26.37
C SER G 47 1.78 9.92 -27.43
N GLN G 48 0.59 10.42 -27.74
CA GLN G 48 0.46 11.48 -28.73
C GLN G 48 0.76 12.84 -28.09
N ALA G 49 0.63 12.89 -26.77
CA ALA G 49 0.89 14.13 -26.04
C ALA G 49 1.96 13.94 -24.97
N THR G 50 2.81 14.94 -24.81
CA THR G 50 3.88 14.91 -23.82
C THR G 50 3.47 15.84 -22.67
N VAL G 51 4.43 16.24 -21.82
CA VAL G 51 4.14 17.14 -20.71
C VAL G 51 4.53 18.55 -21.08
N THR G 52 4.26 19.50 -20.20
CA THR G 52 4.59 20.90 -20.44
C THR G 52 5.57 21.42 -19.42
N ASP G 53 5.87 20.58 -18.41
CA ASP G 53 6.81 20.94 -17.34
C ASP G 53 8.01 21.64 -17.96
N ILE G 54 8.23 22.87 -17.52
CA ILE G 54 9.30 23.74 -18.01
C ILE G 54 10.64 23.10 -18.35
N HIS G 55 11.29 22.47 -17.38
CA HIS G 55 12.62 21.90 -17.62
C HIS G 55 12.77 20.48 -18.14
N LEU G 56 11.66 19.77 -18.32
CA LEU G 56 11.74 18.42 -18.84
C LEU G 56 11.79 18.46 -20.37
N VAL G 57 12.67 17.66 -20.93
CA VAL G 57 12.80 17.57 -22.39
C VAL G 57 12.65 16.07 -22.71
N PRO G 58 11.49 15.70 -23.27
CA PRO G 58 11.14 14.32 -23.65
C PRO G 58 11.76 13.78 -24.91
N PHE G 59 11.80 12.45 -25.00
CA PHE G 59 12.32 11.76 -26.18
C PHE G 59 11.19 11.76 -27.20
N GLU G 60 11.53 11.82 -28.48
CA GLU G 60 10.49 11.84 -29.51
C GLU G 60 10.72 10.81 -30.61
N THR G 61 9.67 10.09 -30.94
CA THR G 61 9.77 9.10 -32.00
C THR G 61 8.58 9.24 -32.94
N ARG G 62 8.61 8.52 -34.04
CA ARG G 62 7.53 8.60 -35.01
C ARG G 62 6.87 7.25 -35.31
N PHE G 63 5.54 7.23 -35.29
CA PHE G 63 4.80 6.01 -35.57
C PHE G 63 4.23 5.96 -36.97
N VAL G 64 4.83 5.14 -37.81
CA VAL G 64 4.34 4.97 -39.17
C VAL G 64 3.69 3.60 -39.18
N GLY G 65 2.43 3.55 -39.62
CA GLY G 65 1.76 2.27 -39.67
C GLY G 65 2.13 1.61 -40.97
N PRO G 66 1.51 0.47 -41.33
CA PRO G 66 1.85 -0.18 -42.60
C PRO G 66 1.50 0.78 -43.74
N GLY G 67 2.40 0.92 -44.70
CA GLY G 67 2.18 1.85 -45.81
C GLY G 67 2.31 3.30 -45.37
N GLN G 70 0.58 6.42 -43.65
CA GLN G 70 1.19 7.66 -43.17
C GLN G 70 1.56 7.62 -41.69
N GLY G 71 2.57 8.41 -41.32
CA GLY G 71 3.04 8.46 -39.93
C GLY G 71 2.45 9.53 -39.03
N MET G 72 2.91 9.51 -37.77
CA MET G 72 2.46 10.46 -36.76
C MET G 72 3.51 10.50 -35.63
N ASN G 73 3.75 11.68 -35.07
CA ASN G 73 4.74 11.81 -33.98
C ASN G 73 4.30 11.15 -32.68
N LEU G 74 5.28 10.86 -31.83
CA LEU G 74 5.02 10.21 -30.55
C LEU G 74 6.12 10.62 -29.57
N TRP G 75 5.75 10.72 -28.30
CA TRP G 75 6.70 11.09 -27.26
C TRP G 75 6.75 9.95 -26.26
N LEU G 76 7.93 9.72 -25.70
CA LEU G 76 8.10 8.68 -24.70
C LEU G 76 7.71 9.31 -23.38
N MET G 77 7.09 8.55 -22.50
CA MET G 77 6.64 9.08 -21.21
C MET G 77 7.75 9.42 -20.24
N THR G 78 7.67 10.63 -19.70
CA THR G 78 8.63 11.10 -18.72
C THR G 78 8.13 10.59 -17.39
N SER G 79 6.83 10.31 -17.34
CA SER G 79 6.19 9.80 -16.13
C SER G 79 4.80 9.31 -16.50
N PRO G 80 4.35 8.21 -15.90
CA PRO G 80 3.03 7.63 -16.17
C PRO G 80 1.87 8.38 -15.50
N GLU G 81 2.15 9.60 -15.05
CA GLU G 81 1.15 10.43 -14.36
C GLU G 81 -0.19 10.64 -15.08
N TYR G 82 -0.16 11.37 -16.19
CA TYR G 82 -1.39 11.62 -16.93
C TYR G 82 -2.23 10.35 -17.14
N HIS G 83 -1.59 9.27 -17.59
CA HIS G 83 -2.28 8.01 -17.83
C HIS G 83 -2.89 7.44 -16.56
N MET G 84 -2.16 7.54 -15.45
CA MET G 84 -2.68 7.04 -14.20
C MET G 84 -3.79 7.96 -13.67
N LYS G 85 -3.72 9.25 -14.00
CA LYS G 85 -4.77 10.17 -13.57
C LYS G 85 -6.02 9.71 -14.33
N ARG G 86 -5.87 9.60 -15.64
CA ARG G 86 -6.97 9.16 -16.49
C ARG G 86 -7.55 7.86 -15.98
N LEU G 87 -6.70 6.89 -15.65
CA LEU G 87 -7.19 5.60 -15.15
C LEU G 87 -8.02 5.79 -13.88
N LEU G 88 -7.60 6.73 -13.05
CA LEU G 88 -8.28 7.02 -11.79
C LEU G 88 -9.68 7.56 -12.08
N VAL G 89 -9.76 8.57 -12.94
CA VAL G 89 -11.03 9.14 -13.34
C VAL G 89 -11.91 8.00 -13.83
N ALA G 90 -11.28 7.09 -14.59
CA ALA G 90 -11.98 5.93 -15.13
C ALA G 90 -12.52 5.05 -14.01
N GLY G 91 -12.07 5.29 -12.80
CA GLY G 91 -12.56 4.51 -11.67
C GLY G 91 -11.73 3.36 -11.12
N CYS G 92 -10.42 3.36 -11.34
CA CYS G 92 -9.61 2.27 -10.80
C CYS G 92 -9.41 2.59 -9.33
N GLY G 93 -9.14 1.58 -8.53
CA GLY G 93 -8.93 1.82 -7.11
C GLY G 93 -7.55 2.38 -6.87
N PRO G 94 -6.95 2.15 -5.70
CA PRO G 94 -5.60 2.68 -5.47
C PRO G 94 -4.68 1.81 -6.34
N VAL G 95 -3.75 2.47 -7.04
CA VAL G 95 -2.86 1.74 -7.93
C VAL G 95 -1.42 2.22 -7.99
N PHE G 96 -0.54 1.29 -8.38
CA PHE G 96 0.88 1.59 -8.53
C PHE G 96 1.40 0.94 -9.80
N GLN G 97 2.51 1.45 -10.29
CA GLN G 97 3.13 0.91 -11.48
C GLN G 97 4.64 1.00 -11.35
N LEU G 98 5.31 -0.09 -11.69
CA LEU G 98 6.78 -0.15 -11.69
C LEU G 98 7.11 -0.12 -13.18
N CYS G 99 7.28 1.08 -13.70
CA CYS G 99 7.56 1.24 -15.11
C CYS G 99 8.90 1.91 -15.42
N ARG G 100 9.22 1.93 -16.71
CA ARG G 100 10.43 2.55 -17.22
C ARG G 100 10.00 3.93 -17.70
N SER G 101 10.79 4.95 -17.37
CA SER G 101 10.47 6.30 -17.80
C SER G 101 11.63 6.91 -18.57
N PHE G 102 11.32 7.85 -19.46
CA PHE G 102 12.35 8.46 -20.29
C PHE G 102 12.42 9.98 -20.22
N ARG G 103 13.65 10.48 -20.11
CA ARG G 103 13.92 11.91 -20.04
C ARG G 103 15.23 12.24 -20.73
N ASN G 104 15.17 12.98 -21.83
CA ASN G 104 16.38 13.34 -22.55
C ASN G 104 17.17 14.44 -21.83
N GLU G 105 18.41 14.64 -22.26
CA GLU G 105 19.27 15.65 -21.63
C GLU G 105 19.44 15.44 -20.14
N GLU G 106 19.54 14.18 -19.74
CA GLU G 106 19.72 13.80 -18.34
C GLU G 106 20.60 12.56 -18.18
N MET G 107 21.82 12.78 -17.67
CA MET G 107 22.76 11.70 -17.45
C MET G 107 23.88 12.15 -16.51
N GLY G 108 23.99 11.44 -15.40
CA GLY G 108 25.02 11.74 -14.41
C GLY G 108 25.06 10.60 -13.42
N ARG G 109 25.79 10.73 -12.31
CA ARG G 109 25.84 9.61 -11.39
C ARG G 109 24.50 9.24 -10.79
N TYR G 110 23.51 10.10 -10.94
CA TYR G 110 22.20 9.79 -10.38
C TYR G 110 21.10 9.87 -11.43
N HIS G 111 21.51 10.07 -12.68
CA HIS G 111 20.56 10.18 -13.78
C HIS G 111 20.91 9.28 -14.95
N ASN G 112 19.85 8.76 -15.59
CA ASN G 112 20.01 7.92 -16.76
C ASN G 112 18.87 8.34 -17.70
N PRO G 113 19.15 8.49 -18.99
CA PRO G 113 18.09 8.88 -19.93
C PRO G 113 16.81 8.08 -19.73
N GLU G 114 16.94 6.85 -19.26
CA GLU G 114 15.78 6.04 -18.97
C GLU G 114 16.03 5.46 -17.61
N PHE G 115 14.97 5.31 -16.81
CA PHE G 115 15.10 4.79 -15.46
C PHE G 115 13.75 4.23 -15.03
N THR G 116 13.75 3.52 -13.91
CA THR G 116 12.54 2.90 -13.39
C THR G 116 11.88 3.82 -12.36
N MET G 117 10.56 3.92 -12.44
CA MET G 117 9.81 4.77 -11.55
C MET G 117 8.72 3.99 -10.82
N LEU G 118 8.55 4.30 -9.54
CA LEU G 118 7.50 3.69 -8.76
C LEU G 118 6.56 4.86 -8.50
N GLU G 119 5.41 4.84 -9.14
CA GLU G 119 4.44 5.89 -8.97
C GLU G 119 3.12 5.25 -8.56
N TRP G 120 2.52 5.74 -7.49
CA TRP G 120 1.25 5.17 -7.08
C TRP G 120 0.26 6.23 -6.63
N TYR G 121 -1.02 5.92 -6.74
CA TYR G 121 -2.05 6.87 -6.35
C TYR G 121 -3.03 6.31 -5.34
N ARG G 122 -3.18 7.07 -4.24
CA ARG G 122 -4.08 6.73 -3.15
C ARG G 122 -5.27 7.69 -3.11
N PRO G 123 -6.46 7.19 -3.45
CA PRO G 123 -7.66 8.02 -3.43
C PRO G 123 -8.10 8.27 -1.97
N HIS G 124 -8.46 9.51 -1.66
CA HIS G 124 -8.90 9.89 -0.31
C HIS G 124 -7.74 10.03 0.67
N TYR G 125 -6.57 10.40 0.16
CA TYR G 125 -5.39 10.56 0.98
C TYR G 125 -4.85 11.99 0.83
N ASP G 126 -4.55 12.64 1.94
CA ASP G 126 -3.99 13.98 1.92
C ASP G 126 -2.47 13.79 1.83
N MET G 127 -1.73 14.83 1.48
CA MET G 127 -0.30 14.68 1.36
C MET G 127 0.42 14.38 2.69
N TYR G 128 -0.34 13.87 3.65
CA TYR G 128 0.25 13.50 4.94
C TYR G 128 0.03 12.00 5.15
N ARG G 129 -1.09 11.49 4.65
CA ARG G 129 -1.39 10.06 4.75
C ARG G 129 -0.40 9.33 3.85
N LEU G 130 -0.28 9.81 2.62
CA LEU G 130 0.62 9.25 1.63
C LEU G 130 2.05 9.38 2.11
N MET G 131 2.46 10.61 2.37
CA MET G 131 3.80 10.92 2.86
C MET G 131 4.19 9.92 3.96
N ASN G 132 3.19 9.46 4.70
CA ASN G 132 3.43 8.51 5.77
C ASN G 132 3.81 7.15 5.19
N GLU G 133 3.05 6.71 4.18
CA GLU G 133 3.31 5.42 3.54
C GLU G 133 4.70 5.37 2.89
N VAL G 134 5.06 6.46 2.22
CA VAL G 134 6.36 6.56 1.56
C VAL G 134 7.38 6.27 2.64
N ASP G 135 7.19 6.93 3.78
CA ASP G 135 8.08 6.80 4.93
C ASP G 135 8.26 5.36 5.41
N ASP G 136 7.19 4.56 5.44
CA ASP G 136 7.37 3.19 5.89
C ASP G 136 7.90 2.30 4.78
N LEU G 137 7.78 2.76 3.54
CA LEU G 137 8.32 2.01 2.41
C LEU G 137 9.83 2.10 2.56
N LEU G 138 10.30 3.31 2.87
CA LEU G 138 11.73 3.52 3.05
C LEU G 138 12.29 2.70 4.20
N GLN G 139 11.47 2.47 5.22
CA GLN G 139 11.92 1.72 6.39
C GLN G 139 11.97 0.21 6.17
N GLN G 140 11.11 -0.31 5.30
CA GLN G 140 11.13 -1.74 5.04
C GLN G 140 12.19 -2.10 4.01
N VAL G 141 12.33 -1.24 3.00
CA VAL G 141 13.30 -1.49 1.95
C VAL G 141 14.70 -1.04 2.33
N LEU G 142 14.83 0.12 2.97
CA LEU G 142 16.15 0.61 3.39
C LEU G 142 16.51 0.28 4.83
N ASP G 143 15.59 -0.41 5.53
CA ASP G 143 15.78 -0.78 6.94
C ASP G 143 16.45 0.32 7.77
N CYS G 144 15.93 1.54 7.62
CA CYS G 144 16.45 2.70 8.35
C CYS G 144 15.35 3.24 9.27
N PRO G 145 15.66 4.30 10.05
CA PRO G 145 14.67 4.88 10.97
C PRO G 145 13.58 5.67 10.24
N ALA G 146 12.66 6.28 11.01
CA ALA G 146 11.59 7.08 10.43
C ALA G 146 12.18 8.41 9.95
N ALA G 147 11.53 9.02 8.97
CA ALA G 147 12.03 10.27 8.41
C ALA G 147 11.64 11.54 9.16
N GLU G 148 12.52 12.54 9.11
CA GLU G 148 12.24 13.82 9.73
C GLU G 148 11.42 14.63 8.73
N SER G 149 10.29 15.17 9.18
CA SER G 149 9.45 15.97 8.30
C SER G 149 9.82 17.44 8.52
N LEU G 150 9.97 18.19 7.42
CA LEU G 150 10.36 19.59 7.51
C LEU G 150 9.81 20.44 6.37
N SER G 151 8.82 21.29 6.66
CA SER G 151 8.25 22.13 5.61
C SER G 151 9.36 22.90 4.87
N TYR G 152 9.09 23.26 3.63
CA TYR G 152 10.03 23.99 2.79
C TYR G 152 10.51 25.26 3.49
N GLN G 153 9.59 25.88 4.22
CA GLN G 153 9.85 27.12 4.94
C GLN G 153 10.88 27.01 6.07
N GLN G 154 10.55 26.25 7.11
CA GLN G 154 11.45 26.09 8.25
C GLN G 154 12.79 25.50 7.85
N ALA G 155 12.76 24.55 6.92
CA ALA G 155 13.99 23.92 6.44
C ALA G 155 14.91 24.98 5.84
N PHE G 156 14.31 25.96 5.17
CA PHE G 156 15.09 27.03 4.56
C PHE G 156 15.77 27.88 5.64
N LEU G 157 14.96 28.42 6.56
CA LEU G 157 15.46 29.26 7.65
C LEU G 157 16.57 28.58 8.45
N ARG G 158 16.43 27.27 8.64
CA ARG G 158 17.42 26.53 9.41
C ARG G 158 18.79 26.41 8.75
N TYR G 159 18.83 26.26 7.43
CA TYR G 159 20.12 26.11 6.77
C TYR G 159 20.60 27.33 5.99
N LEU G 160 19.77 28.37 5.93
CA LEU G 160 20.16 29.57 5.20
C LEU G 160 19.78 30.85 5.96
N GLU G 161 18.84 30.72 6.90
CA GLU G 161 18.37 31.84 7.71
C GLU G 161 17.69 32.88 6.82
N ILE G 162 16.67 32.44 6.10
CA ILE G 162 15.89 33.28 5.21
C ILE G 162 14.53 32.65 5.06
N ASP G 163 13.49 33.48 4.92
CA ASP G 163 12.14 32.95 4.75
C ASP G 163 11.85 32.92 3.26
N PRO G 164 11.82 31.71 2.66
CA PRO G 164 11.55 31.53 1.23
C PRO G 164 10.24 32.18 0.78
N LEU G 165 9.32 32.34 1.71
CA LEU G 165 8.02 32.95 1.43
C LEU G 165 8.02 34.46 1.59
N SER G 166 9.14 35.03 2.04
CA SER G 166 9.22 36.48 2.26
C SER G 166 10.27 37.24 1.46
N ALA G 167 11.54 36.97 1.74
CA ALA G 167 12.67 37.64 1.08
C ALA G 167 12.50 37.79 -0.43
N ASP G 168 13.11 38.84 -1.00
CA ASP G 168 13.02 39.11 -2.42
C ASP G 168 14.33 38.92 -3.17
N LYS G 169 14.37 39.46 -4.39
CA LYS G 169 15.52 39.37 -5.28
C LYS G 169 16.87 39.42 -4.56
N THR G 170 17.40 40.64 -4.42
CA THR G 170 18.69 40.85 -3.77
C THR G 170 18.72 40.16 -2.41
N GLN G 171 17.58 40.20 -1.73
CA GLN G 171 17.43 39.55 -0.43
C GLN G 171 18.03 38.16 -0.52
N LEU G 172 17.67 37.45 -1.59
CA LEU G 172 18.16 36.11 -1.85
C LEU G 172 19.58 36.08 -2.39
N ARG G 173 19.83 36.83 -3.45
CA ARG G 173 21.16 36.87 -4.05
C ARG G 173 22.29 37.07 -3.05
N GLU G 174 21.94 37.47 -1.83
CA GLU G 174 22.92 37.67 -0.78
C GLU G 174 23.28 36.31 -0.21
N VAL G 175 22.25 35.49 0.00
CA VAL G 175 22.43 34.14 0.51
C VAL G 175 23.15 33.34 -0.56
N ALA G 176 22.94 33.75 -1.81
CA ALA G 176 23.58 33.08 -2.94
C ALA G 176 25.02 33.54 -3.00
N ALA G 177 25.22 34.84 -2.91
CA ALA G 177 26.54 35.43 -2.95
C ALA G 177 27.47 34.76 -1.93
N LYS G 178 26.93 34.35 -0.79
CA LYS G 178 27.76 33.71 0.22
C LYS G 178 28.05 32.26 -0.17
N LEU G 179 27.06 31.55 -0.70
CA LEU G 179 27.25 30.17 -1.11
C LEU G 179 28.06 30.14 -2.40
N ASP G 180 28.60 31.29 -2.77
CA ASP G 180 29.39 31.43 -3.99
C ASP G 180 28.58 30.93 -5.18
N LEU G 181 27.47 31.61 -5.46
CA LEU G 181 26.60 31.25 -6.58
C LEU G 181 26.30 32.48 -7.42
N SER G 182 26.97 33.57 -7.09
CA SER G 182 26.79 34.83 -7.79
C SER G 182 26.91 34.70 -9.31
N ASN G 183 27.59 33.67 -9.78
CA ASN G 183 27.77 33.49 -11.22
C ASN G 183 26.46 33.07 -11.89
N VAL G 184 25.53 32.56 -11.09
CA VAL G 184 24.24 32.10 -11.60
C VAL G 184 23.08 32.92 -11.02
N ALA G 185 23.25 33.46 -9.83
CA ALA G 185 22.20 34.25 -9.20
C ALA G 185 22.21 35.70 -9.65
N ASP G 186 23.39 36.31 -9.67
CA ASP G 186 23.54 37.71 -10.06
C ASP G 186 23.00 38.06 -11.44
N THR G 187 22.81 37.06 -12.29
CA THR G 187 22.27 37.29 -13.63
C THR G 187 20.86 36.74 -13.78
N GLU G 188 20.41 35.96 -12.80
CA GLU G 188 19.06 35.36 -12.87
C GLU G 188 18.07 36.40 -12.44
N GLU G 189 16.91 36.44 -13.10
CA GLU G 189 15.97 37.50 -12.68
C GLU G 189 14.63 36.91 -12.26
N ASP G 190 14.43 35.63 -12.60
CA ASP G 190 13.22 34.91 -12.23
C ASP G 190 13.38 34.52 -10.76
N ARG G 191 12.40 34.85 -9.93
CA ARG G 191 12.48 34.55 -8.51
C ARG G 191 12.47 33.05 -8.19
N ASP G 192 11.45 32.35 -8.66
CA ASP G 192 11.33 30.92 -8.39
C ASP G 192 12.61 30.16 -8.69
N THR G 193 13.35 30.61 -9.69
CA THR G 193 14.61 29.95 -10.05
C THR G 193 15.62 30.19 -8.93
N LEU G 194 15.67 31.44 -8.45
CA LEU G 194 16.59 31.80 -7.38
C LEU G 194 16.25 30.97 -6.15
N LEU G 195 14.96 30.86 -5.87
CA LEU G 195 14.50 30.11 -4.71
C LEU G 195 14.86 28.62 -4.79
N GLN G 196 15.00 28.11 -6.02
CA GLN G 196 15.36 26.71 -6.22
C GLN G 196 16.88 26.56 -6.17
N LEU G 197 17.57 27.44 -6.87
CA LEU G 197 19.04 27.42 -6.90
C LEU G 197 19.55 27.36 -5.48
N LEU G 198 18.78 27.95 -4.56
CA LEU G 198 19.14 27.99 -3.15
C LEU G 198 18.86 26.69 -2.42
N PHE G 199 17.69 26.09 -2.72
CA PHE G 199 17.29 24.84 -2.08
C PHE G 199 18.20 23.66 -2.44
N THR G 200 18.61 23.61 -3.70
CA THR G 200 19.46 22.52 -4.18
C THR G 200 20.90 22.53 -3.67
N PHE G 201 21.50 23.70 -3.57
CA PHE G 201 22.89 23.77 -3.12
C PHE G 201 23.05 24.36 -1.72
N GLY G 202 21.96 24.73 -1.08
CA GLY G 202 22.03 25.30 0.24
C GLY G 202 21.32 24.47 1.30
N VAL G 203 20.33 23.69 0.88
CA VAL G 203 19.58 22.87 1.81
C VAL G 203 19.86 21.39 1.57
N GLU G 204 19.45 20.90 0.40
CA GLU G 204 19.64 19.51 0.00
C GLU G 204 20.93 18.85 0.49
N PRO G 205 22.08 19.53 0.28
CA PRO G 205 23.37 18.99 0.71
C PRO G 205 23.59 18.89 2.22
N ASN G 206 22.56 19.18 3.01
CA ASN G 206 22.69 19.13 4.47
C ASN G 206 21.64 18.26 5.13
N ILE G 207 20.44 18.28 4.57
CA ILE G 207 19.33 17.52 5.10
C ILE G 207 19.47 16.01 4.92
N GLY G 208 18.64 15.28 5.66
CA GLY G 208 18.64 13.82 5.59
C GLY G 208 20.00 13.15 5.62
N LYS G 209 20.83 13.47 6.61
CA LYS G 209 22.15 12.85 6.71
C LYS G 209 22.15 11.55 7.51
N GLU G 210 21.24 11.45 8.47
CA GLU G 210 21.15 10.25 9.30
C GLU G 210 19.88 9.46 9.01
N LYS G 211 18.94 10.10 8.34
CA LYS G 211 17.68 9.45 8.02
C LYS G 211 16.93 10.19 6.92
N PRO G 212 15.89 9.56 6.36
CA PRO G 212 15.12 10.20 5.29
C PRO G 212 14.59 11.55 5.78
N THR G 213 14.65 12.55 4.91
CA THR G 213 14.17 13.88 5.25
C THR G 213 13.10 14.38 4.28
N PHE G 214 11.88 14.50 4.78
CA PHE G 214 10.77 15.00 3.96
C PHE G 214 10.80 16.52 3.97
N VAL G 215 10.41 17.13 2.85
CA VAL G 215 10.35 18.57 2.72
C VAL G 215 9.03 18.84 2.02
N TYR G 216 8.09 19.47 2.73
CA TYR G 216 6.77 19.75 2.16
C TYR G 216 6.41 21.22 2.05
N HIS G 217 5.21 21.47 1.51
CA HIS G 217 4.70 22.83 1.33
C HIS G 217 5.66 23.72 0.55
N PHE G 218 5.98 23.30 -0.67
CA PHE G 218 6.87 24.06 -1.55
C PHE G 218 6.15 25.34 -1.96
N PRO G 219 6.89 26.31 -2.54
CA PRO G 219 6.27 27.55 -2.98
C PRO G 219 5.14 27.24 -3.96
N ALA G 220 3.99 27.89 -3.79
CA ALA G 220 2.86 27.66 -4.66
C ALA G 220 3.25 27.81 -6.12
N SER G 221 4.33 28.54 -6.38
CA SER G 221 4.78 28.76 -7.75
C SER G 221 5.51 27.54 -8.29
N GLN G 222 5.79 26.58 -7.42
CA GLN G 222 6.47 25.35 -7.78
C GLN G 222 5.50 24.19 -7.57
N ALA G 223 4.22 24.51 -7.48
CA ALA G 223 3.17 23.53 -7.25
C ALA G 223 3.11 22.36 -8.23
N SER G 224 3.55 22.58 -9.46
CA SER G 224 3.54 21.53 -10.48
C SER G 224 2.08 21.16 -10.78
N LEU G 225 1.65 19.99 -10.31
CA LEU G 225 0.27 19.54 -10.51
C LEU G 225 -0.34 19.18 -9.17
N ALA G 226 0.07 19.93 -8.15
CA ALA G 226 -0.42 19.72 -6.79
C ALA G 226 -1.42 20.83 -6.45
N GLN G 227 -2.33 20.53 -5.52
CA GLN G 227 -3.31 21.51 -5.10
C GLN G 227 -2.63 22.63 -4.32
N ILE G 228 -3.37 23.72 -4.14
CA ILE G 228 -2.84 24.84 -3.37
C ILE G 228 -3.41 24.66 -1.96
N SER G 229 -2.68 25.12 -0.95
CA SER G 229 -3.15 24.97 0.43
C SER G 229 -4.25 25.97 0.75
N THR G 230 -5.35 25.45 1.28
CA THR G 230 -6.49 26.28 1.65
C THR G 230 -6.05 27.29 2.72
N GLU G 231 -5.21 26.82 3.64
CA GLU G 231 -4.70 27.67 4.70
C GLU G 231 -3.81 28.77 4.14
N ASP G 232 -2.52 28.49 4.01
CA ASP G 232 -1.59 29.48 3.46
C ASP G 232 -1.52 29.28 1.94
N HIS G 233 -2.05 30.26 1.21
CA HIS G 233 -2.08 30.22 -0.25
C HIS G 233 -0.75 30.58 -0.91
N ARG G 234 0.31 30.63 -0.11
CA ARG G 234 1.64 30.97 -0.63
C ARG G 234 2.45 29.70 -0.83
N VAL G 235 1.86 28.57 -0.45
CA VAL G 235 2.51 27.27 -0.59
C VAL G 235 1.66 26.26 -1.35
N ALA G 236 2.34 25.28 -1.92
CA ALA G 236 1.69 24.23 -2.67
C ALA G 236 1.69 22.93 -1.86
N GLU G 237 0.70 22.08 -2.12
CA GLU G 237 0.57 20.79 -1.45
C GLU G 237 1.45 19.77 -2.17
N ARG G 238 2.76 19.94 -2.02
CA ARG G 238 3.73 19.07 -2.66
C ARG G 238 4.80 18.69 -1.66
N PHE G 239 5.42 17.53 -1.86
CA PHE G 239 6.47 17.07 -0.96
C PHE G 239 7.52 16.25 -1.70
N GLU G 240 8.69 16.11 -1.08
CA GLU G 240 9.78 15.33 -1.64
C GLU G 240 10.58 14.69 -0.51
N VAL G 241 11.13 13.51 -0.76
CA VAL G 241 11.92 12.83 0.25
C VAL G 241 13.38 12.93 -0.13
N TYR G 242 14.26 12.91 0.86
CA TYR G 242 15.70 12.98 0.62
C TYR G 242 16.47 12.13 1.63
N TYR G 243 17.54 11.49 1.16
CA TYR G 243 18.33 10.67 2.06
C TYR G 243 19.73 10.52 1.51
N LYS G 244 20.70 10.60 2.41
CA LYS G 244 22.11 10.48 2.03
C LYS G 244 22.51 11.45 0.91
N GLY G 245 21.67 12.43 0.63
CA GLY G 245 22.00 13.39 -0.41
C GLY G 245 21.34 13.08 -1.75
N ILE G 246 20.45 12.10 -1.75
CA ILE G 246 19.76 11.71 -2.97
C ILE G 246 18.25 11.99 -2.92
N GLU G 247 17.77 12.72 -3.91
CA GLU G 247 16.35 13.03 -4.02
C GLU G 247 15.69 11.68 -4.39
N LEU G 248 14.72 11.23 -3.59
CA LEU G 248 14.05 9.96 -3.84
C LEU G 248 12.62 10.00 -4.37
N ALA G 249 11.81 10.94 -3.90
CA ALA G 249 10.42 11.03 -4.35
C ALA G 249 9.87 12.45 -4.39
N ASN G 250 8.81 12.61 -5.19
CA ASN G 250 8.17 13.91 -5.35
C ASN G 250 6.67 13.69 -5.48
N GLY G 251 5.99 13.59 -4.34
CA GLY G 251 4.55 13.40 -4.38
C GLY G 251 3.79 14.65 -4.01
N PHE G 252 2.48 14.61 -4.19
CA PHE G 252 1.64 15.75 -3.84
C PHE G 252 0.14 15.52 -3.96
N HIS G 253 -0.63 16.35 -3.24
CA HIS G 253 -2.10 16.26 -3.27
C HIS G 253 -2.49 16.72 -4.68
N GLU G 254 -3.05 15.79 -5.44
CA GLU G 254 -3.44 16.08 -6.81
C GLU G 254 -4.51 17.13 -6.99
N LEU G 255 -4.28 18.00 -7.97
CA LEU G 255 -5.23 19.05 -8.30
C LEU G 255 -6.37 18.37 -9.05
N THR G 256 -7.60 18.77 -8.75
CA THR G 256 -8.76 18.17 -9.37
C THR G 256 -9.51 19.13 -10.29
N ASP G 257 -9.17 20.41 -10.22
CA ASP G 257 -9.83 21.43 -11.04
C ASP G 257 -9.23 21.52 -12.44
N ALA G 258 -10.01 21.05 -13.42
CA ALA G 258 -9.58 21.08 -14.81
C ALA G 258 -9.05 22.46 -15.19
N ARG G 259 -9.95 23.44 -15.24
CA ARG G 259 -9.57 24.81 -15.62
C ARG G 259 -8.22 25.25 -15.08
N GLU G 260 -8.01 25.09 -13.78
CA GLU G 260 -6.74 25.51 -13.18
C GLU G 260 -5.61 24.73 -13.85
N GLN G 261 -5.80 23.42 -13.95
CA GLN G 261 -4.81 22.57 -14.59
C GLN G 261 -4.58 23.11 -15.98
N GLN G 262 -5.66 23.18 -16.75
CA GLN G 262 -5.62 23.66 -18.12
C GLN G 262 -4.92 25.00 -18.27
N GLN G 263 -4.90 25.82 -17.21
CA GLN G 263 -4.24 27.12 -17.31
C GLN G 263 -2.77 27.12 -16.92
N ARG G 264 -2.37 26.16 -16.09
CA ARG G 264 -0.96 26.09 -15.71
C ARG G 264 -0.19 25.62 -16.95
N PHE G 265 -0.73 24.64 -17.66
CA PHE G 265 -0.06 24.15 -18.85
C PHE G 265 0.09 25.32 -19.82
N GLU G 266 -0.97 26.11 -19.98
CA GLU G 266 -0.92 27.27 -20.87
C GLU G 266 0.18 28.21 -20.38
N GLN G 267 0.28 28.32 -19.05
CA GLN G 267 1.32 29.14 -18.44
C GLN G 267 2.70 28.56 -18.74
N ASP G 268 2.83 27.25 -18.56
CA ASP G 268 4.08 26.54 -18.83
C ASP G 268 4.60 26.88 -20.21
N ASN G 269 3.81 26.56 -21.21
CA ASN G 269 4.21 26.86 -22.58
C ASN G 269 4.55 28.32 -22.77
N ARG G 270 3.89 29.19 -22.00
CA ARG G 270 4.15 30.62 -22.09
C ARG G 270 5.61 30.85 -21.69
N LYS G 271 5.99 30.34 -20.51
CA LYS G 271 7.35 30.49 -20.02
C LYS G 271 8.37 29.82 -20.93
N ARG G 272 8.01 28.67 -21.50
CA ARG G 272 8.93 27.95 -22.38
C ARG G 272 9.38 28.81 -23.55
N ALA G 273 8.42 29.27 -24.36
CA ALA G 273 8.73 30.10 -25.52
C ALA G 273 9.55 31.33 -25.14
N ALA G 274 9.25 31.89 -23.97
CA ALA G 274 9.97 33.05 -23.49
C ALA G 274 11.44 32.67 -23.31
N ARG G 275 11.68 31.47 -22.79
CA ARG G 275 13.04 30.96 -22.54
C ARG G 275 13.69 30.37 -23.80
N GLY G 276 13.00 30.47 -24.93
CA GLY G 276 13.54 29.92 -26.17
C GLY G 276 13.20 28.45 -26.35
N LEU G 277 12.69 27.85 -25.28
CA LEU G 277 12.32 26.44 -25.31
C LEU G 277 11.12 26.21 -26.22
N PRO G 278 11.04 25.03 -26.83
CA PRO G 278 9.87 24.79 -27.69
C PRO G 278 8.62 24.59 -26.84
N GLN G 279 7.46 24.85 -27.45
CA GLN G 279 6.17 24.69 -26.77
C GLN G 279 5.57 23.34 -27.11
N HIS G 280 4.75 22.80 -26.21
CA HIS G 280 4.12 21.50 -26.41
C HIS G 280 2.61 21.54 -26.28
N PRO G 281 1.90 21.01 -27.28
CA PRO G 281 0.43 20.98 -27.25
C PRO G 281 -0.07 20.24 -26.02
N ILE G 282 -1.05 20.83 -25.32
CA ILE G 282 -1.62 20.24 -24.13
C ILE G 282 -2.28 18.89 -24.43
N ASP G 283 -2.25 18.00 -23.44
CA ASP G 283 -2.84 16.68 -23.56
C ASP G 283 -4.33 16.76 -23.27
N GLN G 284 -5.13 16.81 -24.33
CA GLN G 284 -6.57 16.89 -24.19
C GLN G 284 -7.14 15.73 -23.35
N ASN G 285 -6.69 14.51 -23.61
CA ASN G 285 -7.16 13.35 -22.86
C ASN G 285 -7.04 13.52 -21.35
N LEU G 286 -5.98 14.18 -20.89
CA LEU G 286 -5.83 14.40 -19.45
C LEU G 286 -6.84 15.45 -19.04
N ILE G 287 -6.89 16.55 -19.78
CA ILE G 287 -7.82 17.63 -19.51
C ILE G 287 -9.26 17.10 -19.47
N GLU G 288 -9.67 16.44 -20.54
CA GLU G 288 -11.02 15.89 -20.65
C GLU G 288 -11.35 14.97 -19.48
N ALA G 289 -10.38 14.13 -19.11
CA ALA G 289 -10.57 13.19 -18.01
C ALA G 289 -10.87 13.96 -16.71
N LEU G 290 -10.13 15.03 -16.49
CA LEU G 290 -10.33 15.83 -15.29
C LEU G 290 -11.75 16.40 -15.25
N LYS G 291 -12.18 16.95 -16.38
CA LYS G 291 -13.52 17.51 -16.50
C LYS G 291 -14.60 16.50 -16.10
N VAL G 292 -14.38 15.23 -16.43
CA VAL G 292 -15.37 14.23 -16.06
C VAL G 292 -15.42 14.11 -14.53
N GLY G 293 -14.27 14.15 -13.88
CA GLY G 293 -14.25 14.06 -12.42
C GLY G 293 -13.23 13.13 -11.80
N MET G 294 -12.07 13.68 -11.44
CA MET G 294 -11.02 12.88 -10.81
C MET G 294 -11.12 12.94 -9.28
N PRO G 295 -11.43 11.81 -8.62
CA PRO G 295 -11.54 11.77 -7.16
C PRO G 295 -10.32 12.27 -6.39
N ASP G 296 -10.58 12.89 -5.25
CA ASP G 296 -9.55 13.44 -4.37
C ASP G 296 -8.52 12.36 -4.02
N CYS G 297 -7.24 12.70 -4.16
CA CYS G 297 -6.17 11.73 -3.89
C CYS G 297 -4.78 12.37 -3.97
N SER G 298 -3.80 11.69 -3.40
CA SER G 298 -2.42 12.16 -3.44
C SER G 298 -1.58 11.11 -4.19
N GLY G 299 -0.62 11.59 -4.97
CA GLY G 299 0.22 10.69 -5.74
C GLY G 299 1.68 11.02 -5.62
N VAL G 300 2.52 9.99 -5.58
CA VAL G 300 3.95 10.20 -5.46
C VAL G 300 4.73 9.42 -6.51
N ALA G 301 5.86 9.99 -6.92
CA ALA G 301 6.74 9.39 -7.91
C ALA G 301 8.11 9.15 -7.25
N LEU G 302 8.48 7.88 -7.09
CA LEU G 302 9.75 7.51 -6.47
C LEU G 302 10.77 6.88 -7.44
N GLY G 303 12.05 7.23 -7.28
CA GLY G 303 13.09 6.69 -8.15
C GLY G 303 13.70 5.37 -7.68
N VAL G 304 13.10 4.26 -8.08
CA VAL G 304 13.57 2.93 -7.69
C VAL G 304 15.05 2.70 -7.88
N ASP G 305 15.61 3.17 -8.99
CA ASP G 305 17.03 2.99 -9.20
C ASP G 305 17.82 3.68 -8.10
N ARG G 306 17.32 4.81 -7.63
CA ARG G 306 18.01 5.53 -6.57
C ARG G 306 17.80 4.83 -5.24
N LEU G 307 16.60 4.28 -5.05
CA LEU G 307 16.28 3.55 -3.84
C LEU G 307 17.22 2.35 -3.73
N VAL G 308 17.29 1.58 -4.83
CA VAL G 308 18.13 0.40 -4.90
C VAL G 308 19.60 0.78 -4.72
N MET G 309 19.99 1.91 -5.29
CA MET G 309 21.37 2.35 -5.19
C MET G 309 21.76 2.52 -3.71
N LEU G 310 20.85 3.12 -2.93
CA LEU G 310 21.08 3.31 -1.50
C LEU G 310 21.12 1.97 -0.74
N ALA G 311 20.10 1.15 -0.96
CA ALA G 311 20.00 -0.15 -0.29
C ALA G 311 21.22 -1.03 -0.46
N LEU G 312 21.88 -0.94 -1.59
CA LEU G 312 23.05 -1.79 -1.83
C LEU G 312 24.39 -1.11 -1.63
N GLY G 313 24.35 0.18 -1.32
CA GLY G 313 25.60 0.91 -1.13
C GLY G 313 26.27 1.27 -2.43
N ALA G 314 25.51 1.30 -3.52
CA ALA G 314 26.10 1.64 -4.81
C ALA G 314 26.58 3.08 -4.74
N GLU G 315 27.58 3.39 -5.55
CA GLU G 315 28.15 4.73 -5.59
C GLU G 315 27.42 5.54 -6.65
N THR G 316 27.00 4.86 -7.72
CA THR G 316 26.29 5.50 -8.81
C THR G 316 25.04 4.74 -9.23
N LEU G 317 24.36 5.28 -10.23
CA LEU G 317 23.13 4.67 -10.72
C LEU G 317 23.44 3.47 -11.62
N ALA G 318 24.48 3.60 -12.44
CA ALA G 318 24.86 2.55 -13.38
C ALA G 318 25.19 1.21 -12.72
N GLU G 319 25.60 1.26 -11.45
CA GLU G 319 25.96 0.05 -10.70
C GLU G 319 24.75 -0.77 -10.25
N VAL G 320 23.55 -0.25 -10.41
CA VAL G 320 22.37 -0.99 -9.98
C VAL G 320 21.42 -1.24 -11.14
N ILE G 321 21.92 -0.97 -12.35
CA ILE G 321 21.15 -1.14 -13.57
C ILE G 321 21.93 -2.06 -14.49
N ALA G 322 21.24 -3.05 -15.05
CA ALA G 322 21.91 -4.00 -15.93
C ALA G 322 22.77 -3.33 -17.00
N PHE G 323 22.23 -2.37 -17.74
CA PHE G 323 23.01 -1.72 -18.79
C PHE G 323 22.81 -0.21 -18.88
N SER G 324 23.69 0.56 -18.25
CA SER G 324 23.59 2.02 -18.31
C SER G 324 23.56 2.39 -19.79
N VAL G 325 23.11 3.59 -20.10
CA VAL G 325 22.99 4.00 -21.49
C VAL G 325 24.25 3.85 -22.37
N ASP G 326 25.43 4.07 -21.81
CA ASP G 326 26.67 3.95 -22.58
C ASP G 326 27.04 2.53 -23.03
N ARG G 327 26.34 1.53 -22.48
CA ARG G 327 26.59 0.14 -22.80
C ARG G 327 25.36 -0.45 -23.49
N ALA G 328 24.26 0.29 -23.42
CA ALA G 328 23.00 -0.14 -23.99
C ALA G 328 23.07 -0.32 -25.51
N THR H 6 34.59 27.34 -24.98
CA THR H 6 35.08 26.15 -25.74
C THR H 6 34.75 24.83 -25.04
N TYR H 7 34.35 24.89 -23.77
CA TYR H 7 33.99 23.70 -23.01
C TYR H 7 32.67 23.88 -22.28
N TYR H 8 31.87 22.82 -22.22
CA TYR H 8 30.57 22.90 -21.56
C TYR H 8 30.53 22.32 -20.15
N SER H 9 29.72 22.97 -19.32
CA SER H 9 29.53 22.63 -17.91
C SER H 9 29.71 21.17 -17.51
N ASN H 10 28.92 20.28 -18.12
CA ASN H 10 29.00 18.88 -17.79
C ASN H 10 30.07 18.14 -18.56
N ASP H 11 30.86 18.89 -19.32
CA ASP H 11 31.96 18.34 -20.08
C ASP H 11 33.26 18.70 -19.35
N PHE H 12 33.11 19.16 -18.11
CA PHE H 12 34.23 19.53 -17.26
C PHE H 12 34.76 18.25 -16.63
N ARG H 13 35.88 17.76 -17.17
CA ARG H 13 36.49 16.54 -16.66
C ARG H 13 37.73 16.86 -15.80
N ALA H 14 38.11 15.92 -14.95
CA ALA H 14 39.27 16.09 -14.08
C ALA H 14 40.53 16.37 -14.90
N GLY H 15 41.25 17.43 -14.53
CA GLY H 15 42.47 17.76 -15.23
C GLY H 15 42.31 18.83 -16.29
N LEU H 16 41.08 19.22 -16.57
CA LEU H 16 40.80 20.25 -17.57
C LEU H 16 41.12 21.62 -16.98
N LYS H 17 41.98 22.37 -17.67
CA LYS H 17 42.38 23.71 -17.21
C LYS H 17 41.47 24.78 -17.84
N ILE H 18 40.71 25.50 -17.02
CA ILE H 18 39.81 26.52 -17.55
C ILE H 18 39.92 27.94 -16.96
N MET H 19 39.55 28.92 -17.77
CA MET H 19 39.57 30.33 -17.39
C MET H 19 38.28 30.73 -16.69
N LEU H 20 38.41 31.43 -15.56
CA LEU H 20 37.25 31.89 -14.81
C LEU H 20 37.54 33.25 -14.20
N ASP H 21 36.83 34.27 -14.67
CA ASP H 21 37.02 35.63 -14.19
C ASP H 21 38.51 35.99 -14.15
N GLY H 22 39.24 35.64 -15.20
CA GLY H 22 40.66 35.96 -15.25
C GLY H 22 41.61 35.01 -14.54
N GLU H 23 41.12 34.25 -13.56
CA GLU H 23 41.99 33.32 -12.84
C GLU H 23 41.90 31.93 -13.46
N PRO H 24 43.04 31.24 -13.61
CA PRO H 24 43.07 29.89 -14.18
C PRO H 24 42.72 28.82 -13.15
N TYR H 25 41.81 27.92 -13.49
CA TYR H 25 41.43 26.85 -12.59
C TYR H 25 41.71 25.49 -13.22
N ALA H 26 41.70 24.46 -12.39
CA ALA H 26 41.93 23.09 -12.83
C ALA H 26 40.78 22.29 -12.26
N VAL H 27 40.04 21.62 -13.15
CA VAL H 27 38.91 20.84 -12.68
C VAL H 27 39.35 19.55 -12.03
N GLU H 28 38.70 19.23 -10.92
CA GLU H 28 39.00 18.01 -10.18
C GLU H 28 37.85 17.03 -10.35
N ALA H 29 36.64 17.51 -10.08
CA ALA H 29 35.45 16.69 -10.17
C ALA H 29 34.29 17.47 -10.72
N SER H 30 33.33 16.77 -11.31
CA SER H 30 32.16 17.40 -11.90
C SER H 30 30.98 16.47 -11.69
N GLU H 31 29.86 17.00 -11.22
CA GLU H 31 28.68 16.17 -10.99
C GLU H 31 27.39 16.76 -11.54
N PHE H 32 26.61 15.93 -12.24
CA PHE H 32 25.35 16.38 -12.82
C PHE H 32 24.34 16.53 -11.71
N VAL H 33 23.56 17.60 -11.76
CA VAL H 33 22.55 17.85 -10.74
C VAL H 33 21.34 18.53 -11.36
N LYS H 34 20.17 17.93 -11.16
CA LYS H 34 18.92 18.44 -11.69
C LYS H 34 17.78 17.93 -10.80
N PRO H 35 17.31 18.77 -9.87
CA PRO H 35 16.24 18.47 -8.92
C PRO H 35 14.85 18.44 -9.53
N GLY H 36 13.85 18.09 -8.72
CA GLY H 36 12.48 18.04 -9.19
C GLY H 36 12.01 19.37 -9.75
N LYS H 37 11.52 19.37 -11.00
CA LYS H 37 11.05 20.59 -11.65
C LYS H 37 12.14 21.63 -11.69
N GLY H 38 13.37 21.21 -11.39
CA GLY H 38 14.48 22.13 -11.39
C GLY H 38 15.19 22.30 -12.71
N GLN H 39 16.17 23.20 -12.71
CA GLN H 39 16.99 23.51 -13.86
C GLN H 39 18.16 22.52 -13.85
N ALA H 40 18.95 22.50 -14.91
CA ALA H 40 20.08 21.57 -14.99
C ALA H 40 21.41 22.26 -14.67
N PHE H 41 22.09 21.79 -13.63
CA PHE H 41 23.37 22.35 -13.23
C PHE H 41 24.55 21.40 -13.45
N ALA H 42 25.71 21.86 -12.98
CA ALA H 42 26.94 21.10 -13.06
C ALA H 42 27.83 21.48 -11.86
N ARG H 43 27.55 20.89 -10.71
CA ARG H 43 28.35 21.18 -9.53
C ARG H 43 29.77 20.67 -9.78
N VAL H 44 30.76 21.55 -9.77
CA VAL H 44 32.12 21.12 -10.05
C VAL H 44 33.20 21.59 -9.06
N LYS H 45 34.18 20.72 -8.82
CA LYS H 45 35.27 21.02 -7.90
C LYS H 45 36.54 21.39 -8.65
N LEU H 46 37.11 22.54 -8.31
CA LEU H 46 38.32 23.02 -8.96
C LEU H 46 39.37 23.49 -7.98
N ARG H 47 40.59 23.64 -8.49
CA ARG H 47 41.69 24.11 -7.69
C ARG H 47 42.15 25.45 -8.25
N ARG H 48 41.97 26.50 -7.45
CA ARG H 48 42.36 27.85 -7.84
C ARG H 48 43.88 27.81 -7.97
N LEU H 49 44.35 27.61 -9.19
CA LEU H 49 45.78 27.50 -9.45
C LEU H 49 46.66 28.64 -8.92
N LEU H 50 46.12 29.84 -8.84
CA LEU H 50 46.87 31.00 -8.34
C LEU H 50 47.03 31.01 -6.83
N THR H 51 46.06 30.46 -6.11
CA THR H 51 46.12 30.42 -4.66
C THR H 51 46.18 29.00 -4.12
N GLY H 52 46.53 28.05 -4.99
CA GLY H 52 46.62 26.65 -4.58
C GLY H 52 45.48 26.11 -3.72
N THR H 53 44.37 26.84 -3.64
CA THR H 53 43.25 26.39 -2.84
C THR H 53 42.27 25.55 -3.67
N ARG H 54 41.20 25.09 -3.02
CA ARG H 54 40.18 24.28 -3.68
C ARG H 54 38.80 24.88 -3.47
N VAL H 55 38.14 25.23 -4.58
CA VAL H 55 36.81 25.83 -4.55
C VAL H 55 35.76 24.93 -5.22
N GLU H 56 34.49 25.31 -5.07
CA GLU H 56 33.37 24.59 -5.66
C GLU H 56 32.38 25.58 -6.29
N LYS H 57 32.03 25.35 -7.55
CA LYS H 57 31.11 26.25 -8.25
C LYS H 57 29.98 25.54 -8.99
N THR H 58 28.80 26.14 -8.95
CA THR H 58 27.62 25.60 -9.61
C THR H 58 27.39 26.35 -10.90
N PHE H 59 27.38 25.65 -12.02
CA PHE H 59 27.16 26.27 -13.31
C PHE H 59 25.78 25.89 -13.84
N LYS H 60 25.53 26.23 -15.10
CA LYS H 60 24.28 25.90 -15.78
C LYS H 60 24.70 24.90 -16.85
N SER H 61 23.98 23.79 -16.96
CA SER H 61 24.33 22.78 -17.95
C SER H 61 24.70 23.41 -19.29
N THR H 62 24.04 24.53 -19.59
CA THR H 62 24.26 25.26 -20.82
C THR H 62 25.44 26.24 -20.79
N ASP H 63 25.85 26.67 -19.59
CA ASP H 63 26.99 27.58 -19.46
C ASP H 63 28.23 26.99 -20.13
N SER H 64 29.24 27.83 -20.32
CA SER H 64 30.47 27.38 -20.95
C SER H 64 31.66 28.17 -20.40
N ALA H 65 32.78 27.49 -20.23
CA ALA H 65 34.00 28.12 -19.73
C ALA H 65 35.08 28.09 -20.79
N GLU H 66 35.95 29.09 -20.77
CA GLU H 66 37.02 29.19 -21.74
C GLU H 66 38.28 28.41 -21.31
N GLY H 67 38.89 27.72 -22.25
CA GLY H 67 40.09 26.96 -21.94
C GLY H 67 41.20 27.86 -21.45
N ALA H 68 42.13 27.30 -20.70
CA ALA H 68 43.25 28.06 -20.17
C ALA H 68 44.56 27.39 -20.55
N ASP H 69 45.57 28.21 -20.85
CA ASP H 69 46.89 27.71 -21.22
C ASP H 69 47.70 27.50 -19.95
N VAL H 70 47.46 26.36 -19.31
CA VAL H 70 48.12 25.99 -18.07
C VAL H 70 48.84 24.67 -18.25
N VAL H 71 50.16 24.70 -18.28
CA VAL H 71 50.93 23.47 -18.47
C VAL H 71 52.14 23.37 -17.54
N ASP H 72 52.44 22.15 -17.10
CA ASP H 72 53.59 21.90 -16.24
C ASP H 72 54.82 21.79 -17.13
N MET H 73 56.00 21.85 -16.54
CA MET H 73 57.23 21.80 -17.33
C MET H 73 58.44 21.63 -16.42
N ASN H 74 59.12 20.49 -16.52
CA ASN H 74 60.30 20.25 -15.70
C ASN H 74 61.36 21.29 -16.00
N LEU H 75 61.90 21.88 -14.96
CA LEU H 75 62.95 22.89 -15.12
C LEU H 75 63.98 22.72 -14.01
N THR H 76 65.14 23.30 -14.21
CA THR H 76 66.22 23.21 -13.23
C THR H 76 66.46 24.57 -12.60
N TYR H 77 66.43 24.63 -11.26
CA TYR H 77 66.67 25.88 -10.55
C TYR H 77 68.16 26.21 -10.56
N LEU H 78 68.48 27.48 -10.83
CA LEU H 78 69.86 27.92 -10.88
C LEU H 78 70.20 28.92 -9.77
N TYR H 79 69.50 30.06 -9.75
CA TYR H 79 69.79 31.07 -8.74
C TYR H 79 68.68 32.10 -8.55
N ASN H 80 68.81 32.87 -7.48
CA ASN H 80 67.89 33.93 -7.10
C ASN H 80 68.73 35.21 -7.01
N ASP H 81 68.14 36.36 -7.29
CA ASP H 81 68.92 37.59 -7.21
C ASP H 81 68.16 38.73 -6.56
N GLY H 82 67.05 38.40 -5.91
CA GLY H 82 66.26 39.43 -5.27
C GLY H 82 65.11 39.89 -6.16
N GLU H 83 65.31 39.79 -7.46
CA GLU H 83 64.29 40.17 -8.44
C GLU H 83 63.51 38.92 -8.83
N PHE H 84 64.23 37.91 -9.32
CA PHE H 84 63.60 36.66 -9.76
C PHE H 84 64.39 35.41 -9.36
N TRP H 85 63.71 34.27 -9.46
CA TRP H 85 64.31 32.96 -9.20
C TRP H 85 64.49 32.39 -10.61
N HIS H 86 65.73 32.19 -11.05
CA HIS H 86 66.01 31.71 -12.40
C HIS H 86 66.05 30.20 -12.64
N PHE H 87 65.28 29.74 -13.63
CA PHE H 87 65.25 28.32 -13.98
C PHE H 87 65.66 28.14 -15.42
N MET H 88 66.08 26.93 -15.77
CA MET H 88 66.51 26.63 -17.12
C MET H 88 65.88 25.37 -17.69
N ASN H 89 65.56 25.46 -18.98
CA ASN H 89 64.98 24.35 -19.74
C ASN H 89 66.17 23.57 -20.29
N ASN H 90 66.29 22.32 -19.90
CA ASN H 90 67.42 21.50 -20.36
C ASN H 90 67.30 21.12 -21.83
N GLU H 91 66.08 20.83 -22.28
CA GLU H 91 65.85 20.47 -23.67
C GLU H 91 65.98 21.74 -24.51
N THR H 92 64.97 22.61 -24.36
CA THR H 92 64.92 23.87 -25.08
C THR H 92 66.19 24.70 -24.91
N PHE H 93 66.82 24.59 -23.74
CA PHE H 93 68.04 25.33 -23.43
C PHE H 93 67.78 26.81 -23.15
N GLU H 94 66.50 27.17 -23.03
CA GLU H 94 66.13 28.55 -22.77
C GLU H 94 65.80 28.77 -21.30
N GLN H 95 65.70 30.04 -20.88
CA GLN H 95 65.46 30.38 -19.49
C GLN H 95 64.08 30.95 -19.15
N LEU H 96 63.71 30.83 -17.88
CA LEU H 96 62.45 31.34 -17.37
C LEU H 96 62.68 31.92 -15.97
N SER H 97 61.97 32.99 -15.66
CA SER H 97 62.07 33.63 -14.36
C SER H 97 60.76 33.42 -13.62
N ALA H 98 60.84 33.33 -12.30
CA ALA H 98 59.64 33.16 -11.48
C ALA H 98 59.73 34.20 -10.37
N ASP H 99 58.63 34.88 -10.06
CA ASP H 99 58.66 35.86 -8.99
C ASP H 99 58.27 35.23 -7.66
N ALA H 100 58.40 36.01 -6.59
CA ALA H 100 58.11 35.56 -5.23
C ALA H 100 56.74 34.95 -5.06
N LYS H 101 55.79 35.40 -5.86
CA LYS H 101 54.43 34.88 -5.76
C LYS H 101 54.41 33.44 -6.26
N ALA H 102 55.10 33.22 -7.36
CA ALA H 102 55.18 31.90 -8.00
C ALA H 102 55.93 30.87 -7.17
N ILE H 103 57.14 31.21 -6.70
CA ILE H 103 57.93 30.28 -5.88
C ILE H 103 57.24 30.16 -4.53
N GLY H 104 56.44 31.19 -4.23
CA GLY H 104 55.69 31.23 -2.98
C GLY H 104 56.39 30.77 -1.72
N ASP H 105 55.88 29.69 -1.15
CA ASP H 105 56.43 29.15 0.08
C ASP H 105 57.54 28.11 -0.10
N ASN H 106 57.98 27.90 -1.34
CA ASN H 106 59.02 26.90 -1.62
C ASN H 106 60.43 27.44 -1.83
N ALA H 107 60.63 28.74 -1.65
CA ALA H 107 61.95 29.31 -1.86
C ALA H 107 63.01 28.65 -0.98
N LYS H 108 62.62 28.21 0.22
CA LYS H 108 63.56 27.60 1.16
C LYS H 108 64.10 26.22 0.83
N TRP H 109 63.52 25.54 -0.16
CA TRP H 109 63.98 24.21 -0.51
C TRP H 109 64.75 24.18 -1.82
N LEU H 110 64.92 25.34 -2.43
CA LEU H 110 65.63 25.42 -3.71
C LEU H 110 67.13 25.52 -3.63
N LEU H 111 67.80 24.51 -4.19
CA LEU H 111 69.26 24.44 -4.23
C LEU H 111 69.78 24.28 -5.66
N ASP H 112 70.62 25.21 -6.08
CA ASP H 112 71.20 25.18 -7.43
C ASP H 112 71.26 23.79 -8.05
N GLN H 113 70.65 23.65 -9.23
CA GLN H 113 70.61 22.38 -9.97
C GLN H 113 69.45 21.45 -9.62
N ALA H 114 68.48 21.93 -8.85
CA ALA H 114 67.36 21.08 -8.49
C ALA H 114 66.30 21.02 -9.60
N GLU H 115 65.92 19.81 -10.00
CA GLU H 115 64.91 19.67 -11.03
C GLU H 115 63.57 20.03 -10.36
N CYS H 116 62.81 20.92 -10.99
CA CYS H 116 61.54 21.35 -10.40
C CYS H 116 60.34 21.28 -11.35
N ILE H 117 59.16 21.09 -10.78
CA ILE H 117 57.91 21.05 -11.54
C ILE H 117 57.29 22.43 -11.52
N VAL H 118 57.54 23.20 -12.57
CA VAL H 118 57.01 24.55 -12.66
C VAL H 118 55.73 24.61 -13.50
N THR H 119 54.64 25.01 -12.86
CA THR H 119 53.37 25.14 -13.55
C THR H 119 53.33 26.53 -14.21
N LEU H 120 53.14 26.55 -15.51
CA LEU H 120 53.11 27.80 -16.26
C LEU H 120 51.71 28.18 -16.77
N TRP H 121 51.32 29.42 -16.52
CA TRP H 121 50.04 29.92 -17.00
C TRP H 121 50.37 30.99 -18.05
N ASN H 122 50.19 30.64 -19.31
CA ASN H 122 50.47 31.55 -20.42
C ASN H 122 51.96 31.85 -20.48
N GLY H 123 52.77 30.79 -20.41
CA GLY H 123 54.21 30.94 -20.48
C GLY H 123 54.95 31.34 -19.21
N GLN H 124 54.26 32.01 -18.30
CA GLN H 124 54.89 32.44 -17.05
C GLN H 124 54.56 31.49 -15.91
N PRO H 125 55.50 31.31 -14.99
CA PRO H 125 55.33 30.43 -13.83
C PRO H 125 54.35 30.99 -12.80
N ILE H 126 53.47 30.13 -12.28
CA ILE H 126 52.51 30.57 -11.29
C ILE H 126 52.64 29.74 -10.02
N SER H 127 53.49 28.72 -10.08
CA SER H 127 53.74 27.87 -8.93
C SER H 127 54.96 27.03 -9.23
N VAL H 128 55.72 26.69 -8.19
CA VAL H 128 56.93 25.90 -8.35
C VAL H 128 56.94 24.79 -7.33
N THR H 129 57.24 23.57 -7.78
CA THR H 129 57.32 22.43 -6.88
C THR H 129 58.74 21.87 -6.94
N PRO H 130 59.42 21.87 -5.79
CA PRO H 130 60.78 21.36 -5.69
C PRO H 130 60.81 19.85 -5.55
N PRO H 131 62.00 19.25 -5.62
CA PRO H 131 62.09 17.79 -5.48
C PRO H 131 61.39 17.39 -4.19
N ASN H 132 60.96 16.13 -4.08
CA ASN H 132 60.29 15.66 -2.87
C ASN H 132 61.25 15.63 -1.70
N PHE H 133 62.48 15.25 -1.97
CA PHE H 133 63.51 15.19 -0.95
C PHE H 133 64.75 15.96 -1.38
N VAL H 134 65.25 16.81 -0.50
CA VAL H 134 66.43 17.60 -0.81
C VAL H 134 67.49 17.45 0.27
N GLU H 135 68.75 17.54 -0.15
CA GLU H 135 69.88 17.42 0.76
C GLU H 135 70.46 18.79 1.04
N LEU H 136 70.31 19.25 2.27
CA LEU H 136 70.82 20.55 2.67
C LEU H 136 71.74 20.46 3.88
N GLU H 137 72.85 21.19 3.83
CA GLU H 137 73.83 21.22 4.91
C GLU H 137 73.37 22.11 6.06
N ILE H 138 73.69 21.72 7.28
CA ILE H 138 73.30 22.53 8.44
C ILE H 138 74.39 23.59 8.69
N VAL H 139 73.97 24.83 8.88
CA VAL H 139 74.91 25.92 9.11
C VAL H 139 74.80 26.55 10.49
N ASP H 140 73.79 26.17 11.25
CA ASP H 140 73.62 26.76 12.57
C ASP H 140 72.62 26.05 13.45
N THR H 141 73.04 25.74 14.68
CA THR H 141 72.18 25.06 15.63
C THR H 141 72.88 24.80 16.96
N ASP H 142 72.10 24.49 17.99
CA ASP H 142 72.62 24.20 19.34
C ASP H 142 72.73 22.67 19.49
N PRO H 143 73.51 22.16 20.46
CA PRO H 143 73.64 20.69 20.60
C PRO H 143 72.49 20.06 21.41
N GLY H 154 62.83 17.35 19.34
CA GLY H 154 64.21 17.63 18.98
C GLY H 154 64.58 19.11 18.99
N LYS H 155 65.63 19.51 18.29
CA LYS H 155 66.05 20.90 18.24
C LYS H 155 66.03 21.51 16.84
N PRO H 156 65.78 22.82 16.75
CA PRO H 156 65.74 23.50 15.46
C PRO H 156 67.14 23.72 14.89
N ALA H 157 67.24 23.67 13.56
CA ALA H 157 68.49 23.85 12.85
C ALA H 157 68.25 24.72 11.61
N THR H 158 69.26 25.49 11.22
CA THR H 158 69.11 26.35 10.04
C THR H 158 69.90 25.76 8.88
N LEU H 159 69.21 25.59 7.75
CA LEU H 159 69.79 25.01 6.53
C LEU H 159 70.46 26.07 5.65
N SER H 160 71.41 25.64 4.82
CA SER H 160 72.14 26.53 3.94
C SER H 160 71.21 27.43 3.14
N THR H 161 69.95 27.03 3.03
CA THR H 161 68.96 27.80 2.28
C THR H 161 68.23 28.77 3.20
N GLY H 162 68.44 28.62 4.51
CA GLY H 162 67.78 29.50 5.44
C GLY H 162 66.57 28.85 6.05
N ALA H 163 66.26 27.64 5.58
CA ALA H 163 65.11 26.90 6.09
C ALA H 163 65.32 26.53 7.55
N VAL H 164 64.24 26.56 8.32
CA VAL H 164 64.29 26.21 9.74
C VAL H 164 63.69 24.83 9.91
N VAL H 165 64.51 23.84 10.27
CA VAL H 165 64.01 22.48 10.44
C VAL H 165 64.36 21.83 11.78
N LYS H 166 63.41 21.14 12.37
CA LYS H 166 63.65 20.43 13.63
C LYS H 166 64.50 19.20 13.33
N VAL H 167 65.41 18.86 14.24
CA VAL H 167 66.28 17.70 14.02
C VAL H 167 66.65 16.99 15.34
N PRO H 168 67.26 15.81 15.23
CA PRO H 168 67.69 15.03 16.39
C PRO H 168 68.89 15.68 17.07
N LEU H 169 68.87 15.74 18.40
CA LEU H 169 69.96 16.34 19.15
C LEU H 169 71.35 15.90 18.71
N PHE H 170 71.46 14.75 18.09
CA PHE H 170 72.78 14.26 17.67
C PHE H 170 73.30 14.78 16.33
N VAL H 171 72.50 15.63 15.66
CA VAL H 171 72.93 16.17 14.38
C VAL H 171 73.52 17.54 14.64
N GLN H 172 74.76 17.73 14.20
CA GLN H 172 75.42 19.00 14.42
C GLN H 172 75.78 19.74 13.15
N ILE H 173 76.07 21.03 13.30
CA ILE H 173 76.46 21.87 12.19
C ILE H 173 77.47 21.15 11.30
N GLY H 174 77.42 21.43 9.99
CA GLY H 174 78.35 20.80 9.08
C GLY H 174 77.83 19.55 8.38
N GLU H 175 76.90 18.85 9.05
CA GLU H 175 76.31 17.65 8.49
C GLU H 175 75.27 17.94 7.43
N VAL H 176 75.10 17.00 6.50
CA VAL H 176 74.12 17.14 5.45
C VAL H 176 72.93 16.28 5.85
N ILE H 177 71.72 16.82 5.71
CA ILE H 177 70.53 16.06 6.05
C ILE H 177 69.57 16.03 4.87
N LYS H 178 68.54 15.22 4.98
CA LYS H 178 67.54 15.09 3.93
C LYS H 178 66.18 15.43 4.49
N VAL H 179 65.46 16.31 3.81
CA VAL H 179 64.14 16.67 4.29
C VAL H 179 63.10 16.43 3.22
N ASP H 180 61.88 16.14 3.66
CA ASP H 180 60.75 15.93 2.76
C ASP H 180 60.15 17.32 2.58
N THR H 181 60.43 17.95 1.44
CA THR H 181 59.90 19.28 1.17
C THR H 181 58.38 19.36 1.27
N ARG H 182 57.73 18.21 1.16
CA ARG H 182 56.28 18.17 1.23
C ARG H 182 55.80 18.49 2.64
N SER H 183 56.50 17.96 3.64
CA SER H 183 56.14 18.19 5.03
C SER H 183 57.18 19.05 5.74
N GLY H 184 58.27 19.33 5.04
CA GLY H 184 59.35 20.13 5.61
C GLY H 184 59.97 19.51 6.85
N GLU H 185 59.99 18.19 6.91
CA GLU H 185 60.54 17.48 8.04
C GLU H 185 61.84 16.73 7.78
N TYR H 186 62.58 16.52 8.86
CA TYR H 186 63.86 15.80 8.82
C TYR H 186 63.58 14.35 8.48
N VAL H 187 64.36 13.79 7.57
CA VAL H 187 64.19 12.41 7.16
C VAL H 187 65.34 11.53 7.64
N SER H 188 66.57 12.02 7.46
CA SER H 188 67.76 11.28 7.87
C SER H 188 69.04 12.07 7.60
N ARG H 189 70.17 11.38 7.62
CA ARG H 189 71.46 12.02 7.37
C ARG H 189 72.08 11.49 6.08
N VAL H 190 72.99 12.27 5.50
CA VAL H 190 73.65 11.90 4.26
C VAL H 190 75.18 11.90 4.41
NZ KAA I . -12.71 -23.90 13.02
CE KAA I . -14.04 -23.80 13.63
CD KAA I . -15.12 -23.77 12.54
CG KAA I . -14.93 -22.62 11.56
CB KAA I . -16.23 -22.32 10.81
CA KAA I . -16.08 -21.17 9.81
N KAA I . -15.28 -20.08 10.41
C KAA I . -17.46 -20.63 9.44
O KAA I . -17.66 -19.41 9.43
N8 KAA I . -18.42 -21.50 9.17
S1 KAA I . -19.82 -20.77 8.76
O1S KAA I . -19.57 -19.79 7.65
O2S KAA I . -20.78 -21.81 8.30
O5' KAA I . -20.38 -20.05 9.88
C5' KAA I . -20.86 -20.77 11.02
C4' KAA I . -22.30 -20.37 11.36
O4' KAA I . -22.47 -18.96 11.59
C3' KAA I . -23.20 -20.63 10.16
O3' KAA I . -23.49 -22.03 10.09
C2' KAA I . -24.45 -19.87 10.64
O2' KAA I . -25.13 -20.64 11.61
C1' KAA I . -23.84 -18.64 11.30
N9 KAA I . -23.80 -17.50 10.36
C8 KAA I . -22.92 -17.31 9.39
N7 KAA I . -23.15 -16.13 8.80
C5 KAA I . -24.19 -15.57 9.40
C4 KAA I . -24.63 -16.44 10.39
N3 KAA I . -25.68 -16.11 11.15
C2 KAA I . -26.30 -14.96 10.96
N1 KAA I . -25.92 -14.10 10.03
C6 KAA I . -24.87 -14.37 9.24
N6 KAA I . -24.42 -13.47 8.37
NZ KAA J . -26.88 6.55 30.04
CE KAA J . -26.10 6.52 31.29
CD KAA J . -24.65 6.12 31.00
CG KAA J . -23.93 7.12 30.09
CB KAA J . -22.46 6.76 29.95
CA KAA J . -21.68 7.76 29.10
N KAA J . -22.15 7.72 27.71
C KAA J . -20.19 7.42 29.15
O KAA J . -19.65 6.91 28.17
N8 KAA J . -19.53 7.68 30.27
S1 KAA J . -17.94 7.32 30.13
O1S KAA J . -17.38 8.05 28.95
O2S KAA J . -17.22 7.73 31.37
O5' KAA J . -17.79 5.91 29.94
C5' KAA J . -18.14 4.99 30.99
C4' KAA J . -16.96 4.10 31.37
O4' KAA J . -16.50 3.31 30.27
C3' KAA J . -15.72 4.89 31.78
O3' KAA J . -15.88 5.36 33.13
C2' KAA J . -14.71 3.74 31.78
O2' KAA J . -14.88 2.91 32.93
C1' KAA J . -15.12 2.97 30.52
N9 KAA J . -14.34 3.42 29.35
C8 KAA J . -14.59 4.49 28.61
N7 KAA J . -13.72 4.55 27.60
C5 KAA J . -12.92 3.49 27.69
C4 KAA J . -13.31 2.78 28.82
N3 KAA J . -12.66 1.65 29.14
C2 KAA J . -11.66 1.21 28.39
N1 KAA J . -11.28 1.86 27.31
C6 KAA J . -11.87 3.00 26.93
N6 KAA J . -11.48 3.63 25.83
NZ KAA K . 15.75 -15.79 -28.67
CE KAA K . 14.56 -16.64 -28.63
CD KAA K . 13.31 -15.78 -28.83
CG KAA K . 13.34 -15.08 -30.19
CB KAA K . 12.04 -14.30 -30.41
CA KAA K . 12.00 -13.59 -31.76
N KAA K . 13.05 -12.56 -31.79
C KAA K . 10.63 -12.94 -31.92
O KAA K . 10.52 -11.72 -31.80
N8 KAA K . 9.60 -13.74 -32.15
S1 KAA K . 8.25 -12.89 -32.47
O1S KAA K . 8.56 -11.81 -33.45
O2S KAA K . 7.23 -13.81 -33.05
O5' KAA K . 7.74 -12.28 -31.28
C5' KAA K . 7.33 -13.07 -30.15
C4' KAA K . 5.89 -12.77 -29.75
O4' KAA K . 5.67 -11.38 -29.47
C3' KAA K . 4.92 -13.05 -30.90
O3' KAA K . 4.66 -14.46 -30.95
C2' KAA K . 3.68 -12.35 -30.34
O2' KAA K . 3.09 -13.18 -29.33
C1' KAA K . 4.27 -11.10 -29.69
N9 KAA K . 4.20 -9.94 -30.60
C8 KAA K . 5.02 -9.71 -31.62
N7 KAA K . 4.75 -8.52 -32.15
C5 KAA K . 3.74 -7.98 -31.46
C4 KAA K . 3.38 -8.90 -30.48
N3 KAA K . 2.37 -8.62 -29.66
C2 KAA K . 1.72 -7.47 -29.75
N1 KAA K . 2.04 -6.57 -30.66
C6 KAA K . 3.05 -6.78 -31.52
N6 KAA K . 3.41 -5.86 -32.41
NZ KAA L . 1.78 12.97 -9.57
CE KAA L . 2.53 13.24 -8.34
CD KAA L . 4.02 12.95 -8.55
CG KAA L . 4.59 13.79 -9.70
CB KAA L . 6.09 13.55 -9.86
CA KAA L . 6.67 14.41 -10.98
N KAA L . 6.06 14.03 -12.26
C KAA L . 8.19 14.23 -11.05
O KAA L . 8.72 13.98 -12.13
N8 KAA L . 8.88 14.36 -9.93
S1 KAA L . 10.46 14.02 -10.18
O1S KAA L . 10.99 14.90 -11.27
O2S KAA L . 11.23 14.29 -8.92
O5' KAA L . 10.59 12.65 -10.54
C5' KAA L . 10.42 11.65 -9.52
C4' KAA L . 11.74 10.92 -9.23
O4' KAA L . 12.20 10.14 -10.34
C3' KAA L . 12.91 11.84 -8.95
O3' KAA L . 12.78 12.42 -7.64
C2' KAA L . 14.00 10.77 -8.94
O2' KAA L . 13.87 9.92 -7.79
C1' KAA L . 13.62 9.97 -10.18
N9 KAA L . 14.25 10.56 -11.38
C8 KAA L . 13.89 11.68 -12.00
N7 KAA L . 14.64 11.86 -13.09
C5 KAA L . 15.50 10.84 -13.15
C4 KAA L . 15.26 10.02 -12.06
N3 KAA L . 15.99 8.91 -11.89
C2 KAA L . 16.95 8.60 -12.76
N1 KAA L . 17.19 9.35 -13.81
C6 KAA L . 16.50 10.47 -14.05
N6 KAA L . 16.72 11.20 -15.14
#